data_7CQN
#
_entry.id   7CQN
#
_cell.length_a   110.917
_cell.length_b   176.701
_cell.length_c   191.833
_cell.angle_alpha   90.000
_cell.angle_beta   90.000
_cell.angle_gamma   90.000
#
_symmetry.space_group_name_H-M   'I 2 2 2'
#
loop_
_entity.id
_entity.type
_entity.pdbx_description
1 polymer 'Type III glutamate--ammonia ligase'
2 non-polymer 'PHOSPHOMETHYLPHOSPHONIC ACID ADENYLATE ESTER'
3 water water
#
_entity_poly.entity_id   1
_entity_poly.type   'polypeptide(L)'
_entity_poly.pdbx_seq_one_letter_code
;MGSSHHHHHHSSGLVPRGSHMTDLASIAREKGIEFFLISFTDLLGVQRAKLVPARAIADMAVNGAGFAGFAAWLDMSPAD
ADILAIPDPESLIQLPWKPSVGWLAADVHFEGRPFPKAPRVALKSVLARAAGKDMHLKHGVECEFFLIQPDGSAISDPAD
TQAKPCYDQDALMRRFDVIAEICSYMVDLGWGPYQNDHEDANGQFEMNWDYADALVTADRHAFFKFMVKSVAERHGLRAT
FMPKPFAHLTGNGCHTHLSMWTAAGDNLFEGDGELGLSPTAYAFLGGLIGHAKGLTAVVNPTVNSYKRLNAPVTVSGATW
SPNTITYGGNNRTHMVRIPDAGRLELRLPDGAANPYLMPAAILAAGLDGIETQADPGQRLDIDMYVEGHSVEAEQLPLNL
LDAVRALEADEVLAGGLGAAAAAFAKFKRAEWADYKSQLTEWERRTTLDC
;
_entity_poly.pdbx_strand_id   A,B,C
#
loop_
_chem_comp.id
_chem_comp.type
_chem_comp.name
_chem_comp.formula
ACP non-polymer 'PHOSPHOMETHYLPHOSPHONIC ACID ADENYLATE ESTER' 'C11 H18 N5 O12 P3'
#
# COMPACT_ATOMS: atom_id res chain seq x y z
N THR A 22 23.18 -21.22 31.85
CA THR A 22 21.72 -21.15 31.91
C THR A 22 21.07 -21.92 30.75
N ASP A 23 20.34 -22.97 31.08
CA ASP A 23 19.71 -23.82 30.08
C ASP A 23 18.24 -23.45 29.92
N LEU A 24 17.94 -22.59 28.96
CA LEU A 24 16.57 -22.09 28.79
C LEU A 24 15.57 -23.23 28.57
N ALA A 25 15.94 -24.20 27.75
CA ALA A 25 15.06 -25.34 27.51
C ALA A 25 14.74 -26.12 28.81
N SER A 26 15.71 -26.27 29.70
CA SER A 26 15.47 -26.96 30.97
C SER A 26 14.63 -26.08 31.90
N ILE A 27 14.91 -24.79 31.89
CA ILE A 27 14.13 -23.85 32.70
C ILE A 27 12.67 -23.86 32.25
N ALA A 28 12.46 -23.87 30.94
CA ALA A 28 11.10 -23.92 30.40
C ALA A 28 10.31 -25.09 30.97
N ARG A 29 10.92 -26.29 30.98
CA ARG A 29 10.28 -27.48 31.53
C ARG A 29 10.04 -27.34 33.03
N GLU A 30 11.05 -26.86 33.75
CA GLU A 30 10.96 -26.71 35.19
C GLU A 30 9.90 -25.70 35.61
N LYS A 31 9.84 -24.58 34.90
CA LYS A 31 9.04 -23.44 35.33
C LYS A 31 7.67 -23.37 34.66
N GLY A 32 7.41 -24.27 33.72
CA GLY A 32 6.15 -24.24 33.00
C GLY A 32 6.06 -23.10 32.00
N ILE A 33 7.19 -22.78 31.37
CA ILE A 33 7.21 -21.76 30.33
C ILE A 33 6.93 -22.39 28.97
N GLU A 34 5.80 -22.00 28.36
CA GLU A 34 5.40 -22.58 27.09
C GLU A 34 5.85 -21.76 25.88
N PHE A 35 6.07 -20.46 26.09
CA PHE A 35 6.51 -19.57 25.02
C PHE A 35 7.47 -18.55 25.59
N PHE A 36 8.41 -18.14 24.76
CA PHE A 36 9.34 -17.08 25.09
C PHE A 36 9.13 -15.89 24.14
N LEU A 37 9.19 -14.68 24.70
CA LEU A 37 9.30 -13.47 23.89
C LEU A 37 10.76 -13.09 23.79
N ILE A 38 11.35 -13.26 22.61
CA ILE A 38 12.71 -12.78 22.37
C ILE A 38 12.55 -11.35 21.89
N SER A 39 13.05 -10.40 22.68
CA SER A 39 12.70 -9.00 22.52
C SER A 39 13.95 -8.13 22.41
N PHE A 40 13.86 -7.07 21.62
CA PHE A 40 14.91 -6.06 21.55
C PHE A 40 14.27 -4.68 21.42
N THR A 41 15.02 -3.67 21.80
CA THR A 41 14.54 -2.29 21.79
C THR A 41 15.17 -1.60 20.60
N ASP A 42 14.35 -0.96 19.75
CA ASP A 42 14.91 -0.22 18.63
C ASP A 42 15.20 1.25 18.98
N LEU A 43 15.66 2.03 17.99
CA LEU A 43 16.12 3.39 18.24
C LEU A 43 15.02 4.35 18.73
N LEU A 44 13.77 4.00 18.47
CA LEU A 44 12.67 4.83 18.98
C LEU A 44 12.12 4.28 20.29
N GLY A 45 12.75 3.23 20.81
CA GLY A 45 12.35 2.68 22.09
C GLY A 45 11.29 1.60 21.97
N VAL A 46 10.87 1.33 20.75
CA VAL A 46 9.84 0.32 20.52
C VAL A 46 10.33 -1.07 20.87
N GLN A 47 9.50 -1.80 21.61
CA GLN A 47 9.77 -3.16 21.99
C GLN A 47 9.36 -4.07 20.84
N ARG A 48 10.37 -4.71 20.24
CA ARG A 48 10.15 -5.62 19.14
C ARG A 48 10.35 -7.02 19.68
N ALA A 49 9.44 -7.93 19.34
CA ALA A 49 9.54 -9.26 19.92
C ALA A 49 8.97 -10.32 19.00
N LYS A 50 9.40 -11.55 19.23
CA LYS A 50 8.94 -12.72 18.49
C LYS A 50 8.54 -13.72 19.54
N LEU A 51 7.40 -14.39 19.32
CA LEU A 51 6.90 -15.39 20.25
C LEU A 51 7.30 -16.78 19.76
N VAL A 52 8.21 -17.40 20.48
CA VAL A 52 8.70 -18.72 20.09
C VAL A 52 8.22 -19.78 21.08
N PRO A 53 7.67 -20.88 20.56
CA PRO A 53 7.27 -21.99 21.43
C PRO A 53 8.51 -22.61 22.13
N ALA A 54 8.32 -23.19 23.29
CA ALA A 54 9.44 -23.71 24.08
C ALA A 54 10.29 -24.71 23.29
N ARG A 55 9.64 -25.51 22.44
CA ARG A 55 10.36 -26.50 21.63
C ARG A 55 11.48 -25.89 20.77
N ALA A 56 11.43 -24.58 20.54
CA ALA A 56 12.36 -23.95 19.63
C ALA A 56 13.39 -23.04 20.32
N ILE A 57 13.35 -22.96 21.65
CA ILE A 57 14.12 -21.95 22.36
C ILE A 57 15.63 -22.20 22.37
N ALA A 58 16.05 -23.48 22.37
CA ALA A 58 17.48 -23.80 22.37
C ALA A 58 18.16 -23.31 21.11
N ASP A 59 17.50 -23.50 19.97
CA ASP A 59 17.99 -23.00 18.71
C ASP A 59 18.10 -21.46 18.71
N MET A 60 17.09 -20.78 19.25
CA MET A 60 17.09 -19.32 19.35
C MET A 60 18.20 -18.82 20.27
N ALA A 61 18.38 -19.49 21.40
CA ALA A 61 19.37 -19.07 22.40
C ALA A 61 20.78 -19.06 21.82
N VAL A 62 21.11 -20.10 21.05
CA VAL A 62 22.43 -20.19 20.45
C VAL A 62 22.58 -19.29 19.24
N ASN A 63 21.65 -19.42 18.30
CA ASN A 63 21.78 -18.81 17.00
C ASN A 63 21.16 -17.41 16.89
N GLY A 64 20.26 -17.08 17.80
CA GLY A 64 19.55 -15.81 17.73
C GLY A 64 18.24 -15.98 16.99
N ALA A 65 17.35 -15.02 17.18
CA ALA A 65 16.04 -15.01 16.51
C ALA A 65 16.13 -14.06 15.34
N GLY A 66 15.70 -14.49 14.16
CA GLY A 66 15.83 -13.67 12.97
C GLY A 66 14.75 -12.61 12.81
N PHE A 67 15.15 -11.38 12.48
CA PHE A 67 14.22 -10.28 12.23
C PHE A 67 14.68 -9.51 10.99
N ALA A 68 13.76 -9.04 10.16
CA ALA A 68 14.13 -8.12 9.07
C ALA A 68 14.30 -6.73 9.66
N GLY A 69 15.54 -6.29 9.80
CA GLY A 69 15.85 -5.08 10.52
C GLY A 69 15.24 -3.78 10.02
N PHE A 70 15.05 -3.67 8.71
CA PHE A 70 14.45 -2.46 8.13
C PHE A 70 13.04 -2.21 8.66
N ALA A 71 12.38 -3.28 9.11
CA ALA A 71 11.00 -3.21 9.57
C ALA A 71 10.90 -2.63 10.98
N ALA A 72 12.04 -2.49 11.64
CA ALA A 72 12.10 -1.80 12.92
C ALA A 72 12.89 -0.50 12.76
N TRP A 73 12.95 0.32 13.82
CA TRP A 73 13.74 1.55 13.77
C TRP A 73 15.23 1.28 14.02
N LEU A 74 15.89 0.75 12.99
CA LEU A 74 17.30 0.38 13.07
C LEU A 74 18.11 1.01 11.95
N ASP A 75 17.45 1.71 11.04
CA ASP A 75 18.11 2.37 9.91
C ASP A 75 18.85 1.37 9.00
N MET A 76 18.15 0.33 8.58
CA MET A 76 18.74 -0.65 7.67
C MET A 76 18.07 -0.61 6.29
N SER A 77 18.20 -1.68 5.54
CA SER A 77 17.60 -1.77 4.21
C SER A 77 16.84 -3.08 4.07
N PRO A 78 15.74 -3.07 3.32
CA PRO A 78 15.02 -4.32 3.03
C PRO A 78 15.87 -5.31 2.21
N ALA A 79 16.99 -4.83 1.66
CA ALA A 79 17.92 -5.70 0.94
C ALA A 79 18.96 -6.37 1.86
N ASP A 80 19.05 -5.92 3.11
CA ASP A 80 19.99 -6.49 4.06
C ASP A 80 19.61 -7.90 4.51
N ALA A 81 20.62 -8.72 4.82
CA ALA A 81 20.37 -9.97 5.51
C ALA A 81 19.71 -9.68 6.86
N ASP A 82 18.98 -10.66 7.39
CA ASP A 82 18.30 -10.54 8.66
C ASP A 82 19.26 -10.23 9.80
N ILE A 83 18.83 -9.43 10.75
CA ILE A 83 19.59 -9.32 11.99
C ILE A 83 19.23 -10.56 12.80
N LEU A 84 20.11 -10.95 13.70
CA LEU A 84 19.80 -12.06 14.60
C LEU A 84 19.85 -11.51 16.01
N ALA A 85 18.72 -11.59 16.70
CA ALA A 85 18.60 -11.08 18.06
C ALA A 85 18.97 -12.19 19.02
N ILE A 86 20.11 -12.03 19.71
CA ILE A 86 20.59 -13.09 20.60
C ILE A 86 20.21 -12.80 22.04
N PRO A 87 19.39 -13.69 22.62
CA PRO A 87 18.83 -13.37 23.94
C PRO A 87 19.84 -13.53 25.06
N ASP A 88 19.76 -12.63 26.04
CA ASP A 88 20.58 -12.70 27.23
C ASP A 88 19.82 -13.53 28.25
N PRO A 89 20.30 -14.75 28.52
CA PRO A 89 19.52 -15.69 29.33
C PRO A 89 19.38 -15.20 30.77
N GLU A 90 20.31 -14.38 31.25
CA GLU A 90 20.23 -13.81 32.59
C GLU A 90 19.12 -12.75 32.71
N SER A 91 18.55 -12.34 31.57
CA SER A 91 17.51 -11.30 31.59
C SER A 91 16.11 -11.89 31.76
N LEU A 92 16.02 -13.21 31.74
CA LEU A 92 14.73 -13.89 31.73
C LEU A 92 13.77 -13.42 32.80
N ILE A 93 12.56 -13.06 32.40
CA ILE A 93 11.48 -12.74 33.32
C ILE A 93 10.25 -13.51 32.89
N GLN A 94 9.73 -14.35 33.77
CA GLN A 94 8.41 -14.96 33.53
C GLN A 94 7.36 -13.89 33.80
N LEU A 95 6.56 -13.57 32.78
CA LEU A 95 5.58 -12.50 32.97
C LEU A 95 4.77 -12.79 34.22
N PRO A 96 4.83 -11.87 35.21
CA PRO A 96 4.16 -12.12 36.48
C PRO A 96 2.65 -12.24 36.32
N TRP A 97 2.07 -11.59 35.31
CA TRP A 97 0.64 -11.71 35.06
C TRP A 97 0.29 -12.86 34.11
N LYS A 98 1.31 -13.53 33.59
CA LYS A 98 1.14 -14.67 32.65
C LYS A 98 2.41 -15.51 32.65
N PRO A 99 2.62 -16.30 33.71
CA PRO A 99 3.91 -16.97 33.94
C PRO A 99 4.35 -17.98 32.87
N SER A 100 3.42 -18.45 32.04
CA SER A 100 3.77 -19.40 30.99
C SER A 100 4.51 -18.75 29.82
N VAL A 101 4.70 -17.44 29.89
CA VAL A 101 5.45 -16.72 28.86
C VAL A 101 6.71 -16.11 29.49
N GLY A 102 7.85 -16.36 28.87
CA GLY A 102 9.11 -15.87 29.41
C GLY A 102 9.74 -14.82 28.52
N TRP A 103 9.93 -13.62 29.07
CA TRP A 103 10.51 -12.50 28.35
C TRP A 103 12.04 -12.50 28.41
N LEU A 104 12.68 -12.29 27.26
CA LEU A 104 14.14 -12.15 27.20
C LEU A 104 14.55 -10.88 26.46
N ALA A 105 15.48 -10.11 27.04
CA ALA A 105 16.12 -9.01 26.32
C ALA A 105 17.25 -9.55 25.43
N ALA A 106 17.46 -8.95 24.27
CA ALA A 106 18.45 -9.48 23.32
C ALA A 106 19.35 -8.42 22.68
N ASP A 107 20.56 -8.83 22.31
CA ASP A 107 21.47 -8.01 21.54
C ASP A 107 21.25 -8.30 20.06
N VAL A 108 21.01 -7.25 19.29
CA VAL A 108 20.88 -7.39 17.86
C VAL A 108 22.28 -7.60 17.25
N HIS A 109 22.45 -8.73 16.56
CA HIS A 109 23.68 -8.99 15.78
C HIS A 109 23.39 -8.87 14.29
N PHE A 110 24.39 -8.40 13.53
CA PHE A 110 24.29 -8.30 12.08
C PHE A 110 25.63 -8.70 11.47
N GLU A 111 25.61 -9.63 10.52
CA GLU A 111 26.83 -10.13 9.88
C GLU A 111 27.85 -10.67 10.88
N GLY A 112 27.39 -11.41 11.87
CA GLY A 112 28.29 -12.06 12.80
C GLY A 112 28.85 -11.22 13.95
N ARG A 113 28.43 -9.96 14.05
CA ARG A 113 28.89 -9.07 15.13
C ARG A 113 27.71 -8.32 15.75
N PRO A 114 27.87 -7.84 17.00
CA PRO A 114 26.84 -6.96 17.54
C PRO A 114 26.64 -5.76 16.61
N PHE A 115 25.40 -5.34 16.42
CA PHE A 115 25.05 -4.28 15.49
C PHE A 115 25.06 -2.95 16.24
N PRO A 116 26.02 -2.08 15.91
CA PRO A 116 26.20 -0.85 16.68
C PRO A 116 25.03 0.13 16.64
N LYS A 117 24.09 -0.03 15.70
CA LYS A 117 22.91 0.85 15.69
C LYS A 117 21.87 0.43 16.74
N ALA A 118 22.01 -0.77 17.30
CA ALA A 118 21.05 -1.24 18.30
C ALA A 118 21.34 -0.63 19.67
N PRO A 119 20.33 -0.02 20.31
CA PRO A 119 20.55 0.65 21.60
C PRO A 119 21.25 -0.19 22.66
N ARG A 120 20.79 -1.40 22.94
CA ARG A 120 21.40 -2.23 23.99
C ARG A 120 22.88 -2.51 23.67
N VAL A 121 23.17 -2.73 22.39
CA VAL A 121 24.55 -2.98 21.98
C VAL A 121 25.39 -1.73 22.18
N ALA A 122 24.80 -0.56 21.90
CA ALA A 122 25.50 0.71 22.08
C ALA A 122 25.83 0.96 23.55
N LEU A 123 24.85 0.77 24.43
CA LEU A 123 25.09 0.87 25.87
C LEU A 123 26.20 -0.06 26.32
N LYS A 124 26.15 -1.32 25.89
CA LYS A 124 27.18 -2.26 26.32
C LYS A 124 28.58 -1.84 25.85
N SER A 125 28.66 -1.20 24.70
CA SER A 125 29.95 -0.69 24.23
C SER A 125 30.50 0.38 25.16
N VAL A 126 29.68 1.36 25.54
CA VAL A 126 30.13 2.42 26.44
C VAL A 126 30.45 1.85 27.82
N LEU A 127 29.59 0.97 28.32
CA LEU A 127 29.84 0.28 29.58
C LEU A 127 31.20 -0.41 29.58
N ALA A 128 31.55 -1.07 28.48
CA ALA A 128 32.83 -1.78 28.40
C ALA A 128 34.04 -0.85 28.49
N ARG A 129 33.95 0.32 27.87
CA ARG A 129 35.03 1.31 27.93
C ARG A 129 35.19 1.88 29.34
N ALA A 130 34.08 2.14 30.02
CA ALA A 130 34.13 2.58 31.41
C ALA A 130 34.67 1.47 32.31
N ALA A 131 34.16 0.26 32.13
CA ALA A 131 34.62 -0.90 32.89
C ALA A 131 36.13 -1.07 32.74
N GLY A 132 36.64 -0.72 31.57
CA GLY A 132 38.05 -0.87 31.28
C GLY A 132 38.88 0.01 32.18
N LYS A 133 38.26 1.08 32.68
CA LYS A 133 38.94 2.00 33.57
C LYS A 133 38.45 1.81 35.00
N ASP A 134 37.87 0.64 35.26
CA ASP A 134 37.33 0.32 36.59
C ASP A 134 36.30 1.35 37.08
N MET A 135 35.47 1.82 36.16
CA MET A 135 34.35 2.68 36.53
C MET A 135 33.05 2.04 36.07
N HIS A 136 32.20 1.69 37.01
CA HIS A 136 30.98 0.95 36.70
C HIS A 136 29.74 1.77 36.98
N LEU A 137 29.02 2.14 35.92
CA LEU A 137 27.82 2.92 36.08
C LEU A 137 26.71 2.14 36.78
N LYS A 138 26.13 2.75 37.82
CA LYS A 138 24.90 2.24 38.38
C LYS A 138 23.86 3.34 38.34
N HIS A 139 22.64 2.98 37.95
CA HIS A 139 21.61 3.99 37.93
C HIS A 139 20.25 3.45 38.34
N GLY A 140 19.39 4.37 38.76
CA GLY A 140 18.00 4.08 39.03
C GLY A 140 17.16 5.08 38.25
N VAL A 141 15.92 4.70 37.95
CA VAL A 141 15.04 5.54 37.15
C VAL A 141 13.69 5.75 37.84
N GLU A 142 13.19 6.98 37.75
CA GLU A 142 11.88 7.31 38.26
C GLU A 142 10.97 7.50 37.05
N CYS A 143 10.25 6.44 36.69
CA CYS A 143 9.49 6.43 35.46
C CYS A 143 8.06 6.88 35.70
N GLU A 144 7.84 8.19 35.64
CA GLU A 144 6.49 8.71 35.78
C GLU A 144 5.59 8.27 34.62
N PHE A 145 4.33 7.98 34.93
CA PHE A 145 3.35 7.65 33.90
C PHE A 145 1.96 8.16 34.29
N PHE A 146 1.10 8.35 33.31
CA PHE A 146 -0.30 8.66 33.55
C PHE A 146 -1.12 7.42 33.33
N LEU A 147 -2.18 7.25 34.12
CA LEU A 147 -3.22 6.29 33.81
C LEU A 147 -4.37 7.02 33.12
N ILE A 148 -4.69 6.62 31.90
CA ILE A 148 -5.68 7.33 31.08
C ILE A 148 -6.75 6.36 30.57
N GLN A 149 -7.80 6.92 29.97
CA GLN A 149 -8.84 6.14 29.34
C GLN A 149 -8.23 5.40 28.15
N PRO A 150 -8.74 4.20 27.83
CA PRO A 150 -8.25 3.46 26.66
C PRO A 150 -8.20 4.31 25.38
N ASP A 151 -9.16 5.20 25.17
CA ASP A 151 -9.09 6.05 23.96
C ASP A 151 -8.07 7.19 24.08
N GLY A 152 -7.47 7.35 25.25
CA GLY A 152 -6.38 8.28 25.43
C GLY A 152 -6.75 9.76 25.58
N SER A 153 -8.04 10.05 25.64
CA SER A 153 -8.51 11.43 25.59
C SER A 153 -8.48 12.15 26.94
N ALA A 154 -8.46 11.38 28.03
CA ALA A 154 -8.53 11.98 29.37
C ALA A 154 -7.96 10.99 30.36
N ILE A 155 -7.66 11.45 31.57
CA ILE A 155 -7.15 10.54 32.60
C ILE A 155 -8.22 9.54 33.01
N SER A 156 -7.79 8.46 33.66
CA SER A 156 -8.67 7.34 33.93
C SER A 156 -9.62 7.64 35.07
N ASP A 157 -9.27 8.64 35.90
CA ASP A 157 -10.06 8.96 37.11
C ASP A 157 -10.67 10.36 37.04
N PRO A 158 -11.96 10.46 36.70
CA PRO A 158 -12.59 11.77 36.55
C PRO A 158 -12.76 12.51 37.88
N ALA A 159 -12.55 11.84 39.01
CA ALA A 159 -12.67 12.48 40.33
C ALA A 159 -11.34 13.09 40.79
N ASP A 160 -10.31 13.00 39.96
CA ASP A 160 -8.97 13.51 40.30
C ASP A 160 -8.83 14.84 39.57
N THR A 161 -9.26 15.94 40.20
CA THR A 161 -9.40 17.22 39.50
C THR A 161 -8.73 18.42 40.16
N GLN A 162 -8.35 18.30 41.43
CA GLN A 162 -7.82 19.45 42.18
C GLN A 162 -6.54 20.06 41.61
N ALA A 163 -6.32 21.34 41.88
CA ALA A 163 -5.18 22.10 41.35
C ALA A 163 -3.81 21.53 41.78
N LYS A 164 -3.69 21.16 43.05
CA LYS A 164 -2.48 20.49 43.57
C LYS A 164 -2.83 19.07 44.01
N PRO A 165 -2.77 18.11 43.07
CA PRO A 165 -3.13 16.72 43.36
C PRO A 165 -1.94 15.85 43.78
N CYS A 166 -0.76 16.42 43.94
CA CYS A 166 0.40 15.57 44.25
C CYS A 166 0.20 14.80 45.56
N TYR A 167 0.53 13.52 45.54
CA TYR A 167 0.39 12.67 46.71
C TYR A 167 -1.05 12.61 47.23
N ASP A 168 -2.05 12.86 46.38
CA ASP A 168 -3.43 12.86 46.87
C ASP A 168 -3.81 11.46 47.38
N GLN A 169 -4.13 11.35 48.65
CA GLN A 169 -4.46 10.07 49.27
C GLN A 169 -5.68 9.42 48.60
N ASP A 170 -6.73 10.21 48.40
CA ASP A 170 -7.95 9.69 47.76
C ASP A 170 -7.65 9.07 46.38
N ALA A 171 -7.02 9.84 45.49
CA ALA A 171 -6.84 9.37 44.12
C ALA A 171 -5.83 8.21 44.04
N LEU A 172 -4.84 8.26 44.92
CA LEU A 172 -3.86 7.19 45.03
C LEU A 172 -4.58 5.88 45.36
N MET A 173 -5.39 5.89 46.42
CA MET A 173 -6.09 4.67 46.82
C MET A 173 -7.12 4.26 45.79
N ARG A 174 -7.63 5.20 44.99
CA ARG A 174 -8.62 4.83 43.97
C ARG A 174 -7.98 3.93 42.91
N ARG A 175 -6.66 4.01 42.78
CA ARG A 175 -5.93 3.12 41.85
C ARG A 175 -5.05 2.11 42.59
N PHE A 176 -5.47 1.78 43.81
CA PHE A 176 -4.71 0.85 44.62
C PHE A 176 -4.55 -0.51 43.96
N ASP A 177 -5.62 -1.05 43.39
CA ASP A 177 -5.54 -2.39 42.81
C ASP A 177 -4.45 -2.52 41.75
N VAL A 178 -4.39 -1.57 40.83
CA VAL A 178 -3.41 -1.68 39.75
C VAL A 178 -1.99 -1.39 40.28
N ILE A 179 -1.85 -0.34 41.09
CA ILE A 179 -0.56 0.01 41.67
C ILE A 179 -0.01 -1.12 42.54
N ALA A 180 -0.83 -1.65 43.43
CA ALA A 180 -0.41 -2.72 44.34
C ALA A 180 -0.02 -3.98 43.59
N GLU A 181 -0.78 -4.30 42.54
CA GLU A 181 -0.47 -5.49 41.73
C GLU A 181 0.93 -5.41 41.13
N ILE A 182 1.22 -4.28 40.49
CA ILE A 182 2.53 -4.08 39.88
C ILE A 182 3.65 -4.00 40.92
N CYS A 183 3.38 -3.31 42.02
CA CYS A 183 4.40 -3.20 43.07
C CYS A 183 4.76 -4.60 43.59
N SER A 184 3.73 -5.40 43.88
CA SER A 184 3.96 -6.78 44.31
C SER A 184 4.74 -7.64 43.30
N TYR A 185 4.49 -7.44 42.00
CA TYR A 185 5.27 -8.14 40.98
C TYR A 185 6.75 -7.78 41.11
N MET A 186 7.02 -6.49 41.34
CA MET A 186 8.39 -6.02 41.48
C MET A 186 9.08 -6.56 42.73
N VAL A 187 8.31 -6.72 43.81
CA VAL A 187 8.83 -7.45 44.97
C VAL A 187 9.29 -8.83 44.53
N ASP A 188 8.37 -9.58 43.91
CA ASP A 188 8.65 -10.95 43.47
C ASP A 188 9.83 -11.07 42.52
N LEU A 189 10.01 -10.08 41.63
CA LEU A 189 11.11 -10.09 40.68
C LEU A 189 12.47 -9.77 41.32
N GLY A 190 12.45 -9.32 42.57
CA GLY A 190 13.68 -8.96 43.25
C GLY A 190 14.18 -7.54 42.95
N TRP A 191 13.31 -6.67 42.45
CA TRP A 191 13.74 -5.30 42.12
C TRP A 191 13.84 -4.36 43.34
N GLY A 192 13.29 -4.79 44.47
CA GLY A 192 13.28 -3.95 45.67
C GLY A 192 12.50 -2.65 45.53
N PRO A 193 11.20 -2.75 45.19
CA PRO A 193 10.34 -1.55 45.16
C PRO A 193 10.17 -1.01 46.58
N TYR A 194 10.01 0.30 46.75
CA TYR A 194 9.99 0.88 48.09
C TYR A 194 9.03 2.06 48.25
N GLN A 195 8.45 2.54 47.15
CA GLN A 195 7.44 3.59 47.24
C GLN A 195 6.61 3.76 45.97
N ASN A 196 5.36 4.12 46.20
CA ASN A 196 4.39 4.37 45.13
C ASN A 196 3.70 5.69 45.40
N ASP A 197 3.76 6.60 44.44
CA ASP A 197 3.17 7.92 44.65
C ASP A 197 2.19 8.30 43.57
N HIS A 198 1.18 9.08 43.96
CA HIS A 198 0.49 9.94 43.02
C HIS A 198 1.39 11.16 42.81
N GLU A 199 1.75 11.43 41.56
CA GLU A 199 2.61 12.56 41.25
C GLU A 199 1.85 13.88 40.99
N ASP A 200 2.57 14.88 40.49
CA ASP A 200 2.10 16.25 40.51
C ASP A 200 0.96 16.59 39.55
N ALA A 201 0.82 15.84 38.46
CA ALA A 201 -0.31 16.05 37.56
C ALA A 201 -1.48 15.16 37.93
N ASN A 202 -2.71 15.63 37.72
CA ASN A 202 -3.84 14.74 37.88
C ASN A 202 -3.65 13.49 37.02
N GLY A 203 -3.93 12.30 37.56
CA GLY A 203 -3.82 11.08 36.79
C GLY A 203 -2.42 10.48 36.68
N GLN A 204 -1.45 11.11 37.34
CA GLN A 204 -0.04 10.74 37.19
C GLN A 204 0.50 10.00 38.42
N PHE A 205 1.29 8.95 38.17
CA PHE A 205 1.82 8.09 39.22
C PHE A 205 3.31 7.76 39.01
N GLU A 206 3.94 7.20 40.03
N GLU A 206 3.92 7.19 40.03
CA GLU A 206 5.34 6.76 39.94
CA GLU A 206 5.32 6.77 39.97
C GLU A 206 5.59 5.68 40.97
C GLU A 206 5.51 5.63 40.96
N MET A 207 6.31 4.65 40.56
CA MET A 207 6.62 3.52 41.43
C MET A 207 8.13 3.31 41.38
N ASN A 208 8.83 3.54 42.50
CA ASN A 208 10.30 3.45 42.50
C ASN A 208 10.79 2.06 42.84
N TRP A 209 11.98 1.72 42.33
CA TRP A 209 12.67 0.51 42.75
C TRP A 209 14.18 0.72 42.79
N ASP A 210 14.91 -0.25 43.36
CA ASP A 210 16.34 -0.10 43.65
C ASP A 210 17.24 0.09 42.44
N TYR A 211 18.21 0.99 42.54
CA TYR A 211 19.21 1.12 41.48
C TYR A 211 20.04 -0.16 41.34
N ALA A 212 20.75 -0.29 40.22
CA ALA A 212 21.55 -1.48 39.94
C ALA A 212 22.57 -1.12 38.88
N ASP A 213 23.44 -2.08 38.55
CA ASP A 213 24.32 -1.93 37.40
C ASP A 213 23.48 -1.44 36.23
N ALA A 214 24.02 -0.49 35.48
CA ALA A 214 23.29 0.17 34.41
C ALA A 214 22.56 -0.78 33.45
N LEU A 215 23.21 -1.87 33.06
CA LEU A 215 22.58 -2.81 32.14
C LEU A 215 21.37 -3.52 32.79
N VAL A 216 21.48 -3.81 34.09
CA VAL A 216 20.35 -4.42 34.81
C VAL A 216 19.17 -3.46 34.83
N THR A 217 19.45 -2.20 35.20
CA THR A 217 18.40 -1.19 35.28
C THR A 217 17.75 -0.93 33.91
N ALA A 218 18.56 -0.98 32.85
CA ALA A 218 18.06 -0.72 31.52
C ALA A 218 17.10 -1.83 31.06
N ASP A 219 17.48 -3.08 31.26
CA ASP A 219 16.57 -4.19 30.99
C ASP A 219 15.31 -4.06 31.85
N ARG A 220 15.48 -3.70 33.13
CA ARG A 220 14.30 -3.58 33.99
C ARG A 220 13.39 -2.46 33.51
N HIS A 221 14.01 -1.36 33.08
CA HIS A 221 13.31 -0.18 32.62
C HIS A 221 12.47 -0.55 31.41
N ALA A 222 13.11 -1.22 30.45
CA ALA A 222 12.42 -1.70 29.26
C ALA A 222 11.26 -2.62 29.63
N PHE A 223 11.49 -3.55 30.56
CA PHE A 223 10.42 -4.45 30.98
C PHE A 223 9.31 -3.72 31.74
N PHE A 224 9.71 -2.85 32.66
CA PHE A 224 8.76 -2.10 33.47
C PHE A 224 7.68 -1.40 32.64
N LYS A 225 8.08 -0.71 31.58
CA LYS A 225 7.10 0.03 30.76
C LYS A 225 6.08 -0.92 30.16
N PHE A 226 6.56 -2.05 29.65
CA PHE A 226 5.71 -3.08 29.08
C PHE A 226 4.77 -3.65 30.17
N MET A 227 5.33 -3.92 31.34
CA MET A 227 4.54 -4.43 32.45
C MET A 227 3.40 -3.47 32.84
N VAL A 228 3.76 -2.21 33.02
CA VAL A 228 2.76 -1.21 33.42
C VAL A 228 1.64 -1.07 32.39
N LYS A 229 2.02 -1.02 31.12
CA LYS A 229 1.01 -0.92 30.06
C LYS A 229 0.14 -2.16 30.01
N SER A 230 0.75 -3.33 30.17
CA SER A 230 0.01 -4.60 30.06
C SER A 230 -0.98 -4.73 31.20
N VAL A 231 -0.54 -4.40 32.40
CA VAL A 231 -1.40 -4.53 33.57
C VAL A 231 -2.53 -3.50 33.56
N ALA A 232 -2.20 -2.25 33.24
CA ALA A 232 -3.22 -1.22 33.11
C ALA A 232 -4.31 -1.71 32.15
N GLU A 233 -3.88 -2.26 31.02
CA GLU A 233 -4.84 -2.74 30.01
C GLU A 233 -5.74 -3.87 30.57
N ARG A 234 -5.16 -4.75 31.38
CA ARG A 234 -5.95 -5.81 32.04
C ARG A 234 -7.02 -5.24 32.99
N HIS A 235 -6.80 -4.02 33.47
CA HIS A 235 -7.74 -3.39 34.38
C HIS A 235 -8.71 -2.46 33.65
N GLY A 236 -8.67 -2.47 32.32
CA GLY A 236 -9.52 -1.59 31.54
C GLY A 236 -9.02 -0.15 31.52
N LEU A 237 -7.73 0.03 31.82
CA LEU A 237 -7.11 1.35 31.83
C LEU A 237 -6.05 1.36 30.73
N ARG A 238 -5.30 2.46 30.68
CA ARG A 238 -4.20 2.59 29.73
C ARG A 238 -3.12 3.43 30.40
N ALA A 239 -1.85 3.07 30.18
CA ALA A 239 -0.75 3.84 30.75
C ALA A 239 0.01 4.52 29.64
N THR A 240 0.43 5.75 29.88
CA THR A 240 1.28 6.44 28.93
C THR A 240 2.47 7.07 29.61
N PHE A 241 3.62 6.94 28.95
CA PHE A 241 4.85 7.56 29.38
C PHE A 241 5.17 8.81 28.54
N MET A 242 4.19 9.28 27.80
CA MET A 242 4.32 10.46 26.95
C MET A 242 4.87 11.64 27.76
N PRO A 243 5.82 12.40 27.20
CA PRO A 243 6.42 13.51 27.96
C PRO A 243 5.42 14.57 28.40
N LYS A 244 4.49 14.96 27.53
CA LYS A 244 3.56 16.03 27.87
C LYS A 244 2.21 15.72 27.26
N PRO A 245 1.46 14.83 27.90
CA PRO A 245 0.15 14.35 27.42
C PRO A 245 -0.95 15.38 27.63
N PHE A 246 -0.77 16.32 28.55
CA PHE A 246 -1.78 17.34 28.81
C PHE A 246 -1.17 18.73 28.90
N ALA A 247 -1.74 19.68 28.17
CA ALA A 247 -1.12 20.98 27.96
C ALA A 247 -0.79 21.73 29.24
N HIS A 248 -1.70 21.69 30.21
CA HIS A 248 -1.54 22.55 31.38
C HIS A 248 -1.12 21.78 32.65
N LEU A 249 -0.79 20.51 32.48
CA LEU A 249 -0.37 19.68 33.59
C LEU A 249 1.12 19.34 33.50
N THR A 250 1.72 19.08 34.64
CA THR A 250 3.08 18.57 34.70
C THR A 250 3.27 17.36 33.75
N GLY A 251 4.47 17.22 33.19
CA GLY A 251 4.76 16.15 32.24
C GLY A 251 5.41 14.94 32.88
N ASN A 252 5.66 13.91 32.09
CA ASN A 252 6.32 12.69 32.56
C ASN A 252 7.83 12.82 32.49
N GLY A 253 8.47 12.95 33.65
CA GLY A 253 9.93 12.89 33.67
C GLY A 253 10.39 11.44 33.75
N CYS A 254 11.69 11.24 33.50
CA CYS A 254 12.34 9.98 33.86
C CYS A 254 13.64 10.39 34.56
N HIS A 255 13.50 10.82 35.81
CA HIS A 255 14.65 11.31 36.57
C HIS A 255 15.60 10.16 36.84
N THR A 256 16.87 10.38 36.52
CA THR A 256 17.84 9.31 36.52
C THR A 256 18.92 9.58 37.55
N HIS A 257 19.03 8.66 38.50
CA HIS A 257 20.00 8.78 39.59
C HIS A 257 21.23 7.96 39.24
N LEU A 258 22.40 8.58 39.44
CA LEU A 258 23.63 8.08 38.82
C LEU A 258 24.81 8.09 39.80
N SER A 259 25.62 7.03 39.74
CA SER A 259 26.89 7.00 40.47
C SER A 259 27.82 6.01 39.78
N MET A 260 29.12 6.14 40.01
CA MET A 260 30.11 5.29 39.37
C MET A 260 30.88 4.54 40.45
N TRP A 261 31.04 3.23 40.27
CA TRP A 261 31.64 2.38 41.29
C TRP A 261 32.89 1.64 40.79
N THR A 262 33.81 1.33 41.70
CA THR A 262 34.92 0.45 41.37
C THR A 262 34.45 -1.00 41.47
N ALA A 263 35.19 -1.92 40.85
CA ALA A 263 34.84 -3.33 40.94
C ALA A 263 34.93 -3.84 42.39
N ALA A 264 35.76 -3.18 43.19
CA ALA A 264 35.90 -3.54 44.60
C ALA A 264 34.71 -3.09 45.44
N GLY A 265 33.87 -2.21 44.89
CA GLY A 265 32.61 -1.84 45.52
C GLY A 265 32.62 -0.49 46.20
N ASP A 266 33.49 0.40 45.73
CA ASP A 266 33.54 1.74 46.29
C ASP A 266 32.82 2.71 45.36
N ASN A 267 32.00 3.60 45.92
CA ASN A 267 31.30 4.60 45.13
C ASN A 267 32.18 5.80 44.89
N LEU A 268 32.65 5.94 43.65
CA LEU A 268 33.59 6.99 43.30
C LEU A 268 33.03 8.39 43.45
N PHE A 269 31.70 8.53 43.47
CA PHE A 269 31.09 9.85 43.65
C PHE A 269 31.10 10.30 45.09
N GLU A 270 31.25 9.35 46.01
CA GLU A 270 31.25 9.65 47.43
C GLU A 270 32.54 10.41 47.76
N GLY A 271 32.43 11.58 48.39
CA GLY A 271 33.63 12.37 48.63
C GLY A 271 33.55 13.45 49.69
N ASP A 272 34.64 14.22 49.80
CA ASP A 272 34.79 15.25 50.82
C ASP A 272 34.57 16.66 50.27
N GLY A 273 34.07 16.75 49.05
CA GLY A 273 33.76 18.05 48.47
C GLY A 273 32.39 18.53 48.92
N GLU A 274 31.95 19.65 48.35
CA GLU A 274 30.63 20.18 48.66
C GLU A 274 29.54 19.11 48.54
N LEU A 275 28.62 19.09 49.49
CA LEU A 275 27.47 18.17 49.46
C LEU A 275 27.86 16.69 49.45
N GLY A 276 29.09 16.38 49.85
CA GLY A 276 29.50 14.99 49.94
C GLY A 276 29.88 14.35 48.60
N LEU A 277 30.21 15.17 47.62
CA LEU A 277 30.61 14.67 46.31
C LEU A 277 32.13 14.75 46.15
N SER A 278 32.67 13.83 45.35
CA SER A 278 34.10 13.81 45.04
C SER A 278 34.39 14.66 43.80
N PRO A 279 35.68 14.93 43.54
CA PRO A 279 36.07 15.60 42.29
C PRO A 279 35.65 14.80 41.06
N THR A 280 35.71 13.48 41.15
CA THR A 280 35.22 12.60 40.09
C THR A 280 33.73 12.88 39.81
N ALA A 281 32.95 12.99 40.88
CA ALA A 281 31.54 13.32 40.73
C ALA A 281 31.37 14.66 40.02
N TYR A 282 32.15 15.67 40.42
CA TYR A 282 31.96 17.00 39.84
C TYR A 282 32.42 17.06 38.40
N ALA A 283 33.44 16.27 38.07
CA ALA A 283 33.92 16.18 36.70
C ALA A 283 32.87 15.50 35.81
N PHE A 284 32.30 14.41 36.31
CA PHE A 284 31.24 13.69 35.60
C PHE A 284 30.09 14.67 35.33
N LEU A 285 29.72 15.42 36.36
CA LEU A 285 28.74 16.48 36.21
C LEU A 285 29.20 17.52 35.19
N GLY A 286 30.49 17.86 35.23
CA GLY A 286 31.01 18.84 34.30
C GLY A 286 30.76 18.39 32.87
N GLY A 287 30.84 17.08 32.64
CA GLY A 287 30.55 16.50 31.34
C GLY A 287 29.07 16.57 30.96
N LEU A 288 28.21 16.35 31.95
CA LEU A 288 26.76 16.47 31.73
C LEU A 288 26.43 17.89 31.31
N ILE A 289 27.02 18.85 32.02
CA ILE A 289 26.80 20.26 31.74
C ILE A 289 27.37 20.64 30.38
N GLY A 290 28.62 20.28 30.15
CA GLY A 290 29.29 20.58 28.89
C GLY A 290 28.62 20.00 27.65
N HIS A 291 27.97 18.85 27.80
CA HIS A 291 27.36 18.15 26.66
C HIS A 291 25.83 18.21 26.67
N ALA A 292 25.28 19.13 27.45
CA ALA A 292 23.85 19.14 27.74
C ALA A 292 23.02 19.29 26.48
N LYS A 293 23.48 20.12 25.54
CA LYS A 293 22.66 20.40 24.37
C LYS A 293 22.45 19.15 23.52
N GLY A 294 23.53 18.42 23.27
CA GLY A 294 23.47 17.20 22.48
C GLY A 294 22.77 16.09 23.24
N LEU A 295 23.00 16.05 24.55
CA LEU A 295 22.40 15.05 25.40
C LEU A 295 20.87 15.18 25.40
N THR A 296 20.38 16.41 25.29
CA THR A 296 18.93 16.66 25.20
C THR A 296 18.29 15.90 24.02
N ALA A 297 18.97 15.85 22.89
CA ALA A 297 18.43 15.14 21.73
C ALA A 297 18.07 13.70 22.08
N VAL A 298 18.93 13.05 22.85
CA VAL A 298 18.76 11.64 23.18
C VAL A 298 17.80 11.39 24.35
N VAL A 299 17.93 12.16 25.42
CA VAL A 299 17.05 11.94 26.58
C VAL A 299 15.70 12.68 26.48
N ASN A 300 15.57 13.55 25.48
CA ASN A 300 14.30 14.20 25.14
C ASN A 300 14.01 14.00 23.64
N PRO A 301 13.73 12.75 23.26
CA PRO A 301 13.87 12.31 21.87
C PRO A 301 12.64 12.55 20.98
N THR A 302 11.62 13.25 21.47
CA THR A 302 10.40 13.43 20.67
C THR A 302 10.09 14.90 20.50
N VAL A 303 9.32 15.25 19.47
CA VAL A 303 8.81 16.61 19.35
C VAL A 303 8.13 17.06 20.65
N ASN A 304 7.25 16.20 21.14
CA ASN A 304 6.46 16.43 22.35
C ASN A 304 7.31 16.70 23.58
N SER A 305 8.51 16.11 23.60
CA SER A 305 9.46 16.32 24.70
C SER A 305 9.67 17.80 24.99
N TYR A 306 9.61 18.62 23.93
CA TYR A 306 9.97 20.03 24.02
C TYR A 306 8.81 20.90 24.49
N LYS A 307 7.69 20.24 24.76
CA LYS A 307 6.55 20.86 25.46
C LYS A 307 6.61 20.61 26.97
N ARG A 308 7.40 19.61 27.38
CA ARG A 308 7.70 19.42 28.81
C ARG A 308 8.84 20.34 29.28
N LEU A 309 9.92 20.40 28.49
CA LEU A 309 11.00 21.35 28.80
C LEU A 309 10.56 22.78 28.49
N ASN A 310 11.06 23.74 29.26
CA ASN A 310 10.72 25.15 29.01
C ASN A 310 9.25 25.40 28.83
N ALA A 311 8.45 24.80 29.71
CA ALA A 311 7.00 24.88 29.61
C ALA A 311 6.46 26.01 30.46
N PRO A 312 5.31 26.58 30.06
CA PRO A 312 4.65 27.58 30.89
C PRO A 312 4.21 26.93 32.19
N VAL A 313 4.14 27.73 33.25
CA VAL A 313 3.79 27.19 34.56
C VAL A 313 2.46 26.43 34.49
N THR A 314 2.39 25.32 35.20
CA THR A 314 1.23 24.44 35.23
C THR A 314 0.24 24.87 36.32
N VAL A 315 -0.94 24.22 36.35
CA VAL A 315 -1.97 24.54 37.34
C VAL A 315 -1.50 24.29 38.79
N SER A 316 -0.63 23.30 38.97
CA SER A 316 -0.08 22.97 40.29
C SER A 316 1.04 23.92 40.75
N GLY A 317 1.44 24.87 39.92
CA GLY A 317 2.39 25.90 40.34
C GLY A 317 3.85 25.71 39.93
N ALA A 318 4.21 24.53 39.43
CA ALA A 318 5.55 24.32 38.89
C ALA A 318 5.55 23.20 37.87
N THR A 319 6.44 23.31 36.89
CA THR A 319 6.57 22.27 35.86
C THR A 319 7.44 21.11 36.37
N TRP A 320 8.36 21.42 37.28
CA TRP A 320 9.27 20.40 37.84
C TRP A 320 10.20 19.82 36.79
N SER A 321 10.27 20.47 35.63
CA SER A 321 11.22 20.08 34.59
C SER A 321 12.25 21.20 34.37
N PRO A 322 13.41 20.85 33.79
CA PRO A 322 14.47 21.82 33.50
C PRO A 322 14.12 22.80 32.38
N ASN A 323 14.67 24.01 32.52
CA ASN A 323 14.62 25.03 31.48
C ASN A 323 16.02 25.43 31.04
N THR A 324 16.99 25.17 31.89
CA THR A 324 18.32 25.73 31.73
C THR A 324 19.37 24.68 32.01
N ILE A 325 20.58 24.93 31.54
CA ILE A 325 21.69 24.01 31.73
C ILE A 325 22.41 24.41 32.99
N THR A 326 21.90 23.91 34.11
CA THR A 326 22.38 24.34 35.42
C THR A 326 22.22 23.20 36.40
N TYR A 327 22.88 23.32 37.55
CA TYR A 327 22.71 22.35 38.62
C TYR A 327 22.54 23.04 39.98
N GLY A 328 21.90 22.34 40.91
CA GLY A 328 21.66 22.85 42.25
C GLY A 328 22.05 21.83 43.29
N GLY A 329 21.72 22.11 44.55
CA GLY A 329 21.86 21.12 45.61
C GLY A 329 20.64 20.22 45.60
N ASN A 330 19.99 20.10 46.76
CA ASN A 330 18.74 19.36 46.85
C ASN A 330 17.60 20.25 46.38
N ASN A 331 17.49 20.37 45.06
CA ASN A 331 16.77 21.47 44.41
C ASN A 331 16.21 20.93 43.09
N ARG A 332 14.90 20.92 42.94
CA ARG A 332 14.28 20.27 41.79
C ARG A 332 13.97 21.23 40.64
N THR A 333 14.58 22.41 40.62
CA THR A 333 14.31 23.39 39.57
C THR A 333 15.41 23.43 38.51
N HIS A 334 16.39 22.54 38.62
CA HIS A 334 17.53 22.53 37.71
C HIS A 334 17.61 21.32 36.77
N MET A 335 18.58 21.34 35.86
CA MET A 335 18.83 20.20 35.00
C MET A 335 19.39 19.04 35.82
N VAL A 336 20.22 19.37 36.80
CA VAL A 336 20.78 18.35 37.67
C VAL A 336 20.51 18.73 39.12
N ARG A 337 20.14 17.73 39.91
CA ARG A 337 19.92 17.92 41.32
C ARG A 337 20.89 17.00 42.05
N ILE A 338 21.44 17.48 43.16
CA ILE A 338 22.27 16.64 44.02
C ILE A 338 21.46 16.29 45.25
N PRO A 339 20.85 15.10 45.25
CA PRO A 339 19.86 14.76 46.28
C PRO A 339 20.51 14.39 47.61
N ASP A 340 21.75 13.89 47.56
CA ASP A 340 22.42 13.39 48.74
C ASP A 340 23.87 13.13 48.35
N ALA A 341 24.71 12.74 49.31
CA ALA A 341 26.10 12.39 49.01
C ALA A 341 26.19 11.20 48.07
N GLY A 342 27.16 11.22 47.17
CA GLY A 342 27.48 10.04 46.37
C GLY A 342 26.61 9.74 45.17
N ARG A 343 25.78 10.68 44.74
CA ARG A 343 25.05 10.50 43.48
C ARG A 343 24.47 11.79 42.88
N LEU A 344 24.21 11.73 41.58
CA LEU A 344 23.64 12.84 40.84
C LEU A 344 22.24 12.43 40.35
N GLU A 345 21.30 13.37 40.33
CA GLU A 345 20.02 13.14 39.66
C GLU A 345 19.91 14.00 38.40
N LEU A 346 19.96 13.37 37.23
CA LEU A 346 19.69 14.09 36.00
C LEU A 346 18.18 14.16 35.80
N ARG A 347 17.63 15.37 35.85
CA ARG A 347 16.18 15.55 35.78
C ARG A 347 15.73 15.82 34.35
N LEU A 348 16.70 15.81 33.45
CA LEU A 348 16.47 16.17 32.05
C LEU A 348 15.59 15.15 31.29
N PRO A 349 15.84 13.84 31.46
CA PRO A 349 15.12 12.88 30.63
C PRO A 349 13.61 12.88 30.86
N ASP A 350 12.86 12.53 29.83
CA ASP A 350 11.42 12.35 29.97
C ASP A 350 11.05 10.87 29.75
N GLY A 351 9.74 10.59 29.77
CA GLY A 351 9.25 9.23 29.68
C GLY A 351 9.45 8.57 28.32
N ALA A 352 9.81 9.34 27.30
CA ALA A 352 10.12 8.76 25.99
C ALA A 352 11.58 8.33 25.85
N ALA A 353 12.43 8.72 26.81
CA ALA A 353 13.86 8.37 26.74
C ALA A 353 14.07 6.86 26.61
N ASN A 354 14.90 6.48 25.65
CA ASN A 354 15.25 5.08 25.42
C ASN A 354 15.97 4.49 26.64
N PRO A 355 15.46 3.37 27.17
CA PRO A 355 16.08 2.76 28.36
C PRO A 355 17.57 2.43 28.17
N TYR A 356 18.02 2.20 26.93
CA TYR A 356 19.43 1.88 26.67
C TYR A 356 20.23 3.08 26.17
N LEU A 357 19.67 3.82 25.22
CA LEU A 357 20.35 5.03 24.72
C LEU A 357 20.58 6.09 25.78
N MET A 358 19.63 6.23 26.71
CA MET A 358 19.73 7.28 27.74
C MET A 358 20.96 7.08 28.64
N PRO A 359 21.05 5.92 29.31
CA PRO A 359 22.25 5.64 30.12
C PRO A 359 23.51 5.72 29.27
N ALA A 360 23.46 5.26 28.02
CA ALA A 360 24.63 5.31 27.14
C ALA A 360 25.14 6.72 26.89
N ALA A 361 24.24 7.65 26.57
CA ALA A 361 24.65 9.02 26.25
C ALA A 361 25.09 9.76 27.51
N ILE A 362 24.39 9.50 28.61
CA ILE A 362 24.77 10.06 29.91
C ILE A 362 26.19 9.60 30.28
N LEU A 363 26.45 8.31 30.16
CA LEU A 363 27.77 7.78 30.46
C LEU A 363 28.85 8.35 29.56
N ALA A 364 28.57 8.44 28.26
CA ALA A 364 29.54 9.00 27.31
C ALA A 364 29.93 10.42 27.71
N ALA A 365 28.93 11.23 28.02
CA ALA A 365 29.15 12.61 28.43
C ALA A 365 29.93 12.65 29.75
N GLY A 366 29.51 11.82 30.70
CA GLY A 366 30.08 11.83 32.04
C GLY A 366 31.54 11.43 32.01
N LEU A 367 31.84 10.41 31.21
CA LEU A 367 33.21 9.95 31.00
C LEU A 367 34.09 11.04 30.41
N ASP A 368 33.58 11.74 29.40
CA ASP A 368 34.36 12.83 28.82
C ASP A 368 34.63 13.91 29.85
N GLY A 369 33.66 14.13 30.73
CA GLY A 369 33.82 15.12 31.79
C GLY A 369 34.96 14.72 32.72
N ILE A 370 34.95 13.46 33.15
CA ILE A 370 36.00 12.91 34.00
C ILE A 370 37.36 13.00 33.31
N GLU A 371 37.42 12.48 32.09
CA GLU A 371 38.66 12.48 31.33
C GLU A 371 39.26 13.89 31.17
N THR A 372 38.40 14.90 31.00
CA THR A 372 38.89 16.24 30.75
C THR A 372 38.83 17.10 32.02
N GLN A 373 38.47 16.49 33.14
CA GLN A 373 38.32 17.22 34.38
C GLN A 373 37.41 18.43 34.18
N ALA A 374 36.24 18.21 33.58
CA ALA A 374 35.31 19.29 33.26
C ALA A 374 34.83 20.05 34.48
N ASP A 375 34.71 21.37 34.35
CA ASP A 375 34.18 22.21 35.42
C ASP A 375 32.68 22.46 35.20
N PRO A 376 31.84 22.00 36.14
CA PRO A 376 30.40 22.15 35.98
C PRO A 376 29.94 23.58 36.27
N GLY A 377 30.86 24.41 36.73
CA GLY A 377 30.51 25.77 37.10
C GLY A 377 29.89 25.87 38.48
N GLN A 378 29.17 26.96 38.71
CA GLN A 378 28.67 27.28 40.04
C GLN A 378 27.30 26.68 40.33
N ARG A 379 27.21 25.95 41.44
CA ARG A 379 25.92 25.47 41.93
C ARG A 379 25.01 26.66 42.22
N LEU A 380 23.76 26.58 41.79
CA LEU A 380 22.80 27.66 42.01
C LEU A 380 21.75 27.30 43.05
N ASP A 381 21.84 27.90 44.24
CA ASP A 381 20.87 27.63 45.30
C ASP A 381 19.68 28.58 45.24
N ILE A 382 19.00 28.56 44.10
CA ILE A 382 17.85 29.42 43.87
C ILE A 382 16.77 28.61 43.14
N ASP A 383 15.56 29.13 43.14
CA ASP A 383 14.46 28.58 42.34
C ASP A 383 14.59 29.14 40.93
N MET A 384 15.02 28.30 40.00
CA MET A 384 15.25 28.73 38.62
C MET A 384 13.98 29.23 37.94
N TYR A 385 12.83 28.71 38.38
CA TYR A 385 11.55 29.10 37.80
C TYR A 385 11.23 30.56 38.13
N VAL A 386 11.68 31.02 39.27
CA VAL A 386 11.44 32.40 39.70
C VAL A 386 12.71 33.24 39.60
N GLU A 387 13.67 32.95 40.48
CA GLU A 387 14.94 33.67 40.50
C GLU A 387 15.91 33.12 39.46
N GLY A 388 15.48 33.10 38.21
CA GLY A 388 16.31 32.60 37.13
C GLY A 388 16.54 33.64 36.05
N HIS A 389 15.73 34.70 36.07
CA HIS A 389 15.85 35.77 35.11
C HIS A 389 16.90 36.76 35.52
N SER A 390 17.32 36.67 36.78
CA SER A 390 18.33 37.57 37.31
C SER A 390 19.69 36.86 37.40
N VAL A 391 19.96 36.00 36.43
CA VAL A 391 21.22 35.26 36.38
C VAL A 391 21.54 34.76 34.98
N GLU A 392 22.83 34.59 34.71
CA GLU A 392 23.29 34.10 33.42
C GLU A 392 23.31 32.57 33.40
N ALA A 393 22.33 31.98 32.71
CA ALA A 393 22.24 30.53 32.59
C ALA A 393 21.87 30.16 31.17
N GLU A 394 22.56 29.18 30.60
CA GLU A 394 22.27 28.78 29.23
C GLU A 394 20.93 28.04 29.13
N GLN A 395 20.13 28.38 28.12
CA GLN A 395 18.84 27.74 27.92
C GLN A 395 19.01 26.41 27.18
N LEU A 396 18.18 25.42 27.53
CA LEU A 396 18.16 24.15 26.82
C LEU A 396 17.65 24.33 25.38
N PRO A 397 18.05 23.44 24.46
CA PRO A 397 17.48 23.52 23.11
C PRO A 397 15.96 23.57 23.17
N LEU A 398 15.35 24.44 22.37
CA LEU A 398 13.92 24.73 22.47
C LEU A 398 13.03 23.79 21.65
N ASN A 399 13.65 23.00 20.77
CA ASN A 399 12.87 22.05 19.97
C ASN A 399 13.75 20.89 19.53
N LEU A 400 13.13 19.83 18.98
CA LEU A 400 13.85 18.63 18.58
C LEU A 400 14.91 18.92 17.52
N LEU A 401 14.59 19.83 16.61
CA LEU A 401 15.51 20.21 15.54
C LEU A 401 16.81 20.77 16.11
N ASP A 402 16.71 21.72 17.04
CA ASP A 402 17.93 22.29 17.60
C ASP A 402 18.69 21.28 18.46
N ALA A 403 17.95 20.41 19.15
CA ALA A 403 18.60 19.38 19.95
C ALA A 403 19.39 18.45 19.04
N VAL A 404 18.78 18.04 17.92
CA VAL A 404 19.46 17.12 17.01
C VAL A 404 20.66 17.79 16.34
N ARG A 405 20.50 19.04 15.96
CA ARG A 405 21.62 19.82 15.44
C ARG A 405 22.79 19.77 16.42
N ALA A 406 22.49 19.89 17.72
CA ALA A 406 23.53 19.89 18.74
C ALA A 406 24.20 18.53 18.91
N LEU A 407 23.42 17.47 18.79
CA LEU A 407 23.93 16.11 18.91
C LEU A 407 24.89 15.84 17.76
N GLU A 408 24.53 16.33 16.58
CA GLU A 408 25.34 16.09 15.38
C GLU A 408 26.66 16.83 15.48
N ALA A 409 26.65 17.98 16.17
CA ALA A 409 27.85 18.78 16.32
C ALA A 409 28.70 18.32 17.50
N ASP A 410 28.19 17.39 18.28
CA ASP A 410 28.90 16.94 19.48
C ASP A 410 29.72 15.67 19.22
N GLU A 411 30.99 15.86 18.88
CA GLU A 411 31.87 14.74 18.55
C GLU A 411 31.93 13.65 19.61
N VAL A 412 31.97 14.05 20.88
CA VAL A 412 32.06 13.09 21.97
C VAL A 412 30.81 12.22 22.09
N LEU A 413 29.64 12.85 22.09
CA LEU A 413 28.40 12.09 22.18
C LEU A 413 28.23 11.18 20.97
N ALA A 414 28.28 11.79 19.80
CA ALA A 414 28.05 11.07 18.56
C ALA A 414 29.04 9.92 18.47
N GLY A 415 30.32 10.22 18.65
CA GLY A 415 31.34 9.19 18.65
C GLY A 415 31.14 8.14 19.72
N GLY A 416 30.76 8.59 20.92
CA GLY A 416 30.49 7.68 22.02
C GLY A 416 29.37 6.69 21.75
N LEU A 417 28.34 7.12 21.02
CA LEU A 417 27.18 6.27 20.73
C LEU A 417 27.34 5.41 19.47
N GLY A 418 28.43 5.63 18.74
CA GLY A 418 28.67 4.87 17.53
C GLY A 418 27.67 5.23 16.44
N ALA A 419 27.41 4.29 15.54
CA ALA A 419 26.53 4.55 14.41
C ALA A 419 25.08 4.81 14.85
N ALA A 420 24.77 4.55 16.12
CA ALA A 420 23.42 4.77 16.64
C ALA A 420 23.06 6.24 16.55
N ALA A 421 24.03 7.10 16.82
CA ALA A 421 23.82 8.54 16.88
C ALA A 421 23.34 9.13 15.56
N ALA A 422 24.01 8.78 14.47
CA ALA A 422 23.67 9.33 13.17
C ALA A 422 22.31 8.81 12.70
N ALA A 423 22.04 7.53 12.96
CA ALA A 423 20.77 6.93 12.59
C ALA A 423 19.63 7.57 13.39
N PHE A 424 19.87 7.73 14.69
CA PHE A 424 18.93 8.38 15.57
C PHE A 424 18.64 9.80 15.06
N ALA A 425 19.68 10.52 14.67
CA ALA A 425 19.51 11.90 14.21
C ALA A 425 18.68 11.97 12.93
N LYS A 426 18.92 11.02 12.04
CA LYS A 426 18.14 10.96 10.80
C LYS A 426 16.65 10.81 11.10
N PHE A 427 16.30 9.85 11.95
CA PHE A 427 14.89 9.62 12.30
C PHE A 427 14.24 10.83 12.95
N LYS A 428 14.93 11.44 13.92
CA LYS A 428 14.33 12.55 14.65
C LYS A 428 14.17 13.79 13.78
N ARG A 429 15.08 13.99 12.83
CA ARG A 429 14.91 15.05 11.86
C ARG A 429 13.64 14.87 11.05
N ALA A 430 13.42 13.63 10.62
CA ALA A 430 12.24 13.31 9.82
C ALA A 430 10.95 13.47 10.62
N GLU A 431 10.98 13.05 11.88
CA GLU A 431 9.84 13.27 12.77
C GLU A 431 9.53 14.76 12.89
N TRP A 432 10.56 15.58 13.11
CA TRP A 432 10.35 17.02 13.23
C TRP A 432 9.71 17.59 11.96
N ALA A 433 10.19 17.14 10.80
CA ALA A 433 9.67 17.62 9.52
C ALA A 433 8.22 17.19 9.35
N ASP A 434 7.91 15.98 9.78
CA ASP A 434 6.55 15.46 9.73
C ASP A 434 5.64 16.33 10.60
N TYR A 435 6.13 16.69 11.79
CA TYR A 435 5.45 17.60 12.71
C TYR A 435 5.18 18.96 12.08
N LYS A 436 6.20 19.56 11.47
CA LYS A 436 6.03 20.84 10.80
C LYS A 436 4.87 20.85 9.81
N SER A 437 4.69 19.74 9.09
CA SER A 437 3.70 19.70 8.01
C SER A 437 2.26 19.57 8.52
N GLN A 438 2.08 19.30 9.80
CA GLN A 438 0.75 19.17 10.37
C GLN A 438 0.14 20.55 10.59
N LEU A 439 -1.03 20.79 10.00
CA LEU A 439 -1.75 22.05 10.19
C LEU A 439 -2.50 21.98 11.50
N THR A 440 -2.32 22.98 12.36
CA THR A 440 -2.96 22.98 13.68
C THR A 440 -4.15 23.95 13.78
N GLU A 441 -5.09 23.63 14.66
CA GLU A 441 -6.24 24.47 14.88
C GLU A 441 -5.84 25.88 15.34
N TRP A 442 -4.76 25.95 16.10
CA TRP A 442 -4.23 27.21 16.62
C TRP A 442 -3.80 28.14 15.50
N GLU A 443 -3.08 27.61 14.52
CA GLU A 443 -2.64 28.41 13.38
C GLU A 443 -3.85 28.93 12.63
N ARG A 444 -4.87 28.08 12.47
CA ARG A 444 -6.05 28.49 11.73
C ARG A 444 -6.71 29.67 12.46
N ARG A 445 -6.95 29.52 13.75
CA ARG A 445 -7.60 30.59 14.52
C ARG A 445 -6.81 31.89 14.46
N THR A 446 -5.50 31.79 14.57
CA THR A 446 -4.66 32.97 14.66
C THR A 446 -4.15 33.53 13.33
N THR A 447 -4.39 32.82 12.22
CA THR A 447 -3.80 33.24 10.95
C THR A 447 -4.80 33.41 9.80
N LEU A 448 -6.00 32.85 9.95
CA LEU A 448 -6.98 32.92 8.87
C LEU A 448 -7.28 34.37 8.50
N ASP A 449 -7.21 35.27 9.47
CA ASP A 449 -7.54 36.67 9.21
C ASP A 449 -6.31 37.55 8.99
N CYS A 450 -5.16 36.94 8.72
CA CYS A 450 -3.93 37.69 8.46
C CYS A 450 -4.11 38.63 7.26
N THR B 22 -5.13 -48.01 6.24
CA THR B 22 -5.60 -47.35 7.45
C THR B 22 -7.11 -47.53 7.61
N ASP B 23 -7.51 -48.04 8.78
CA ASP B 23 -8.90 -48.37 9.03
C ASP B 23 -9.66 -47.21 9.68
N LEU B 24 -10.20 -46.31 8.85
CA LEU B 24 -10.92 -45.12 9.34
C LEU B 24 -12.06 -45.47 10.30
N ALA B 25 -12.81 -46.51 9.98
CA ALA B 25 -13.89 -46.94 10.86
C ALA B 25 -13.39 -47.28 12.28
N SER B 26 -12.27 -48.00 12.35
CA SER B 26 -11.71 -48.38 13.65
C SER B 26 -11.16 -47.17 14.37
N ILE B 27 -10.51 -46.29 13.61
CA ILE B 27 -9.98 -45.07 14.19
C ILE B 27 -11.13 -44.26 14.78
N ALA B 28 -12.23 -44.14 14.04
CA ALA B 28 -13.38 -43.38 14.52
C ALA B 28 -13.83 -43.88 15.89
N ARG B 29 -13.94 -45.20 16.05
CA ARG B 29 -14.33 -45.78 17.34
C ARG B 29 -13.27 -45.51 18.40
N GLU B 30 -12.00 -45.70 18.05
CA GLU B 30 -10.92 -45.52 19.01
C GLU B 30 -10.75 -44.07 19.45
N LYS B 31 -10.76 -43.15 18.50
CA LYS B 31 -10.46 -41.75 18.80
C LYS B 31 -11.71 -40.94 19.15
N GLY B 32 -12.88 -41.57 19.02
CA GLY B 32 -14.12 -40.89 19.29
C GLY B 32 -14.47 -39.86 18.23
N ILE B 33 -14.27 -40.22 16.97
CA ILE B 33 -14.63 -39.37 15.84
C ILE B 33 -16.05 -39.70 15.38
N GLU B 34 -16.95 -38.72 15.49
CA GLU B 34 -18.37 -38.92 15.16
C GLU B 34 -18.76 -38.49 13.74
N PHE B 35 -17.98 -37.57 13.16
CA PHE B 35 -18.22 -37.11 11.80
C PHE B 35 -16.89 -36.91 11.10
N PHE B 36 -16.86 -37.16 9.79
CA PHE B 36 -15.72 -36.82 8.97
C PHE B 36 -16.08 -35.75 7.95
N LEU B 37 -15.18 -34.79 7.78
CA LEU B 37 -15.23 -33.86 6.68
C LEU B 37 -14.37 -34.45 5.59
N ILE B 38 -15.01 -34.88 4.51
CA ILE B 38 -14.29 -35.32 3.33
C ILE B 38 -14.17 -34.12 2.44
N SER B 39 -12.95 -33.65 2.26
CA SER B 39 -12.69 -32.33 1.70
C SER B 39 -11.80 -32.37 0.49
N PHE B 40 -12.04 -31.47 -0.47
CA PHE B 40 -11.12 -31.25 -1.58
C PHE B 40 -11.04 -29.75 -1.91
N THR B 41 -9.95 -29.34 -2.54
CA THR B 41 -9.70 -27.95 -2.87
C THR B 41 -9.97 -27.74 -4.35
N ASP B 42 -10.79 -26.75 -4.68
CA ASP B 42 -11.07 -26.51 -6.09
C ASP B 42 -10.08 -25.53 -6.72
N LEU B 43 -10.32 -25.17 -7.99
CA LEU B 43 -9.37 -24.37 -8.75
C LEU B 43 -9.18 -22.97 -8.14
N LEU B 44 -10.17 -22.49 -7.40
CA LEU B 44 -10.05 -21.18 -6.76
C LEU B 44 -9.55 -21.27 -5.32
N GLY B 45 -9.15 -22.47 -4.90
CA GLY B 45 -8.64 -22.66 -3.56
C GLY B 45 -9.74 -22.86 -2.53
N VAL B 46 -10.98 -22.88 -3.00
CA VAL B 46 -12.11 -23.04 -2.07
C VAL B 46 -12.13 -24.45 -1.52
N GLN B 47 -12.29 -24.54 -0.19
CA GLN B 47 -12.39 -25.82 0.49
C GLN B 47 -13.81 -26.35 0.40
N ARG B 48 -13.96 -27.47 -0.30
CA ARG B 48 -15.27 -28.09 -0.47
C ARG B 48 -15.30 -29.32 0.40
N ALA B 49 -16.37 -29.50 1.18
CA ALA B 49 -16.42 -30.60 2.10
C ALA B 49 -17.82 -31.15 2.28
N LYS B 50 -17.88 -32.43 2.63
CA LYS B 50 -19.12 -33.13 2.93
C LYS B 50 -18.95 -33.69 4.34
N LEU B 51 -19.99 -33.56 5.16
CA LEU B 51 -19.95 -34.02 6.53
C LEU B 51 -20.63 -35.38 6.65
N VAL B 52 -19.86 -36.43 6.89
CA VAL B 52 -20.43 -37.78 6.90
C VAL B 52 -20.34 -38.39 8.30
N PRO B 53 -21.43 -38.99 8.77
CA PRO B 53 -21.42 -39.60 10.11
C PRO B 53 -20.50 -40.81 10.12
N ALA B 54 -19.92 -41.15 11.27
CA ALA B 54 -18.96 -42.24 11.34
C ALA B 54 -19.48 -43.54 10.72
N ARG B 55 -20.78 -43.80 10.88
CA ARG B 55 -21.38 -45.02 10.35
C ARG B 55 -21.16 -45.18 8.86
N ALA B 56 -20.90 -44.07 8.15
CA ALA B 56 -20.80 -44.13 6.71
C ALA B 56 -19.38 -44.04 6.16
N ILE B 57 -18.38 -43.94 7.03
CA ILE B 57 -17.02 -43.66 6.56
C ILE B 57 -16.35 -44.78 5.74
N ALA B 58 -16.61 -46.04 6.08
CA ALA B 58 -15.97 -47.16 5.39
C ALA B 58 -16.33 -47.12 3.92
N ASP B 59 -17.61 -46.87 3.66
CA ASP B 59 -18.14 -46.75 2.31
C ASP B 59 -17.43 -45.63 1.54
N MET B 60 -17.30 -44.47 2.19
CA MET B 60 -16.67 -43.30 1.55
C MET B 60 -15.18 -43.51 1.30
N ALA B 61 -14.52 -44.18 2.24
CA ALA B 61 -13.08 -44.41 2.13
C ALA B 61 -12.76 -45.23 0.88
N VAL B 62 -13.57 -46.25 0.62
CA VAL B 62 -13.31 -47.12 -0.52
C VAL B 62 -13.81 -46.49 -1.82
N ASN B 63 -15.02 -45.96 -1.77
CA ASN B 63 -15.71 -45.56 -2.98
C ASN B 63 -15.60 -44.07 -3.28
N GLY B 64 -15.21 -43.28 -2.30
CA GLY B 64 -15.19 -41.84 -2.46
C GLY B 64 -16.54 -41.22 -2.12
N ALA B 65 -16.55 -39.91 -1.95
CA ALA B 65 -17.77 -39.16 -1.65
C ALA B 65 -18.21 -38.45 -2.92
N GLY B 66 -19.48 -38.57 -3.29
CA GLY B 66 -19.96 -37.97 -4.51
C GLY B 66 -20.28 -36.49 -4.37
N PHE B 67 -19.89 -35.70 -5.37
CA PHE B 67 -20.18 -34.26 -5.42
C PHE B 67 -20.57 -33.94 -6.86
N ALA B 68 -21.50 -33.00 -7.04
CA ALA B 68 -21.76 -32.49 -8.38
C ALA B 68 -20.65 -31.49 -8.72
N GLY B 69 -19.74 -31.90 -9.59
CA GLY B 69 -18.53 -31.14 -9.87
C GLY B 69 -18.75 -29.73 -10.38
N PHE B 70 -19.78 -29.52 -11.17
CA PHE B 70 -20.06 -28.19 -11.71
C PHE B 70 -20.33 -27.15 -10.62
N ALA B 71 -20.81 -27.62 -9.48
CA ALA B 71 -21.15 -26.73 -8.37
C ALA B 71 -19.90 -26.18 -7.65
N ALA B 72 -18.73 -26.73 -7.96
CA ALA B 72 -17.47 -26.20 -7.44
C ALA B 72 -16.66 -25.61 -8.61
N TRP B 73 -15.55 -24.96 -8.32
CA TRP B 73 -14.73 -24.41 -9.40
C TRP B 73 -13.84 -25.51 -10.02
N LEU B 74 -14.46 -26.35 -10.85
CA LEU B 74 -13.76 -27.47 -11.48
C LEU B 74 -13.92 -27.47 -12.99
N ASP B 75 -14.65 -26.49 -13.52
CA ASP B 75 -14.91 -26.37 -14.96
C ASP B 75 -15.58 -27.61 -15.54
N MET B 76 -16.69 -28.03 -14.93
CA MET B 76 -17.45 -29.16 -15.42
C MET B 76 -18.82 -28.74 -15.97
N SER B 77 -19.75 -29.69 -16.04
CA SER B 77 -21.10 -29.43 -16.57
C SER B 77 -22.14 -30.04 -15.63
N PRO B 78 -23.31 -29.38 -15.51
CA PRO B 78 -24.36 -29.95 -14.64
C PRO B 78 -24.84 -31.29 -15.19
N ALA B 79 -24.55 -31.56 -16.47
CA ALA B 79 -24.90 -32.83 -17.09
C ALA B 79 -23.88 -33.95 -16.79
N ASP B 80 -22.73 -33.61 -16.22
CA ASP B 80 -21.73 -34.64 -15.92
C ASP B 80 -22.13 -35.54 -14.77
N ALA B 81 -21.68 -36.78 -14.83
CA ALA B 81 -21.80 -37.68 -13.69
C ALA B 81 -21.05 -37.05 -12.52
N ASP B 82 -21.41 -37.43 -11.30
CA ASP B 82 -20.76 -36.89 -10.11
C ASP B 82 -19.27 -37.22 -10.13
N ILE B 83 -18.46 -36.34 -9.57
CA ILE B 83 -17.09 -36.72 -9.22
C ILE B 83 -17.15 -37.47 -7.91
N LEU B 84 -16.11 -38.27 -7.66
CA LEU B 84 -15.99 -38.99 -6.41
C LEU B 84 -14.67 -38.58 -5.75
N ALA B 85 -14.77 -37.94 -4.58
CA ALA B 85 -13.60 -37.51 -3.84
C ALA B 85 -13.15 -38.64 -2.92
N ILE B 86 -12.02 -39.24 -3.24
CA ILE B 86 -11.52 -40.37 -2.47
C ILE B 86 -10.55 -39.86 -1.42
N PRO B 87 -10.89 -40.05 -0.14
CA PRO B 87 -10.07 -39.42 0.90
C PRO B 87 -8.71 -40.12 1.04
N ASP B 88 -7.69 -39.34 1.36
CA ASP B 88 -6.37 -39.87 1.66
C ASP B 88 -6.32 -40.12 3.15
N PRO B 89 -6.35 -41.39 3.56
CA PRO B 89 -6.46 -41.71 4.99
C PRO B 89 -5.28 -41.19 5.81
N GLU B 90 -4.10 -41.04 5.19
CA GLU B 90 -2.93 -40.55 5.90
C GLU B 90 -3.02 -39.06 6.16
N SER B 91 -4.03 -38.39 5.60
CA SER B 91 -4.16 -36.95 5.82
C SER B 91 -5.04 -36.61 7.02
N LEU B 92 -5.57 -37.63 7.70
CA LEU B 92 -6.56 -37.43 8.76
C LEU B 92 -6.09 -36.46 9.85
N ILE B 93 -6.92 -35.47 10.14
CA ILE B 93 -6.69 -34.57 11.26
C ILE B 93 -7.96 -34.45 12.07
N GLN B 94 -7.92 -34.82 13.34
CA GLN B 94 -9.04 -34.50 14.22
C GLN B 94 -8.95 -33.01 14.51
N LEU B 95 -10.01 -32.27 14.20
CA LEU B 95 -9.98 -30.85 14.43
C LEU B 95 -9.60 -30.59 15.87
N PRO B 96 -8.47 -29.88 16.08
CA PRO B 96 -7.96 -29.68 17.44
C PRO B 96 -8.94 -28.92 18.31
N TRP B 97 -9.74 -28.04 17.72
CA TRP B 97 -10.74 -27.29 18.47
C TRP B 97 -12.08 -28.05 18.55
N LYS B 98 -12.16 -29.19 17.89
CA LYS B 98 -13.38 -30.02 17.85
C LYS B 98 -13.06 -31.46 17.46
N PRO B 99 -12.39 -32.20 18.37
CA PRO B 99 -11.80 -33.51 18.06
C PRO B 99 -12.80 -34.58 17.60
N SER B 100 -14.09 -34.39 17.83
CA SER B 100 -15.08 -35.36 17.36
C SER B 100 -15.31 -35.31 15.84
N VAL B 101 -14.66 -34.37 15.16
CA VAL B 101 -14.77 -34.27 13.71
C VAL B 101 -13.40 -34.51 13.08
N GLY B 102 -13.35 -35.36 12.07
CA GLY B 102 -12.10 -35.71 11.41
C GLY B 102 -12.04 -35.21 9.99
N TRP B 103 -11.02 -34.40 9.70
CA TRP B 103 -10.84 -33.81 8.38
C TRP B 103 -9.95 -34.70 7.53
N LEU B 104 -10.33 -34.89 6.26
CA LEU B 104 -9.53 -35.65 5.31
C LEU B 104 -9.40 -34.88 4.00
N ALA B 105 -8.18 -34.84 3.45
CA ALA B 105 -7.98 -34.26 2.12
C ALA B 105 -8.28 -35.37 1.11
N ALA B 106 -8.80 -35.02 -0.05
CA ALA B 106 -9.22 -36.03 -1.03
C ALA B 106 -8.77 -35.73 -2.46
N ASP B 107 -8.62 -36.80 -3.24
CA ASP B 107 -8.36 -36.68 -4.66
C ASP B 107 -9.68 -36.77 -5.40
N VAL B 108 -9.95 -35.80 -6.26
CA VAL B 108 -11.16 -35.85 -7.05
C VAL B 108 -10.97 -36.84 -8.20
N HIS B 109 -11.85 -37.84 -8.26
CA HIS B 109 -11.89 -38.79 -9.38
C HIS B 109 -13.11 -38.53 -10.26
N PHE B 110 -12.95 -38.72 -11.56
CA PHE B 110 -14.06 -38.60 -12.49
C PHE B 110 -14.01 -39.75 -13.50
N GLU B 111 -15.11 -40.48 -13.63
CA GLU B 111 -15.17 -41.60 -14.57
C GLU B 111 -14.06 -42.62 -14.34
N GLY B 112 -13.83 -42.93 -13.06
CA GLY B 112 -12.94 -44.02 -12.69
C GLY B 112 -11.45 -43.72 -12.68
N ARG B 113 -11.07 -42.45 -12.78
CA ARG B 113 -9.66 -42.08 -12.72
C ARG B 113 -9.49 -40.67 -12.12
N PRO B 114 -8.29 -40.35 -11.63
CA PRO B 114 -8.08 -39.01 -11.09
C PRO B 114 -8.42 -37.93 -12.13
N PHE B 115 -9.04 -36.84 -11.67
CA PHE B 115 -9.49 -35.76 -12.54
C PHE B 115 -8.43 -34.67 -12.64
N PRO B 116 -7.83 -34.51 -13.83
CA PRO B 116 -6.67 -33.61 -13.99
C PRO B 116 -6.95 -32.13 -13.69
N LYS B 117 -8.21 -31.71 -13.70
CA LYS B 117 -8.55 -30.33 -13.38
C LYS B 117 -8.55 -30.06 -11.86
N ALA B 118 -8.49 -31.11 -11.05
CA ALA B 118 -8.42 -30.93 -9.61
C ALA B 118 -6.98 -30.69 -9.15
N PRO B 119 -6.77 -29.59 -8.41
CA PRO B 119 -5.47 -29.15 -7.91
C PRO B 119 -4.60 -30.22 -7.26
N ARG B 120 -5.12 -30.96 -6.29
CA ARG B 120 -4.29 -31.95 -5.61
C ARG B 120 -3.86 -33.01 -6.63
N VAL B 121 -4.80 -33.44 -7.45
CA VAL B 121 -4.48 -34.41 -8.49
C VAL B 121 -3.39 -33.86 -9.42
N ALA B 122 -3.55 -32.60 -9.85
CA ALA B 122 -2.55 -31.95 -10.70
C ALA B 122 -1.17 -31.88 -10.06
N LEU B 123 -1.11 -31.55 -8.78
CA LEU B 123 0.16 -31.53 -8.06
C LEU B 123 0.79 -32.94 -8.02
N LYS B 124 0.00 -33.94 -7.67
CA LYS B 124 0.56 -35.29 -7.55
C LYS B 124 1.11 -35.78 -8.90
N SER B 125 0.53 -35.32 -10.00
CA SER B 125 1.01 -35.68 -11.33
C SER B 125 2.40 -35.13 -11.59
N VAL B 126 2.62 -33.86 -11.26
CA VAL B 126 3.94 -33.24 -11.43
C VAL B 126 4.97 -33.86 -10.48
N LEU B 127 4.54 -34.12 -9.25
CA LEU B 127 5.43 -34.74 -8.25
C LEU B 127 5.90 -36.12 -8.72
N ALA B 128 5.03 -36.83 -9.39
CA ALA B 128 5.35 -38.17 -9.87
C ALA B 128 6.36 -38.12 -11.02
N ARG B 129 6.27 -37.10 -11.87
CA ARG B 129 7.23 -36.96 -12.95
C ARG B 129 8.61 -36.62 -12.38
N ALA B 130 8.65 -35.74 -11.38
CA ALA B 130 9.91 -35.37 -10.76
C ALA B 130 10.49 -36.57 -10.01
N ALA B 131 9.63 -37.31 -9.32
CA ALA B 131 10.06 -38.46 -8.52
C ALA B 131 10.64 -39.54 -9.42
N GLY B 132 10.14 -39.62 -10.63
CA GLY B 132 10.62 -40.58 -11.61
C GLY B 132 12.08 -40.30 -11.93
N LYS B 133 12.49 -39.06 -11.70
CA LYS B 133 13.87 -38.67 -11.96
C LYS B 133 14.63 -38.56 -10.65
N ASP B 134 14.09 -39.19 -9.61
CA ASP B 134 14.68 -39.11 -8.27
C ASP B 134 14.90 -37.66 -7.85
N MET B 135 13.89 -36.83 -8.06
CA MET B 135 13.94 -35.46 -7.54
C MET B 135 12.66 -35.20 -6.77
N HIS B 136 12.79 -34.98 -5.47
CA HIS B 136 11.61 -34.85 -4.62
C HIS B 136 11.49 -33.44 -4.06
N LEU B 137 10.41 -32.76 -4.45
CA LEU B 137 10.19 -31.39 -3.98
C LEU B 137 9.82 -31.39 -2.50
N LYS B 138 10.52 -30.56 -1.73
CA LYS B 138 10.11 -30.26 -0.37
C LYS B 138 9.94 -28.77 -0.27
N HIS B 139 8.88 -28.33 0.44
CA HIS B 139 8.69 -26.90 0.61
C HIS B 139 8.06 -26.53 1.94
N GLY B 140 8.23 -25.26 2.29
CA GLY B 140 7.60 -24.68 3.46
C GLY B 140 6.91 -23.40 3.03
N VAL B 141 5.89 -23.00 3.76
CA VAL B 141 5.12 -21.82 3.37
C VAL B 141 5.03 -20.85 4.54
N GLU B 142 5.17 -19.57 4.23
CA GLU B 142 4.99 -18.53 5.22
C GLU B 142 3.67 -17.83 4.91
N CYS B 143 2.62 -18.29 5.55
CA CYS B 143 1.26 -17.86 5.23
C CYS B 143 0.84 -16.65 6.07
N GLU B 144 1.21 -15.46 5.63
CA GLU B 144 0.77 -14.25 6.32
C GLU B 144 -0.75 -14.09 6.28
N PHE B 145 -1.31 -13.55 7.35
CA PHE B 145 -2.74 -13.25 7.42
C PHE B 145 -3.00 -12.03 8.32
N PHE B 146 -4.13 -11.36 8.11
CA PHE B 146 -4.55 -10.29 9.01
C PHE B 146 -5.62 -10.83 9.93
N LEU B 147 -5.70 -10.29 11.15
CA LEU B 147 -6.86 -10.52 11.99
C LEU B 147 -7.69 -9.23 11.93
N ILE B 148 -8.95 -9.38 11.52
CA ILE B 148 -9.81 -8.23 11.23
C ILE B 148 -11.14 -8.38 11.97
N GLN B 149 -11.93 -7.32 11.99
CA GLN B 149 -13.29 -7.38 12.54
C GLN B 149 -14.13 -8.34 11.72
N PRO B 150 -15.12 -9.00 12.34
CA PRO B 150 -16.08 -9.82 11.60
C PRO B 150 -16.62 -9.16 10.32
N ASP B 151 -16.89 -7.85 10.31
CA ASP B 151 -17.41 -7.24 9.08
C ASP B 151 -16.35 -6.93 8.02
N GLY B 152 -15.08 -7.17 8.36
CA GLY B 152 -13.99 -7.04 7.41
C GLY B 152 -13.49 -5.63 7.14
N SER B 153 -14.08 -4.65 7.81
CA SER B 153 -13.83 -3.25 7.49
C SER B 153 -12.54 -2.67 8.08
N ALA B 154 -12.03 -3.30 9.15
CA ALA B 154 -10.87 -2.77 9.86
C ALA B 154 -10.16 -3.92 10.57
N ILE B 155 -8.90 -3.73 10.95
CA ILE B 155 -8.19 -4.77 11.68
C ILE B 155 -8.83 -5.02 13.04
N SER B 156 -8.49 -6.13 13.69
CA SER B 156 -9.16 -6.48 14.95
C SER B 156 -8.70 -5.62 16.13
N ASP B 157 -7.52 -4.99 16.02
CA ASP B 157 -6.92 -4.28 17.17
C ASP B 157 -6.77 -2.79 16.86
N PRO B 158 -7.72 -1.99 17.34
CA PRO B 158 -7.73 -0.54 17.07
C PRO B 158 -6.51 0.17 17.67
N ALA B 159 -5.82 -0.48 18.60
CA ALA B 159 -4.63 0.08 19.25
C ALA B 159 -3.33 -0.20 18.46
N ASP B 160 -3.43 -0.95 17.36
CA ASP B 160 -2.27 -1.30 16.57
C ASP B 160 -2.22 -0.30 15.41
N THR B 161 -1.52 0.82 15.59
CA THR B 161 -1.62 1.95 14.67
C THR B 161 -0.31 2.54 14.14
N GLN B 162 0.80 2.21 14.77
CA GLN B 162 2.07 2.88 14.45
C GLN B 162 2.55 2.60 13.03
N ALA B 163 3.37 3.51 12.50
CA ALA B 163 3.84 3.43 11.11
C ALA B 163 4.67 2.17 10.82
N LYS B 164 5.52 1.81 11.77
CA LYS B 164 6.32 0.59 11.68
C LYS B 164 5.93 -0.39 12.78
N PRO B 165 4.90 -1.20 12.53
CA PRO B 165 4.40 -2.13 13.55
C PRO B 165 5.04 -3.52 13.55
N CYS B 166 5.99 -3.78 12.66
CA CYS B 166 6.51 -5.14 12.54
C CYS B 166 7.13 -5.62 13.85
N TYR B 167 6.74 -6.82 14.27
CA TYR B 167 7.24 -7.42 15.50
C TYR B 167 6.86 -6.61 16.74
N ASP B 168 5.76 -5.86 16.68
CA ASP B 168 5.37 -5.05 17.84
C ASP B 168 5.03 -5.94 19.04
N GLN B 169 5.86 -5.91 20.07
CA GLN B 169 5.61 -6.72 21.27
C GLN B 169 4.20 -6.49 21.83
N ASP B 170 3.78 -5.23 21.95
CA ASP B 170 2.46 -4.93 22.50
C ASP B 170 1.33 -5.57 21.70
N ALA B 171 1.30 -5.35 20.38
CA ALA B 171 0.18 -5.86 19.58
C ALA B 171 0.23 -7.38 19.48
N LEU B 172 1.44 -7.92 19.39
CA LEU B 172 1.62 -9.37 19.38
C LEU B 172 0.98 -10.01 20.61
N MET B 173 1.32 -9.51 21.79
CA MET B 173 0.80 -10.10 23.01
C MET B 173 -0.69 -9.83 23.17
N ARG B 174 -1.19 -8.79 22.51
CA ARG B 174 -2.63 -8.50 22.61
C ARG B 174 -3.45 -9.62 21.95
N ARG B 175 -2.83 -10.33 21.01
CA ARG B 175 -3.47 -11.49 20.37
C ARG B 175 -2.83 -12.81 20.79
N PHE B 176 -2.28 -12.84 21.99
CA PHE B 176 -1.61 -14.04 22.48
C PHE B 176 -2.54 -15.25 22.52
N ASP B 177 -3.74 -15.05 23.06
CA ASP B 177 -4.66 -16.17 23.19
C ASP B 177 -4.93 -16.89 21.88
N VAL B 178 -5.25 -16.14 20.83
CA VAL B 178 -5.56 -16.78 19.56
C VAL B 178 -4.29 -17.39 18.94
N ILE B 179 -3.21 -16.63 18.91
CA ILE B 179 -1.95 -17.11 18.34
C ILE B 179 -1.42 -18.33 19.09
N ALA B 180 -1.45 -18.29 20.42
CA ALA B 180 -0.91 -19.38 21.22
C ALA B 180 -1.74 -20.66 21.06
N GLU B 181 -3.05 -20.50 20.93
CA GLU B 181 -3.92 -21.65 20.75
C GLU B 181 -3.57 -22.39 19.46
N ILE B 182 -3.45 -21.65 18.36
CA ILE B 182 -3.17 -22.26 17.07
C ILE B 182 -1.75 -22.84 17.03
N CYS B 183 -0.79 -22.13 17.58
CA CYS B 183 0.58 -22.65 17.65
C CYS B 183 0.59 -23.99 18.40
N SER B 184 -0.11 -24.06 19.53
CA SER B 184 -0.10 -25.28 20.32
C SER B 184 -0.80 -26.44 19.61
N TYR B 185 -1.84 -26.14 18.84
CA TYR B 185 -2.45 -27.14 17.97
C TYR B 185 -1.41 -27.70 17.01
N MET B 186 -0.64 -26.82 16.40
CA MET B 186 0.38 -27.23 15.45
C MET B 186 1.47 -28.07 16.11
N VAL B 187 1.85 -27.72 17.33
CA VAL B 187 2.74 -28.61 18.09
C VAL B 187 2.11 -30.00 18.17
N ASP B 188 0.89 -30.08 18.67
CA ASP B 188 0.23 -31.38 18.84
C ASP B 188 0.10 -32.14 17.53
N LEU B 189 -0.07 -31.41 16.44
CA LEU B 189 -0.28 -32.04 15.14
C LEU B 189 1.03 -32.58 14.57
N GLY B 190 2.14 -32.18 15.18
CA GLY B 190 3.44 -32.62 14.75
C GLY B 190 4.05 -31.86 13.58
N TRP B 191 3.58 -30.63 13.36
CA TRP B 191 4.07 -29.80 12.25
C TRP B 191 5.39 -29.11 12.56
N GLY B 192 5.83 -29.16 13.81
CA GLY B 192 7.03 -28.46 14.24
C GLY B 192 6.98 -26.94 14.10
N PRO B 193 5.97 -26.29 14.69
CA PRO B 193 5.95 -24.81 14.65
C PRO B 193 7.14 -24.27 15.44
N TYR B 194 7.67 -23.09 15.10
CA TYR B 194 8.88 -22.60 15.77
C TYR B 194 8.95 -21.07 15.95
N GLN B 195 8.03 -20.34 15.33
CA GLN B 195 7.98 -18.89 15.57
C GLN B 195 6.65 -18.27 15.15
N ASN B 196 6.24 -17.27 15.93
CA ASN B 196 5.02 -16.51 15.67
C ASN B 196 5.35 -15.02 15.70
N ASP B 197 5.00 -14.31 14.63
CA ASP B 197 5.36 -12.89 14.52
C ASP B 197 4.18 -12.00 14.24
N HIS B 198 4.22 -10.79 14.77
CA HIS B 198 3.45 -9.70 14.19
C HIS B 198 4.24 -9.25 12.96
N GLU B 199 3.59 -9.21 11.80
CA GLU B 199 4.28 -8.85 10.56
C GLU B 199 4.21 -7.35 10.28
N ASP B 200 4.60 -6.97 9.08
CA ASP B 200 4.94 -5.56 8.80
C ASP B 200 3.73 -4.64 8.69
N ALA B 201 2.56 -5.20 8.40
CA ALA B 201 1.34 -4.39 8.35
C ALA B 201 0.66 -4.40 9.71
N ASN B 202 -0.01 -3.31 10.06
CA ASN B 202 -0.84 -3.31 11.27
C ASN B 202 -1.88 -4.41 11.16
N GLY B 203 -2.07 -5.18 12.23
CA GLY B 203 -3.05 -6.26 12.21
C GLY B 203 -2.64 -7.56 11.53
N GLN B 204 -1.37 -7.65 11.12
CA GLN B 204 -0.90 -8.78 10.33
C GLN B 204 0.07 -9.68 11.10
N PHE B 205 -0.05 -10.98 10.88
CA PHE B 205 0.67 -11.99 11.66
C PHE B 205 1.11 -13.14 10.78
N GLU B 206 1.96 -13.99 11.35
CA GLU B 206 2.47 -15.15 10.63
C GLU B 206 2.99 -16.15 11.64
N MET B 207 2.73 -17.43 11.36
CA MET B 207 3.10 -18.52 12.25
C MET B 207 3.79 -19.58 11.39
N ASN B 208 5.09 -19.79 11.59
CA ASN B 208 5.85 -20.73 10.76
C ASN B 208 5.83 -22.16 11.28
N TRP B 209 6.02 -23.11 10.37
CA TRP B 209 6.21 -24.50 10.77
C TRP B 209 7.14 -25.22 9.80
N ASP B 210 7.64 -26.39 10.20
CA ASP B 210 8.69 -27.11 9.44
C ASP B 210 8.29 -27.49 8.03
N TYR B 211 9.20 -27.32 7.07
CA TYR B 211 8.96 -27.81 5.71
C TYR B 211 8.82 -29.33 5.68
N ALA B 212 8.32 -29.85 4.56
CA ALA B 212 8.16 -31.29 4.37
C ALA B 212 8.01 -31.59 2.89
N ASP B 213 7.84 -32.87 2.56
CA ASP B 213 7.48 -33.28 1.21
C ASP B 213 6.32 -32.40 0.74
N ALA B 214 6.37 -32.00 -0.52
CA ALA B 214 5.41 -31.03 -1.05
C ALA B 214 3.96 -31.39 -0.79
N LEU B 215 3.61 -32.67 -0.95
CA LEU B 215 2.21 -33.07 -0.77
C LEU B 215 1.76 -32.88 0.68
N VAL B 216 2.66 -33.22 1.62
CA VAL B 216 2.40 -33.03 3.05
C VAL B 216 2.18 -31.55 3.37
N THR B 217 3.06 -30.70 2.85
CA THR B 217 2.96 -29.26 3.12
C THR B 217 1.69 -28.67 2.50
N ALA B 218 1.33 -29.15 1.31
CA ALA B 218 0.14 -28.67 0.61
C ALA B 218 -1.13 -28.96 1.41
N ASP B 219 -1.26 -30.20 1.87
CA ASP B 219 -2.36 -30.59 2.73
C ASP B 219 -2.36 -29.76 4.03
N ARG B 220 -1.19 -29.57 4.64
CA ARG B 220 -1.12 -28.77 5.85
C ARG B 220 -1.53 -27.32 5.58
N HIS B 221 -1.14 -26.82 4.41
CA HIS B 221 -1.41 -25.46 3.98
C HIS B 221 -2.93 -25.27 3.85
N ALA B 222 -3.58 -26.20 3.15
CA ALA B 222 -5.03 -26.17 3.04
C ALA B 222 -5.70 -26.23 4.42
N PHE B 223 -5.16 -27.06 5.31
CA PHE B 223 -5.79 -27.19 6.62
C PHE B 223 -5.55 -25.96 7.50
N PHE B 224 -4.31 -25.48 7.49
CA PHE B 224 -3.92 -24.31 8.27
C PHE B 224 -4.87 -23.12 8.04
N LYS B 225 -5.12 -22.76 6.78
CA LYS B 225 -5.97 -21.61 6.52
C LYS B 225 -7.36 -21.79 7.13
N PHE B 226 -7.91 -22.98 6.99
CA PHE B 226 -9.21 -23.31 7.59
C PHE B 226 -9.12 -23.26 9.13
N MET B 227 -8.03 -23.79 9.66
CA MET B 227 -7.80 -23.72 11.11
C MET B 227 -7.73 -22.28 11.62
N VAL B 228 -6.91 -21.45 10.98
CA VAL B 228 -6.77 -20.06 11.42
C VAL B 228 -8.12 -19.32 11.38
N LYS B 229 -8.85 -19.49 10.29
CA LYS B 229 -10.14 -18.80 10.16
C LYS B 229 -11.13 -19.30 11.21
N SER B 230 -11.20 -20.62 11.42
CA SER B 230 -12.14 -21.19 12.39
C SER B 230 -11.84 -20.73 13.81
N VAL B 231 -10.56 -20.69 14.17
CA VAL B 231 -10.19 -20.32 15.52
C VAL B 231 -10.39 -18.82 15.76
N ALA B 232 -9.97 -18.01 14.79
CA ALA B 232 -10.23 -16.57 14.88
C ALA B 232 -11.71 -16.35 15.13
N GLU B 233 -12.55 -17.08 14.40
CA GLU B 233 -14.00 -16.89 14.50
C GLU B 233 -14.51 -17.28 15.90
N ARG B 234 -13.92 -18.32 16.48
CA ARG B 234 -14.23 -18.72 17.85
C ARG B 234 -13.87 -17.63 18.89
N HIS B 235 -12.91 -16.78 18.55
CA HIS B 235 -12.50 -15.69 19.44
C HIS B 235 -13.22 -14.38 19.11
N GLY B 236 -14.23 -14.45 18.24
CA GLY B 236 -14.95 -13.26 17.83
C GLY B 236 -14.14 -12.38 16.88
N LEU B 237 -13.19 -12.99 16.18
CA LEU B 237 -12.35 -12.25 15.23
C LEU B 237 -12.58 -12.85 13.85
N ARG B 238 -11.81 -12.38 12.87
CA ARG B 238 -11.88 -12.92 11.52
C ARG B 238 -10.46 -12.86 10.94
N ALA B 239 -10.05 -13.91 10.23
CA ALA B 239 -8.73 -13.94 9.61
C ALA B 239 -8.88 -13.86 8.10
N THR B 240 -8.02 -13.09 7.44
CA THR B 240 -8.03 -13.05 5.99
C THR B 240 -6.63 -13.25 5.43
N PHE B 241 -6.57 -14.03 4.36
CA PHE B 241 -5.34 -14.24 3.60
C PHE B 241 -5.36 -13.41 2.31
N MET B 242 -6.27 -12.45 2.26
CA MET B 242 -6.39 -11.57 1.11
C MET B 242 -5.03 -10.94 0.75
N PRO B 243 -4.67 -10.92 -0.53
CA PRO B 243 -3.34 -10.39 -0.87
C PRO B 243 -3.15 -8.92 -0.48
N LYS B 244 -4.17 -8.09 -0.64
CA LYS B 244 -3.99 -6.68 -0.33
C LYS B 244 -5.30 -6.13 0.23
N PRO B 245 -5.54 -6.41 1.53
CA PRO B 245 -6.80 -6.03 2.17
C PRO B 245 -6.86 -4.55 2.51
N PHE B 246 -5.70 -3.89 2.59
CA PHE B 246 -5.65 -2.45 2.92
C PHE B 246 -4.71 -1.69 1.99
N ALA B 247 -5.21 -0.59 1.44
CA ALA B 247 -4.54 0.08 0.32
C ALA B 247 -3.11 0.52 0.59
N HIS B 248 -2.83 0.96 1.81
CA HIS B 248 -1.53 1.57 2.12
C HIS B 248 -0.67 0.73 3.07
N LEU B 249 -1.12 -0.48 3.36
CA LEU B 249 -0.36 -1.37 4.22
C LEU B 249 0.26 -2.50 3.40
N THR B 250 1.34 -3.07 3.91
CA THR B 250 1.92 -4.28 3.34
C THR B 250 0.83 -5.34 3.15
N GLY B 251 0.95 -6.14 2.09
CA GLY B 251 -0.01 -7.20 1.82
C GLY B 251 0.41 -8.56 2.35
N ASN B 252 -0.45 -9.56 2.14
CA ASN B 252 -0.19 -10.91 2.60
C ASN B 252 0.59 -11.70 1.55
N GLY B 253 1.87 -11.96 1.80
CA GLY B 253 2.58 -12.86 0.93
C GLY B 253 2.35 -14.30 1.35
N CYS B 254 2.75 -15.24 0.51
CA CYS B 254 2.90 -16.64 0.90
C CYS B 254 4.28 -17.06 0.44
N HIS B 255 5.31 -16.63 1.16
CA HIS B 255 6.67 -16.91 0.69
C HIS B 255 6.95 -18.39 0.76
N THR B 256 7.47 -18.94 -0.32
CA THR B 256 7.60 -20.38 -0.42
C THR B 256 9.08 -20.79 -0.48
N HIS B 257 9.49 -21.62 0.47
CA HIS B 257 10.87 -22.07 0.56
C HIS B 257 11.00 -23.46 -0.08
N LEU B 258 12.01 -23.60 -0.93
CA LEU B 258 12.05 -24.70 -1.89
C LEU B 258 13.37 -25.43 -1.94
N SER B 259 13.33 -26.75 -1.97
CA SER B 259 14.53 -27.56 -2.23
C SER B 259 14.13 -28.88 -2.86
N MET B 260 15.06 -29.51 -3.58
CA MET B 260 14.82 -30.79 -4.25
C MET B 260 15.74 -31.86 -3.67
N TRP B 261 15.17 -33.01 -3.34
CA TRP B 261 15.92 -34.06 -2.64
C TRP B 261 15.92 -35.39 -3.38
N THR B 262 17.00 -36.16 -3.22
CA THR B 262 17.00 -37.52 -3.73
C THR B 262 16.29 -38.39 -2.73
N ALA B 263 15.81 -39.54 -3.18
CA ALA B 263 15.14 -40.49 -2.29
C ALA B 263 16.08 -40.92 -1.19
N ALA B 264 17.38 -40.84 -1.44
CA ALA B 264 18.39 -41.27 -0.48
C ALA B 264 18.62 -40.23 0.62
N GLY B 265 18.08 -39.02 0.43
CA GLY B 265 18.14 -38.02 1.47
C GLY B 265 19.14 -36.90 1.29
N ASP B 266 19.59 -36.69 0.07
N ASP B 266 19.60 -36.69 0.07
CA ASP B 266 20.52 -35.60 -0.22
CA ASP B 266 20.53 -35.59 -0.19
C ASP B 266 19.77 -34.41 -0.84
C ASP B 266 19.80 -34.42 -0.85
N ASN B 267 20.10 -33.21 -0.38
CA ASN B 267 19.50 -31.99 -0.92
C ASN B 267 20.27 -31.57 -2.17
N LEU B 268 19.65 -31.72 -3.33
CA LEU B 268 20.32 -31.42 -4.60
C LEU B 268 20.70 -29.96 -4.76
N PHE B 269 20.06 -29.08 -3.98
CA PHE B 269 20.31 -27.64 -4.08
C PHE B 269 21.57 -27.23 -3.34
N GLU B 270 21.98 -28.04 -2.36
CA GLU B 270 23.17 -27.77 -1.58
C GLU B 270 24.41 -28.00 -2.45
N GLY B 271 25.32 -27.03 -2.49
CA GLY B 271 26.50 -27.17 -3.35
C GLY B 271 27.68 -26.25 -3.08
N ASP B 272 28.59 -26.18 -4.05
CA ASP B 272 29.86 -25.48 -3.92
C ASP B 272 29.86 -24.12 -4.60
N GLY B 273 28.75 -23.74 -5.22
CA GLY B 273 28.69 -22.51 -5.99
C GLY B 273 28.42 -21.28 -5.12
N GLU B 274 28.03 -20.19 -5.79
CA GLU B 274 27.70 -18.96 -5.09
C GLU B 274 26.66 -19.25 -4.01
N LEU B 275 26.89 -18.72 -2.81
CA LEU B 275 25.93 -18.78 -1.72
C LEU B 275 25.57 -20.21 -1.29
N GLY B 276 26.48 -21.15 -1.51
CA GLY B 276 26.25 -22.54 -1.16
C GLY B 276 25.20 -23.26 -1.99
N LEU B 277 24.95 -22.78 -3.21
CA LEU B 277 23.97 -23.43 -4.12
C LEU B 277 24.69 -24.20 -5.21
N SER B 278 24.06 -25.27 -5.68
CA SER B 278 24.58 -26.12 -6.77
C SER B 278 24.12 -25.64 -8.14
N PRO B 279 24.72 -26.20 -9.21
CA PRO B 279 24.25 -25.88 -10.56
C PRO B 279 22.79 -26.28 -10.76
N THR B 280 22.38 -27.37 -10.12
CA THR B 280 20.98 -27.79 -10.15
C THR B 280 20.04 -26.74 -9.56
N ALA B 281 20.44 -26.17 -8.43
CA ALA B 281 19.65 -25.11 -7.81
C ALA B 281 19.54 -23.90 -8.73
N TYR B 282 20.66 -23.52 -9.35
CA TYR B 282 20.64 -22.36 -10.26
C TYR B 282 19.84 -22.58 -11.54
N ALA B 283 19.83 -23.82 -12.02
CA ALA B 283 19.04 -24.16 -13.20
C ALA B 283 17.53 -24.16 -12.86
N PHE B 284 17.19 -24.71 -11.69
CA PHE B 284 15.82 -24.67 -11.20
C PHE B 284 15.40 -23.20 -11.11
N LEU B 285 16.27 -22.39 -10.50
CA LEU B 285 16.05 -20.95 -10.42
C LEU B 285 15.92 -20.36 -11.82
N GLY B 286 16.74 -20.84 -12.78
CA GLY B 286 16.62 -20.37 -14.16
C GLY B 286 15.23 -20.64 -14.73
N GLY B 287 14.61 -21.74 -14.30
CA GLY B 287 13.29 -22.09 -14.75
C GLY B 287 12.24 -21.17 -14.13
N LEU B 288 12.42 -20.83 -12.87
CA LEU B 288 11.52 -19.88 -12.20
C LEU B 288 11.56 -18.50 -12.85
N ILE B 289 12.77 -18.01 -13.12
CA ILE B 289 12.95 -16.73 -13.81
C ILE B 289 12.39 -16.81 -15.22
N GLY B 290 12.71 -17.89 -15.92
CA GLY B 290 12.25 -18.09 -17.29
C GLY B 290 10.74 -18.16 -17.47
N HIS B 291 10.05 -18.78 -16.51
CA HIS B 291 8.60 -18.96 -16.60
C HIS B 291 7.81 -18.01 -15.70
N ALA B 292 8.47 -16.96 -15.23
CA ALA B 292 7.92 -16.09 -14.18
C ALA B 292 6.58 -15.44 -14.56
N LYS B 293 6.43 -15.00 -15.81
CA LYS B 293 5.20 -14.33 -16.22
C LYS B 293 3.98 -15.26 -16.09
N GLY B 294 4.07 -16.47 -16.64
CA GLY B 294 3.02 -17.46 -16.53
C GLY B 294 2.82 -17.94 -15.09
N LEU B 295 3.93 -18.08 -14.38
CA LEU B 295 3.88 -18.53 -13.01
C LEU B 295 3.09 -17.52 -12.17
N THR B 296 3.24 -16.24 -12.52
CA THR B 296 2.50 -15.18 -11.83
C THR B 296 0.97 -15.39 -11.86
N ALA B 297 0.42 -15.80 -12.98
CA ALA B 297 -1.02 -16.10 -13.03
C ALA B 297 -1.46 -17.07 -11.95
N VAL B 298 -0.64 -18.08 -11.67
CA VAL B 298 -1.04 -19.14 -10.75
C VAL B 298 -0.83 -18.75 -9.29
N VAL B 299 0.34 -18.20 -8.98
CA VAL B 299 0.66 -17.89 -7.59
C VAL B 299 0.17 -16.51 -7.16
N ASN B 300 -0.35 -15.75 -8.12
CA ASN B 300 -1.00 -14.47 -7.86
C ASN B 300 -2.34 -14.50 -8.59
N PRO B 301 -3.27 -15.30 -8.05
CA PRO B 301 -4.39 -15.74 -8.89
C PRO B 301 -5.64 -14.86 -8.85
N THR B 302 -5.57 -13.67 -8.25
CA THR B 302 -6.76 -12.83 -8.12
C THR B 302 -6.51 -11.44 -8.64
N VAL B 303 -7.57 -10.70 -8.98
CA VAL B 303 -7.40 -9.31 -9.38
C VAL B 303 -6.63 -8.54 -8.31
N ASN B 304 -7.05 -8.74 -7.07
CA ASN B 304 -6.44 -8.06 -5.93
C ASN B 304 -4.93 -8.35 -5.75
N SER B 305 -4.48 -9.51 -6.24
CA SER B 305 -3.07 -9.90 -6.16
C SER B 305 -2.17 -8.82 -6.77
N TYR B 306 -2.73 -8.11 -7.76
CA TYR B 306 -1.93 -7.19 -8.56
C TYR B 306 -1.85 -5.82 -7.92
N LYS B 307 -2.57 -5.67 -6.81
CA LYS B 307 -2.39 -4.50 -5.95
C LYS B 307 -1.32 -4.75 -4.87
N ARG B 308 -0.98 -6.01 -4.64
CA ARG B 308 0.18 -6.32 -3.80
C ARG B 308 1.49 -6.23 -4.58
N LEU B 309 1.51 -6.82 -5.77
CA LEU B 309 2.68 -6.75 -6.64
C LEU B 309 2.78 -5.35 -7.23
N ASN B 310 3.99 -4.85 -7.44
CA ASN B 310 4.17 -3.50 -7.98
C ASN B 310 3.33 -2.43 -7.29
N ALA B 311 3.35 -2.44 -5.96
CA ALA B 311 2.55 -1.51 -5.18
C ALA B 311 3.36 -0.27 -4.80
N PRO B 312 2.68 0.86 -4.63
CA PRO B 312 3.40 2.03 -4.15
C PRO B 312 3.85 1.80 -2.71
N VAL B 313 4.93 2.48 -2.32
CA VAL B 313 5.50 2.28 -1.00
C VAL B 313 4.43 2.45 0.09
N THR B 314 4.52 1.62 1.11
CA THR B 314 3.57 1.61 2.21
C THR B 314 4.02 2.54 3.34
N VAL B 315 3.14 2.72 4.32
CA VAL B 315 3.47 3.54 5.48
C VAL B 315 4.72 3.02 6.20
N SER B 316 4.93 1.71 6.19
CA SER B 316 6.09 1.11 6.85
C SER B 316 7.42 1.29 6.08
N GLY B 317 7.36 1.77 4.84
CA GLY B 317 8.58 2.10 4.12
C GLY B 317 8.97 1.11 3.04
N ALA B 318 8.32 -0.05 2.99
CA ALA B 318 8.56 -1.01 1.91
C ALA B 318 7.40 -1.98 1.76
N THR B 319 7.15 -2.41 0.54
CA THR B 319 6.06 -3.34 0.27
C THR B 319 6.47 -4.77 0.62
N TRP B 320 7.78 -5.04 0.56
CA TRP B 320 8.30 -6.38 0.79
C TRP B 320 7.77 -7.40 -0.24
N SER B 321 7.20 -6.93 -1.34
CA SER B 321 6.78 -7.82 -2.42
C SER B 321 7.53 -7.52 -3.72
N PRO B 322 7.59 -8.49 -4.64
CA PRO B 322 8.34 -8.33 -5.88
C PRO B 322 7.71 -7.34 -6.86
N ASN B 323 8.56 -6.65 -7.61
CA ASN B 323 8.13 -5.81 -8.73
C ASN B 323 8.67 -6.33 -10.05
N THR B 324 9.76 -7.08 -9.97
CA THR B 324 10.54 -7.44 -11.14
C THR B 324 10.87 -8.93 -11.16
N ILE B 325 11.25 -9.41 -12.33
CA ILE B 325 11.67 -10.79 -12.48
C ILE B 325 13.18 -10.83 -12.27
N THR B 326 13.58 -10.91 -11.00
CA THR B 326 14.98 -10.84 -10.61
C THR B 326 15.17 -11.68 -9.34
N TYR B 327 16.43 -11.94 -8.99
CA TYR B 327 16.73 -12.61 -7.73
C TYR B 327 17.90 -11.94 -7.06
N GLY B 328 18.00 -12.15 -5.75
CA GLY B 328 19.09 -11.59 -4.99
C GLY B 328 19.66 -12.67 -4.11
N GLY B 329 20.55 -12.28 -3.20
CA GLY B 329 21.03 -13.17 -2.18
C GLY B 329 20.03 -13.15 -1.05
N ASN B 330 20.53 -12.91 0.16
CA ASN B 330 19.65 -12.84 1.32
C ASN B 330 19.06 -11.43 1.36
N ASN B 331 18.09 -11.20 0.47
CA ASN B 331 17.66 -9.87 0.06
C ASN B 331 16.17 -9.97 -0.23
N ARG B 332 15.34 -9.21 0.47
CA ARG B 332 13.90 -9.39 0.37
C ARG B 332 13.21 -8.46 -0.63
N THR B 333 13.99 -7.88 -1.55
CA THR B 333 13.41 -6.95 -2.51
C THR B 333 13.21 -7.55 -3.92
N HIS B 334 13.47 -8.85 -4.07
CA HIS B 334 13.35 -9.47 -5.39
C HIS B 334 12.23 -10.50 -5.48
N MET B 335 12.10 -11.11 -6.66
CA MET B 335 11.15 -12.18 -6.84
C MET B 335 11.60 -13.45 -6.12
N VAL B 336 12.91 -13.70 -6.15
CA VAL B 336 13.50 -14.82 -5.45
C VAL B 336 14.59 -14.34 -4.51
N ARG B 337 14.59 -14.90 -3.31
CA ARG B 337 15.61 -14.62 -2.33
C ARG B 337 16.35 -15.93 -2.06
N ILE B 338 17.66 -15.85 -1.86
CA ILE B 338 18.43 -17.01 -1.43
C ILE B 338 18.77 -16.84 0.05
N PRO B 339 17.99 -17.47 0.92
CA PRO B 339 18.12 -17.15 2.36
C PRO B 339 19.35 -17.83 2.97
N ASP B 340 19.79 -18.91 2.36
CA ASP B 340 20.86 -19.71 2.94
C ASP B 340 21.20 -20.83 1.97
N ALA B 341 22.30 -21.52 2.20
CA ALA B 341 22.69 -22.65 1.37
C ALA B 341 21.57 -23.70 1.29
N GLY B 342 21.35 -24.25 0.10
CA GLY B 342 20.46 -25.39 -0.04
C GLY B 342 18.98 -25.06 -0.22
N ARG B 343 18.63 -23.80 -0.44
CA ARG B 343 17.23 -23.52 -0.78
C ARG B 343 16.98 -22.16 -1.42
N LEU B 344 15.81 -22.06 -2.04
CA LEU B 344 15.34 -20.81 -2.64
C LEU B 344 14.07 -20.37 -1.93
N GLU B 345 13.91 -19.06 -1.75
CA GLU B 345 12.62 -18.52 -1.31
C GLU B 345 11.97 -17.79 -2.48
N LEU B 346 10.86 -18.32 -2.98
CA LEU B 346 10.05 -17.60 -3.97
C LEU B 346 9.11 -16.65 -3.23
N ARG B 347 9.29 -15.35 -3.45
CA ARG B 347 8.52 -14.34 -2.72
C ARG B 347 7.31 -13.91 -3.53
N LEU B 348 7.18 -14.46 -4.73
CA LEU B 348 6.13 -14.06 -5.66
C LEU B 348 4.71 -14.35 -5.12
N PRO B 349 4.48 -15.55 -4.58
CA PRO B 349 3.08 -15.91 -4.25
C PRO B 349 2.47 -15.08 -3.13
N ASP B 350 1.14 -14.94 -3.17
CA ASP B 350 0.40 -14.25 -2.13
C ASP B 350 -0.53 -15.20 -1.38
N GLY B 351 -1.26 -14.66 -0.40
CA GLY B 351 -2.16 -15.48 0.39
C GLY B 351 -3.32 -16.14 -0.35
N ALA B 352 -3.58 -15.72 -1.58
CA ALA B 352 -4.63 -16.36 -2.37
C ALA B 352 -4.11 -17.58 -3.14
N ALA B 353 -2.80 -17.80 -3.16
CA ALA B 353 -2.23 -18.88 -3.97
C ALA B 353 -2.79 -20.25 -3.56
N ASN B 354 -3.22 -21.03 -4.55
CA ASN B 354 -3.74 -22.36 -4.30
C ASN B 354 -2.68 -23.25 -3.67
N PRO B 355 -3.00 -23.89 -2.54
CA PRO B 355 -1.99 -24.69 -1.83
C PRO B 355 -1.45 -25.86 -2.67
N TYR B 356 -2.20 -26.31 -3.67
CA TYR B 356 -1.75 -27.40 -4.54
C TYR B 356 -1.23 -26.89 -5.88
N LEU B 357 -1.97 -25.98 -6.51
CA LEU B 357 -1.53 -25.42 -7.79
C LEU B 357 -0.21 -24.65 -7.68
N MET B 358 0.02 -24.00 -6.54
CA MET B 358 1.25 -23.22 -6.39
C MET B 358 2.53 -24.09 -6.45
N PRO B 359 2.65 -25.11 -5.58
CA PRO B 359 3.85 -25.96 -5.70
C PRO B 359 3.90 -26.65 -7.06
N ALA B 360 2.74 -27.01 -7.59
CA ALA B 360 2.66 -27.65 -8.90
C ALA B 360 3.28 -26.81 -10.02
N ALA B 361 2.91 -25.54 -10.10
CA ALA B 361 3.41 -24.67 -11.16
C ALA B 361 4.88 -24.35 -10.92
N ILE B 362 5.24 -24.17 -9.66
CA ILE B 362 6.63 -23.90 -9.31
C ILE B 362 7.54 -25.06 -9.76
N LEU B 363 7.11 -26.27 -9.45
CA LEU B 363 7.86 -27.49 -9.82
C LEU B 363 7.97 -27.67 -11.33
N ALA B 364 6.85 -27.49 -12.03
CA ALA B 364 6.86 -27.57 -13.49
C ALA B 364 7.89 -26.60 -14.07
N ALA B 365 7.88 -25.37 -13.58
CA ALA B 365 8.85 -24.36 -14.03
C ALA B 365 10.32 -24.73 -13.69
N GLY B 366 10.55 -25.18 -12.47
CA GLY B 366 11.90 -25.49 -12.01
C GLY B 366 12.45 -26.73 -12.69
N LEU B 367 11.58 -27.73 -12.86
CA LEU B 367 11.96 -28.94 -13.59
C LEU B 367 12.40 -28.63 -15.00
N ASP B 368 11.69 -27.71 -15.65
CA ASP B 368 12.07 -27.35 -17.00
C ASP B 368 13.41 -26.62 -16.97
N GLY B 369 13.65 -25.84 -15.92
CA GLY B 369 14.89 -25.11 -15.81
C GLY B 369 16.05 -26.09 -15.66
N ILE B 370 15.83 -27.15 -14.90
CA ILE B 370 16.82 -28.19 -14.74
C ILE B 370 17.07 -28.93 -16.06
N GLU B 371 16.01 -29.31 -16.76
CA GLU B 371 16.17 -30.04 -18.01
C GLU B 371 16.86 -29.22 -19.09
N THR B 372 16.62 -27.91 -19.08
CA THR B 372 17.22 -27.05 -20.09
C THR B 372 18.50 -26.34 -19.61
N GLN B 373 18.91 -26.63 -18.37
CA GLN B 373 20.05 -25.92 -17.78
C GLN B 373 19.86 -24.41 -17.91
N ALA B 374 18.69 -23.94 -17.49
CA ALA B 374 18.33 -22.54 -17.59
C ALA B 374 19.27 -21.61 -16.82
N ASP B 375 19.60 -20.49 -17.44
CA ASP B 375 20.45 -19.48 -16.84
C ASP B 375 19.55 -18.45 -16.15
N PRO B 376 19.72 -18.27 -14.83
CA PRO B 376 18.85 -17.34 -14.10
C PRO B 376 19.29 -15.89 -14.25
N GLY B 377 20.41 -15.66 -14.93
CA GLY B 377 20.93 -14.32 -15.07
C GLY B 377 21.72 -13.87 -13.86
N GLN B 378 21.96 -12.57 -13.78
CA GLN B 378 22.84 -12.02 -12.75
C GLN B 378 22.10 -11.80 -11.43
N ARG B 379 22.69 -12.29 -10.34
CA ARG B 379 22.19 -11.96 -9.01
C ARG B 379 22.34 -10.46 -8.79
N LEU B 380 21.31 -9.82 -8.24
CA LEU B 380 21.34 -8.37 -8.01
C LEU B 380 21.45 -8.04 -6.53
N ASP B 381 22.62 -7.60 -6.10
CA ASP B 381 22.85 -7.31 -4.68
C ASP B 381 22.50 -5.87 -4.36
N ILE B 382 21.28 -5.47 -4.70
CA ILE B 382 20.83 -4.10 -4.48
C ILE B 382 19.39 -4.14 -3.96
N ASP B 383 18.95 -2.99 -3.45
CA ASP B 383 17.55 -2.79 -3.06
C ASP B 383 16.76 -2.40 -4.30
N MET B 384 15.98 -3.35 -4.82
CA MET B 384 15.27 -3.14 -6.08
C MET B 384 14.24 -2.02 -5.98
N TYR B 385 13.83 -1.66 -4.76
CA TYR B 385 12.82 -0.61 -4.59
C TYR B 385 13.40 0.76 -4.87
N VAL B 386 14.69 0.93 -4.60
CA VAL B 386 15.32 2.22 -4.77
C VAL B 386 16.22 2.22 -6.00
N GLU B 387 16.44 1.04 -6.57
CA GLU B 387 17.43 0.86 -7.62
C GLU B 387 16.89 0.11 -8.84
N GLY B 388 15.58 0.00 -8.95
CA GLY B 388 14.96 -0.68 -10.07
C GLY B 388 15.28 0.01 -11.39
N HIS B 389 15.39 1.34 -11.34
CA HIS B 389 15.72 2.15 -12.50
C HIS B 389 17.20 2.00 -12.88
N SER B 390 18.03 1.81 -11.87
CA SER B 390 19.47 1.71 -12.06
C SER B 390 19.87 0.34 -12.63
N VAL B 391 18.96 -0.27 -13.39
CA VAL B 391 19.22 -1.59 -13.95
C VAL B 391 18.13 -2.04 -14.93
N GLU B 392 18.52 -2.89 -15.88
CA GLU B 392 17.59 -3.47 -16.83
C GLU B 392 16.98 -4.74 -16.24
N ALA B 393 15.72 -4.65 -15.83
CA ALA B 393 15.03 -5.80 -15.27
C ALA B 393 13.62 -5.89 -15.84
N GLU B 394 13.19 -7.12 -16.14
CA GLU B 394 11.84 -7.32 -16.63
C GLU B 394 10.83 -7.14 -15.50
N GLN B 395 9.73 -6.44 -15.81
CA GLN B 395 8.69 -6.17 -14.85
C GLN B 395 7.71 -7.33 -14.82
N LEU B 396 7.14 -7.63 -13.65
CA LEU B 396 6.14 -8.68 -13.56
C LEU B 396 4.86 -8.26 -14.29
N PRO B 397 4.02 -9.21 -14.71
CA PRO B 397 2.73 -8.85 -15.32
C PRO B 397 1.98 -7.88 -14.38
N LEU B 398 1.43 -6.82 -14.94
CA LEU B 398 0.86 -5.74 -14.11
C LEU B 398 -0.57 -6.01 -13.66
N ASN B 399 -1.20 -7.02 -14.25
CA ASN B 399 -2.59 -7.31 -13.91
C ASN B 399 -2.95 -8.74 -14.26
N LEU B 400 -4.09 -9.19 -13.76
CA LEU B 400 -4.48 -10.59 -13.91
C LEU B 400 -4.63 -10.98 -15.37
N LEU B 401 -5.19 -10.08 -16.18
CA LEU B 401 -5.34 -10.33 -17.61
C LEU B 401 -3.99 -10.66 -18.25
N ASP B 402 -2.99 -9.82 -18.01
CA ASP B 402 -1.69 -10.04 -18.63
C ASP B 402 -1.00 -11.31 -18.10
N ALA B 403 -1.21 -11.63 -16.83
CA ALA B 403 -0.65 -12.85 -16.25
C ALA B 403 -1.26 -14.09 -16.90
N VAL B 404 -2.57 -14.06 -17.08
CA VAL B 404 -3.27 -15.21 -17.66
C VAL B 404 -2.87 -15.37 -19.13
N ARG B 405 -2.72 -14.25 -19.83
CA ARG B 405 -2.21 -14.28 -21.19
C ARG B 405 -0.85 -14.98 -21.23
N ALA B 406 0.01 -14.67 -20.26
CA ALA B 406 1.35 -15.26 -20.21
C ALA B 406 1.27 -16.77 -19.93
N LEU B 407 0.39 -17.15 -19.03
CA LEU B 407 0.16 -18.54 -18.68
C LEU B 407 -0.26 -19.33 -19.91
N GLU B 408 -1.22 -18.80 -20.64
CA GLU B 408 -1.73 -19.47 -21.83
C GLU B 408 -0.64 -19.64 -22.90
N ALA B 409 0.29 -18.69 -22.95
CA ALA B 409 1.38 -18.72 -23.92
C ALA B 409 2.54 -19.62 -23.49
N ASP B 410 2.49 -20.10 -22.26
CA ASP B 410 3.59 -20.86 -21.70
C ASP B 410 3.35 -22.38 -21.76
N GLU B 411 3.89 -23.03 -22.79
CA GLU B 411 3.63 -24.45 -23.05
C GLU B 411 4.06 -25.36 -21.90
N VAL B 412 5.19 -25.07 -21.28
CA VAL B 412 5.70 -25.88 -20.18
C VAL B 412 4.75 -25.87 -18.99
N LEU B 413 4.31 -24.67 -18.59
CA LEU B 413 3.36 -24.54 -17.49
C LEU B 413 2.03 -25.17 -17.84
N ALA B 414 1.46 -24.70 -18.94
CA ALA B 414 0.17 -25.22 -19.37
C ALA B 414 0.23 -26.73 -19.50
N GLY B 415 1.33 -27.24 -20.07
CA GLY B 415 1.52 -28.67 -20.21
C GLY B 415 1.69 -29.34 -18.86
N GLY B 416 2.52 -28.76 -18.02
CA GLY B 416 2.80 -29.30 -16.70
C GLY B 416 1.58 -29.42 -15.81
N LEU B 417 0.66 -28.47 -15.92
CA LEU B 417 -0.53 -28.47 -15.06
C LEU B 417 -1.68 -29.26 -15.66
N GLY B 418 -1.52 -29.67 -16.90
CA GLY B 418 -2.55 -30.41 -17.59
C GLY B 418 -3.79 -29.56 -17.79
N ALA B 419 -4.95 -30.21 -17.84
CA ALA B 419 -6.22 -29.53 -18.09
C ALA B 419 -6.56 -28.47 -17.03
N ALA B 420 -5.90 -28.51 -15.88
CA ALA B 420 -6.11 -27.51 -14.85
C ALA B 420 -5.78 -26.11 -15.34
N ALA B 421 -4.79 -26.03 -16.23
CA ALA B 421 -4.28 -24.73 -16.68
C ALA B 421 -5.32 -23.96 -17.47
N ALA B 422 -5.96 -24.64 -18.43
CA ALA B 422 -6.92 -23.99 -19.30
C ALA B 422 -8.19 -23.64 -18.52
N ALA B 423 -8.59 -24.49 -17.59
CA ALA B 423 -9.77 -24.22 -16.78
C ALA B 423 -9.54 -22.99 -15.89
N PHE B 424 -8.39 -22.98 -15.24
CA PHE B 424 -7.97 -21.88 -14.40
C PHE B 424 -7.95 -20.57 -15.20
N ALA B 425 -7.37 -20.60 -16.39
CA ALA B 425 -7.29 -19.39 -17.22
C ALA B 425 -8.69 -18.90 -17.54
N LYS B 426 -9.59 -19.83 -17.83
CA LYS B 426 -10.95 -19.47 -18.19
C LYS B 426 -11.58 -18.68 -17.07
N PHE B 427 -11.51 -19.23 -15.87
CA PHE B 427 -12.13 -18.61 -14.70
C PHE B 427 -11.53 -17.25 -14.40
N LYS B 428 -10.20 -17.15 -14.47
CA LYS B 428 -9.53 -15.90 -14.11
C LYS B 428 -9.75 -14.80 -15.14
N ARG B 429 -9.94 -15.19 -16.41
CA ARG B 429 -10.35 -14.21 -17.41
C ARG B 429 -11.71 -13.60 -17.05
N ALA B 430 -12.65 -14.44 -16.65
CA ALA B 430 -13.99 -13.99 -16.28
C ALA B 430 -13.96 -13.10 -15.04
N GLU B 431 -13.13 -13.44 -14.06
CA GLU B 431 -13.01 -12.61 -12.87
C GLU B 431 -12.52 -11.21 -13.26
N TRP B 432 -11.54 -11.15 -14.16
CA TRP B 432 -11.01 -9.86 -14.56
C TRP B 432 -12.09 -9.05 -15.29
N ALA B 433 -12.87 -9.72 -16.13
CA ALA B 433 -13.94 -9.05 -16.85
C ALA B 433 -15.00 -8.55 -15.87
N ASP B 434 -15.27 -9.34 -14.83
CA ASP B 434 -16.24 -8.95 -13.82
C ASP B 434 -15.75 -7.68 -13.11
N TYR B 435 -14.48 -7.69 -12.72
CA TYR B 435 -13.85 -6.55 -12.07
C TYR B 435 -13.93 -5.31 -12.95
N LYS B 436 -13.61 -5.46 -14.24
CA LYS B 436 -13.67 -4.34 -15.16
C LYS B 436 -15.05 -3.67 -15.18
N SER B 437 -16.11 -4.46 -15.05
CA SER B 437 -17.45 -3.92 -15.19
C SER B 437 -17.91 -3.16 -13.95
N GLN B 438 -17.12 -3.20 -12.87
CA GLN B 438 -17.46 -2.52 -11.63
C GLN B 438 -17.09 -1.04 -11.71
N LEU B 439 -18.08 -0.16 -11.50
CA LEU B 439 -17.80 1.28 -11.45
C LEU B 439 -17.22 1.63 -10.08
N THR B 440 -16.08 2.32 -10.07
CA THR B 440 -15.42 2.71 -8.83
C THR B 440 -15.62 4.20 -8.50
N GLU B 441 -15.55 4.52 -7.21
CA GLU B 441 -15.73 5.89 -6.76
C GLU B 441 -14.61 6.77 -7.30
N TRP B 442 -13.44 6.18 -7.47
CA TRP B 442 -12.29 6.88 -8.01
C TRP B 442 -12.60 7.39 -9.41
N GLU B 443 -13.16 6.53 -10.25
CA GLU B 443 -13.50 6.91 -11.61
C GLU B 443 -14.48 8.06 -11.64
N ARG B 444 -15.51 8.00 -10.79
CA ARG B 444 -16.52 9.06 -10.79
C ARG B 444 -15.88 10.37 -10.37
N ARG B 445 -15.07 10.33 -9.31
CA ARG B 445 -14.39 11.52 -8.84
C ARG B 445 -13.53 12.13 -9.96
N THR B 446 -12.79 11.29 -10.68
CA THR B 446 -11.80 11.79 -11.63
C THR B 446 -12.31 11.93 -13.06
N THR B 447 -13.54 11.50 -13.33
CA THR B 447 -14.05 11.50 -14.71
C THR B 447 -15.39 12.23 -14.93
N LEU B 448 -16.16 12.46 -13.85
CA LEU B 448 -17.47 13.11 -14.04
C LEU B 448 -17.33 14.44 -14.76
N ASP B 449 -16.19 15.12 -14.56
CA ASP B 449 -15.98 16.44 -15.15
C ASP B 449 -15.18 16.45 -16.44
N CYS B 450 -15.06 15.30 -17.08
CA CYS B 450 -14.26 15.22 -18.29
C CYS B 450 -14.90 16.09 -19.38
N THR C 22 -8.85 41.69 -36.86
CA THR C 22 -9.90 41.79 -35.85
C THR C 22 -9.43 42.58 -34.62
N ASP C 23 -10.16 43.65 -34.32
CA ASP C 23 -9.83 44.52 -33.19
C ASP C 23 -10.73 44.16 -32.01
N LEU C 24 -10.23 43.32 -31.11
CA LEU C 24 -11.03 42.86 -29.97
C LEU C 24 -11.42 44.01 -29.04
N ALA C 25 -10.53 44.98 -28.87
CA ALA C 25 -10.86 46.14 -28.04
C ALA C 25 -12.05 46.92 -28.61
N SER C 26 -12.10 47.09 -29.93
CA SER C 26 -13.25 47.77 -30.55
C SER C 26 -14.50 46.93 -30.39
N ILE C 27 -14.38 45.64 -30.63
CA ILE C 27 -15.52 44.75 -30.50
C ILE C 27 -16.04 44.80 -29.07
N ALA C 28 -15.13 44.82 -28.11
CA ALA C 28 -15.53 44.93 -26.69
C ALA C 28 -16.42 46.15 -26.45
N ARG C 29 -16.00 47.30 -26.97
CA ARG C 29 -16.78 48.52 -26.82
C ARG C 29 -18.14 48.40 -27.48
N GLU C 30 -18.17 47.83 -28.68
CA GLU C 30 -19.39 47.75 -29.46
C GLU C 30 -20.42 46.76 -28.93
N LYS C 31 -19.95 45.59 -28.47
CA LYS C 31 -20.84 44.51 -28.04
C LYS C 31 -21.10 44.51 -26.53
N GLY C 32 -20.44 45.39 -25.81
CA GLY C 32 -20.58 45.44 -24.37
C GLY C 32 -19.90 44.26 -23.67
N ILE C 33 -18.71 43.91 -24.14
CA ILE C 33 -17.92 42.87 -23.49
C ILE C 33 -16.99 43.48 -22.45
N GLU C 34 -17.20 43.13 -21.18
CA GLU C 34 -16.41 43.68 -20.09
C GLU C 34 -15.22 42.81 -19.69
N PHE C 35 -15.30 41.51 -19.97
CA PHE C 35 -14.21 40.58 -19.67
C PHE C 35 -14.09 39.54 -20.76
N PHE C 36 -12.87 39.08 -21.00
CA PHE C 36 -12.64 37.99 -21.94
C PHE C 36 -12.08 36.80 -21.19
N LEU C 37 -12.51 35.61 -21.57
CA LEU C 37 -11.91 34.37 -21.10
C LEU C 37 -10.96 33.93 -22.19
N ILE C 38 -9.67 34.03 -21.91
CA ILE C 38 -8.68 33.51 -22.83
C ILE C 38 -8.41 32.08 -22.41
N SER C 39 -8.81 31.14 -23.26
CA SER C 39 -8.90 29.72 -22.91
C SER C 39 -8.07 28.83 -23.81
N PHE C 40 -7.49 27.78 -23.23
CA PHE C 40 -6.84 26.73 -24.00
C PHE C 40 -7.17 25.37 -23.37
N THR C 41 -7.11 24.32 -24.17
CA THR C 41 -7.42 22.97 -23.73
C THR C 41 -6.12 22.23 -23.49
N ASP C 42 -5.98 21.57 -22.34
CA ASP C 42 -4.78 20.81 -22.09
C ASP C 42 -4.91 19.34 -22.51
N LEU C 43 -3.90 18.53 -22.20
CA LEU C 43 -3.84 17.18 -22.73
C LEU C 43 -4.95 16.26 -22.18
N LEU C 44 -5.47 16.60 -20.99
CA LEU C 44 -6.62 15.86 -20.46
C LEU C 44 -7.96 16.48 -20.86
N GLY C 45 -7.94 17.46 -21.75
CA GLY C 45 -9.18 18.11 -22.17
C GLY C 45 -9.68 19.18 -21.20
N VAL C 46 -8.94 19.43 -20.14
CA VAL C 46 -9.35 20.46 -19.17
C VAL C 46 -9.30 21.83 -19.83
N GLN C 47 -10.38 22.60 -19.65
CA GLN C 47 -10.42 23.97 -20.14
C GLN C 47 -9.69 24.90 -19.18
N ARG C 48 -8.58 25.47 -19.64
CA ARG C 48 -7.79 26.38 -18.84
C ARG C 48 -8.08 27.79 -19.31
N ALA C 49 -8.36 28.70 -18.38
CA ALA C 49 -8.75 30.04 -18.79
C ALA C 49 -8.29 31.11 -17.81
N LYS C 50 -8.08 32.31 -18.35
CA LYS C 50 -7.71 33.48 -17.57
C LYS C 50 -8.77 34.55 -17.86
N LEU C 51 -9.22 35.26 -16.82
CA LEU C 51 -10.28 36.24 -16.98
C LEU C 51 -9.67 37.65 -17.07
N VAL C 52 -9.76 38.24 -18.26
CA VAL C 52 -9.08 39.49 -18.56
C VAL C 52 -10.08 40.63 -18.77
N PRO C 53 -9.91 41.73 -18.02
CA PRO C 53 -10.84 42.85 -18.24
C PRO C 53 -10.59 43.51 -19.60
N ALA C 54 -11.62 44.08 -20.18
CA ALA C 54 -11.55 44.61 -21.54
C ALA C 54 -10.37 45.59 -21.76
N ARG C 55 -10.07 46.41 -20.76
CA ARG C 55 -8.93 47.33 -20.84
C ARG C 55 -7.61 46.64 -21.17
N ALA C 56 -7.53 45.32 -20.93
CA ALA C 56 -6.27 44.61 -21.19
C ALA C 56 -6.29 43.68 -22.40
N ILE C 57 -7.37 43.66 -23.16
CA ILE C 57 -7.48 42.68 -24.25
C ILE C 57 -6.49 42.92 -25.40
N ALA C 58 -6.29 44.17 -25.79
CA ALA C 58 -5.35 44.50 -26.86
C ALA C 58 -3.97 43.93 -26.61
N ASP C 59 -3.47 44.11 -25.39
CA ASP C 59 -2.19 43.54 -25.01
C ASP C 59 -2.18 42.01 -25.15
N MET C 60 -3.20 41.35 -24.63
CA MET C 60 -3.29 39.88 -24.66
C MET C 60 -3.34 39.35 -26.09
N ALA C 61 -4.09 40.02 -26.93
CA ALA C 61 -4.30 39.59 -28.31
C ALA C 61 -2.99 39.56 -29.07
N VAL C 62 -2.10 40.49 -28.75
CA VAL C 62 -0.82 40.61 -29.46
C VAL C 62 0.26 39.74 -28.82
N ASN C 63 0.43 39.92 -27.51
CA ASN C 63 1.53 39.29 -26.79
C ASN C 63 1.21 37.88 -26.29
N GLY C 64 -0.07 37.54 -26.23
CA GLY C 64 -0.50 36.30 -25.62
C GLY C 64 -0.74 36.48 -24.12
N ALA C 65 -1.48 35.55 -23.54
CA ALA C 65 -1.75 35.54 -22.10
C ALA C 65 -0.81 34.54 -21.43
N GLY C 66 -0.09 34.96 -20.40
CA GLY C 66 0.91 34.10 -19.78
C GLY C 66 0.32 33.11 -18.80
N PHE C 67 0.80 31.86 -18.84
CA PHE C 67 0.41 30.83 -17.88
C PHE C 67 1.65 30.04 -17.49
N ALA C 68 1.67 29.51 -16.27
CA ALA C 68 2.70 28.57 -15.85
C ALA C 68 2.31 27.17 -16.28
N GLY C 69 2.96 26.67 -17.32
CA GLY C 69 2.49 25.47 -18.02
C GLY C 69 2.44 24.19 -17.23
N PHE C 70 3.37 24.01 -16.31
CA PHE C 70 3.40 22.82 -15.47
C PHE C 70 2.12 22.67 -14.66
N ALA C 71 1.42 23.79 -14.42
CA ALA C 71 0.21 23.74 -13.59
C ALA C 71 -1.01 23.19 -14.35
N ALA C 72 -0.86 22.99 -15.65
CA ALA C 72 -1.87 22.30 -16.44
C ALA C 72 -1.30 20.98 -16.95
N TRP C 73 -2.14 20.18 -17.60
CA TRP C 73 -1.68 18.91 -18.17
C TRP C 73 -0.97 19.16 -19.50
N LEU C 74 0.27 19.64 -19.40
CA LEU C 74 1.07 19.95 -20.59
C LEU C 74 2.46 19.31 -20.56
N ASP C 75 2.76 18.57 -19.48
CA ASP C 75 4.03 17.85 -19.33
C ASP C 75 5.23 18.79 -19.32
N MET C 76 5.16 19.85 -18.52
CA MET C 76 6.23 20.82 -18.48
C MET C 76 6.96 20.78 -17.14
N SER C 77 7.71 21.84 -16.85
CA SER C 77 8.44 21.95 -15.59
C SER C 77 8.09 23.26 -14.91
N PRO C 78 8.04 23.26 -13.57
CA PRO C 78 7.85 24.51 -12.83
C PRO C 78 9.02 25.48 -13.07
N ALA C 79 10.14 24.97 -13.56
CA ALA C 79 11.28 25.84 -13.86
C ALA C 79 11.19 26.48 -15.26
N ASP C 80 10.22 26.05 -16.07
CA ASP C 80 10.09 26.59 -17.43
C ASP C 80 9.59 28.01 -17.43
N ALA C 81 10.02 28.80 -18.42
CA ALA C 81 9.39 30.09 -18.65
C ALA C 81 7.92 29.84 -18.96
N ASP C 82 7.11 30.87 -18.73
CA ASP C 82 5.67 30.79 -18.94
C ASP C 82 5.36 30.46 -20.39
N ILE C 83 4.28 29.74 -20.61
CA ILE C 83 3.75 29.62 -21.96
C ILE C 83 2.91 30.87 -22.21
N LEU C 84 2.73 31.21 -23.48
CA LEU C 84 1.84 32.32 -23.83
C LEU C 84 0.72 31.79 -24.70
N ALA C 85 -0.51 31.98 -24.24
CA ALA C 85 -1.69 31.54 -24.99
C ALA C 85 -2.21 32.68 -25.86
N ILE C 86 -2.06 32.52 -27.16
CA ILE C 86 -2.42 33.57 -28.09
C ILE C 86 -3.82 33.29 -28.63
N PRO C 87 -4.77 34.19 -28.32
CA PRO C 87 -6.16 33.92 -28.69
C PRO C 87 -6.39 34.03 -30.19
N ASP C 88 -7.23 33.16 -30.72
CA ASP C 88 -7.73 33.27 -32.08
C ASP C 88 -8.96 34.17 -32.10
N PRO C 89 -8.80 35.40 -32.61
CA PRO C 89 -9.93 36.34 -32.57
C PRO C 89 -11.14 35.88 -33.38
N GLU C 90 -10.95 35.01 -34.35
CA GLU C 90 -12.07 34.46 -35.11
C GLU C 90 -12.89 33.45 -34.28
N SER C 91 -12.37 33.07 -33.11
CA SER C 91 -13.08 32.07 -32.29
C SER C 91 -14.00 32.70 -31.27
N LEU C 92 -13.99 34.03 -31.20
CA LEU C 92 -14.72 34.76 -30.17
C LEU C 92 -16.17 34.33 -30.04
N ILE C 93 -16.58 34.01 -28.82
CA ILE C 93 -17.99 33.76 -28.52
C ILE C 93 -18.38 34.56 -27.29
N GLN C 94 -19.36 35.44 -27.43
CA GLN C 94 -19.97 36.06 -26.25
C GLN C 94 -20.83 35.01 -25.57
N LEU C 95 -20.54 34.69 -24.32
CA LEU C 95 -21.34 33.66 -23.63
C LEU C 95 -22.81 34.00 -23.75
N PRO C 96 -23.61 33.13 -24.39
CA PRO C 96 -25.03 33.43 -24.61
C PRO C 96 -25.81 33.66 -23.31
N TRP C 97 -25.40 33.00 -22.23
CA TRP C 97 -26.08 33.18 -20.95
C TRP C 97 -25.48 34.32 -20.13
N LYS C 98 -24.40 34.92 -20.64
CA LYS C 98 -23.70 36.03 -19.96
C LYS C 98 -22.87 36.83 -20.97
N PRO C 99 -23.54 37.65 -21.79
CA PRO C 99 -22.91 38.29 -22.95
C PRO C 99 -21.79 39.30 -22.63
N SER C 100 -21.66 39.73 -21.39
CA SER C 100 -20.58 40.65 -21.04
C SER C 100 -19.23 39.94 -20.93
N VAL C 101 -19.22 38.63 -21.18
CA VAL C 101 -18.00 37.83 -21.14
C VAL C 101 -17.75 37.18 -22.49
N GLY C 102 -16.57 37.38 -23.03
CA GLY C 102 -16.24 36.85 -24.34
C GLY C 102 -15.19 35.77 -24.25
N TRP C 103 -15.50 34.60 -24.80
CA TRP C 103 -14.63 33.44 -24.73
C TRP C 103 -13.80 33.35 -25.99
N LEU C 104 -12.49 33.08 -25.81
CA LEU C 104 -11.57 32.92 -26.93
C LEU C 104 -10.74 31.65 -26.75
N ALA C 105 -10.69 30.84 -27.81
CA ALA C 105 -9.80 29.69 -27.87
C ALA C 105 -8.42 30.20 -28.26
N ALA C 106 -7.38 29.54 -27.75
CA ALA C 106 -6.02 30.03 -27.97
C ALA C 106 -5.01 28.92 -28.29
N ASP C 107 -3.94 29.30 -28.98
CA ASP C 107 -2.78 28.43 -29.20
C ASP C 107 -1.72 28.70 -28.16
N VAL C 108 -1.25 27.64 -27.52
CA VAL C 108 -0.17 27.75 -26.56
C VAL C 108 1.17 27.87 -27.30
N HIS C 109 1.91 28.92 -27.00
CA HIS C 109 3.28 29.09 -27.48
C HIS C 109 4.27 28.95 -26.33
N PHE C 110 5.44 28.39 -26.63
CA PHE C 110 6.50 28.25 -25.64
C PHE C 110 7.83 28.63 -26.32
N GLU C 111 8.51 29.60 -25.73
CA GLU C 111 9.82 30.07 -26.23
C GLU C 111 9.75 30.56 -27.67
N GLY C 112 8.67 31.27 -28.01
CA GLY C 112 8.56 31.86 -29.32
C GLY C 112 8.03 30.96 -30.43
N ARG C 113 7.65 29.73 -30.11
CA ARG C 113 7.10 28.82 -31.12
C ARG C 113 5.80 28.17 -30.64
N PRO C 114 4.93 27.77 -31.59
CA PRO C 114 3.76 26.99 -31.18
C PRO C 114 4.22 25.79 -30.38
N PHE C 115 3.52 25.45 -29.31
CA PHE C 115 3.98 24.39 -28.41
C PHE C 115 3.37 23.07 -28.85
N PRO C 116 4.20 22.16 -29.37
CA PRO C 116 3.65 20.94 -29.96
C PRO C 116 2.87 20.05 -28.99
N LYS C 117 3.03 20.22 -27.69
CA LYS C 117 2.31 19.36 -26.74
C LYS C 117 0.87 19.84 -26.52
N ALA C 118 0.56 21.06 -26.96
CA ALA C 118 -0.79 21.59 -26.84
C ALA C 118 -1.70 21.01 -27.92
N PRO C 119 -2.85 20.43 -27.51
CA PRO C 119 -3.79 19.79 -28.44
C PRO C 119 -4.19 20.61 -29.66
N ARG C 120 -4.57 21.87 -29.48
CA ARG C 120 -5.01 22.68 -30.62
C ARG C 120 -3.84 22.90 -31.60
N VAL C 121 -2.64 23.11 -31.07
CA VAL C 121 -1.47 23.25 -31.94
C VAL C 121 -1.17 21.94 -32.66
N ALA C 122 -1.30 20.82 -31.93
CA ALA C 122 -1.12 19.51 -32.53
C ALA C 122 -2.10 19.27 -33.67
N LEU C 123 -3.38 19.58 -33.44
CA LEU C 123 -4.39 19.49 -34.49
C LEU C 123 -4.04 20.37 -35.70
N LYS C 124 -3.70 21.64 -35.45
CA LYS C 124 -3.37 22.52 -36.57
C LYS C 124 -2.19 21.99 -37.39
N SER C 125 -1.21 21.37 -36.73
CA SER C 125 -0.09 20.77 -37.45
C SER C 125 -0.53 19.68 -38.44
N VAL C 126 -1.37 18.75 -37.97
CA VAL C 126 -1.86 17.70 -38.86
C VAL C 126 -2.75 18.24 -39.97
N LEU C 127 -3.56 19.25 -39.67
CA LEU C 127 -4.40 19.88 -40.68
C LEU C 127 -3.51 20.52 -41.76
N ALA C 128 -2.40 21.10 -41.33
CA ALA C 128 -1.50 21.76 -42.27
C ALA C 128 -0.95 20.74 -43.26
N ARG C 129 -0.58 19.56 -42.77
CA ARG C 129 -0.03 18.52 -43.64
C ARG C 129 -1.06 18.07 -44.66
N ALA C 130 -2.28 17.84 -44.20
CA ALA C 130 -3.38 17.45 -45.09
C ALA C 130 -3.69 18.55 -46.11
N ALA C 131 -3.74 19.78 -45.62
CA ALA C 131 -4.09 20.92 -46.47
C ALA C 131 -3.05 21.08 -47.57
N GLY C 132 -1.81 20.75 -47.24
CA GLY C 132 -0.71 20.85 -48.19
C GLY C 132 -0.92 19.92 -49.37
N LYS C 133 -1.78 18.91 -49.17
CA LYS C 133 -2.10 17.97 -50.23
C LYS C 133 -3.53 18.19 -50.70
N ASP C 134 -4.01 19.41 -50.52
CA ASP C 134 -5.38 19.76 -50.87
C ASP C 134 -6.43 18.80 -50.31
N MET C 135 -6.24 18.38 -49.06
CA MET C 135 -7.26 17.58 -48.38
C MET C 135 -7.66 18.24 -47.07
N HIS C 136 -8.92 18.63 -46.96
CA HIS C 136 -9.37 19.37 -45.80
C HIS C 136 -10.38 18.57 -45.00
N LEU C 137 -10.02 18.26 -43.76
CA LEU C 137 -10.92 17.49 -42.90
C LEU C 137 -12.11 18.34 -42.45
N LYS C 138 -13.31 17.79 -42.62
CA LYS C 138 -14.49 18.36 -42.00
C LYS C 138 -15.11 17.27 -41.14
N HIS C 139 -15.61 17.66 -39.97
CA HIS C 139 -16.24 16.68 -39.10
C HIS C 139 -17.35 17.30 -38.27
N GLY C 140 -18.24 16.44 -37.80
CA GLY C 140 -19.30 16.82 -36.88
C GLY C 140 -19.23 15.85 -35.72
N VAL C 141 -19.74 16.27 -34.55
CA VAL C 141 -19.62 15.42 -33.37
C VAL C 141 -20.99 15.29 -32.72
N GLU C 142 -21.32 14.08 -32.28
CA GLU C 142 -22.53 13.84 -31.53
C GLU C 142 -22.14 13.66 -30.07
N CYS C 143 -22.24 14.73 -29.29
CA CYS C 143 -21.70 14.73 -27.94
C CYS C 143 -22.75 14.34 -26.92
N GLU C 144 -22.89 13.04 -26.68
CA GLU C 144 -23.88 12.57 -25.71
C GLU C 144 -23.50 13.01 -24.29
N PHE C 145 -24.50 13.32 -23.47
CA PHE C 145 -24.27 13.66 -22.06
C PHE C 145 -25.42 13.21 -21.17
N PHE C 146 -25.15 13.05 -19.87
CA PHE C 146 -26.21 12.82 -18.90
C PHE C 146 -26.49 14.11 -18.14
N LEU C 147 -27.75 14.33 -17.80
CA LEU C 147 -28.10 15.34 -16.82
C LEU C 147 -28.28 14.64 -15.48
N ILE C 148 -27.46 15.01 -14.50
CA ILE C 148 -27.44 14.32 -13.22
C ILE C 148 -27.64 15.30 -12.07
N GLN C 149 -27.82 14.78 -10.87
CA GLN C 149 -27.94 15.62 -9.67
C GLN C 149 -26.63 16.36 -9.47
N PRO C 150 -26.68 17.54 -8.84
CA PRO C 150 -25.44 18.26 -8.50
C PRO C 150 -24.41 17.35 -7.82
N ASP C 151 -24.82 16.43 -6.95
CA ASP C 151 -23.83 15.58 -6.29
C ASP C 151 -23.36 14.38 -7.12
N GLY C 152 -23.91 14.25 -8.32
CA GLY C 152 -23.46 13.26 -9.28
C GLY C 152 -23.86 11.82 -9.00
N SER C 153 -24.66 11.60 -7.97
CA SER C 153 -24.97 10.24 -7.52
C SER C 153 -26.10 9.56 -8.31
N ALA C 154 -26.91 10.36 -8.99
CA ALA C 154 -28.05 9.83 -9.71
C ALA C 154 -28.45 10.79 -10.81
N ILE C 155 -29.23 10.31 -11.78
CA ILE C 155 -29.71 11.19 -12.84
C ILE C 155 -30.66 12.23 -12.28
N SER C 156 -30.88 13.29 -13.05
CA SER C 156 -31.59 14.45 -12.54
C SER C 156 -33.10 14.21 -12.46
N ASP C 157 -33.58 13.23 -13.21
CA ASP C 157 -35.04 12.96 -13.33
C ASP C 157 -35.38 11.58 -12.79
N PRO C 158 -35.82 11.52 -11.53
CA PRO C 158 -36.14 10.24 -10.88
C PRO C 158 -37.31 9.52 -11.55
N ALA C 159 -38.05 10.21 -12.41
CA ALA C 159 -39.19 9.61 -13.13
C ALA C 159 -38.77 8.94 -14.44
N ASP C 160 -37.48 9.06 -14.76
CA ASP C 160 -36.95 8.48 -16.00
C ASP C 160 -36.37 7.11 -15.64
N THR C 161 -37.19 6.06 -15.71
CA THR C 161 -36.79 4.76 -15.17
C THR C 161 -36.93 3.54 -16.11
N GLN C 162 -37.68 3.68 -17.19
CA GLN C 162 -38.03 2.50 -17.98
C GLN C 162 -36.84 1.84 -18.67
N ALA C 163 -37.01 0.56 -19.00
CA ALA C 163 -35.95 -0.25 -19.60
C ALA C 163 -35.39 0.31 -20.91
N LYS C 164 -36.30 0.73 -21.79
CA LYS C 164 -35.95 1.36 -23.07
C LYS C 164 -36.43 2.81 -23.08
N PRO C 165 -35.60 3.74 -22.57
CA PRO C 165 -36.01 5.14 -22.48
C PRO C 165 -35.65 5.98 -23.70
N CYS C 166 -35.05 5.38 -24.72
CA CYS C 166 -34.57 6.17 -25.86
C CYS C 166 -35.70 6.92 -26.54
N TYR C 167 -35.45 8.19 -26.81
CA TYR C 167 -36.45 9.07 -27.42
C TYR C 167 -37.74 9.22 -26.58
N ASP C 168 -37.67 8.95 -25.28
CA ASP C 168 -38.88 9.04 -24.45
C ASP C 168 -39.46 10.44 -24.48
N GLN C 169 -40.67 10.57 -25.00
CA GLN C 169 -41.31 11.87 -25.13
C GLN C 169 -41.46 12.59 -23.78
N ASP C 170 -41.91 11.84 -22.77
CA ASP C 170 -42.16 12.42 -21.45
C ASP C 170 -40.89 13.00 -20.83
N ALA C 171 -39.82 12.22 -20.81
CA ALA C 171 -38.57 12.63 -20.15
C ALA C 171 -37.88 13.75 -20.94
N LEU C 172 -37.96 13.67 -22.26
CA LEU C 172 -37.43 14.72 -23.11
C LEU C 172 -38.11 16.06 -22.74
N MET C 173 -39.43 16.07 -22.70
CA MET C 173 -40.12 17.33 -22.40
C MET C 173 -39.95 17.75 -20.93
N ARG C 174 -39.64 16.81 -20.05
CA ARG C 174 -39.40 17.18 -18.66
C ARG C 174 -38.13 18.06 -18.57
N ARG C 175 -37.25 17.94 -19.56
CA ARG C 175 -36.04 18.79 -19.60
C ARG C 175 -36.09 19.76 -20.76
N PHE C 176 -37.29 20.11 -21.20
CA PHE C 176 -37.43 21.03 -22.33
C PHE C 176 -36.73 22.36 -22.07
N ASP C 177 -36.90 22.92 -20.88
CA ASP C 177 -36.33 24.24 -20.62
C ASP C 177 -34.82 24.31 -20.83
N VAL C 178 -34.08 23.36 -20.28
CA VAL C 178 -32.63 23.40 -20.39
C VAL C 178 -32.18 23.09 -21.83
N ILE C 179 -32.80 22.08 -22.43
CA ILE C 179 -32.48 21.68 -23.81
C ILE C 179 -32.80 22.80 -24.80
N ALA C 180 -33.96 23.42 -24.64
CA ALA C 180 -34.39 24.47 -25.56
C ALA C 180 -33.51 25.71 -25.44
N GLU C 181 -33.13 26.05 -24.21
CA GLU C 181 -32.24 27.20 -24.00
C GLU C 181 -30.92 27.04 -24.77
N ILE C 182 -30.31 25.87 -24.63
CA ILE C 182 -29.01 25.62 -25.27
C ILE C 182 -29.15 25.51 -26.77
N CYS C 183 -30.20 24.84 -27.23
CA CYS C 183 -30.46 24.75 -28.65
C CYS C 183 -30.64 26.14 -29.28
N SER C 184 -31.47 27.00 -28.66
CA SER C 184 -31.63 28.37 -29.15
C SER C 184 -30.29 29.13 -29.16
N TYR C 185 -29.45 28.88 -28.16
CA TYR C 185 -28.11 29.48 -28.12
C TYR C 185 -27.32 29.10 -29.36
N MET C 186 -27.37 27.81 -29.69
CA MET C 186 -26.65 27.29 -30.84
C MET C 186 -27.20 27.86 -32.14
N VAL C 187 -28.52 28.06 -32.17
CA VAL C 187 -29.12 28.73 -33.32
C VAL C 187 -28.49 30.12 -33.48
N ASP C 188 -28.50 30.90 -32.40
CA ASP C 188 -27.96 32.25 -32.43
C ASP C 188 -26.48 32.31 -32.78
N LEU C 189 -25.72 31.31 -32.34
CA LEU C 189 -24.28 31.26 -32.62
C LEU C 189 -23.98 30.89 -34.08
N GLY C 190 -24.99 30.45 -34.80
CA GLY C 190 -24.80 30.08 -36.20
C GLY C 190 -24.29 28.67 -36.43
N TRP C 191 -24.42 27.80 -35.43
CA TRP C 191 -23.93 26.42 -35.54
C TRP C 191 -24.87 25.51 -36.32
N GLY C 192 -26.08 25.99 -36.59
CA GLY C 192 -27.07 25.19 -37.31
C GLY C 192 -27.53 23.93 -36.58
N PRO C 193 -28.04 24.09 -35.34
CA PRO C 193 -28.54 22.91 -34.62
C PRO C 193 -29.81 22.41 -35.32
N TYR C 194 -30.08 21.10 -35.31
CA TYR C 194 -31.22 20.57 -36.05
C TYR C 194 -31.97 19.42 -35.37
N GLN C 195 -31.46 18.93 -34.24
CA GLN C 195 -32.20 17.91 -33.49
C GLN C 195 -31.72 17.73 -32.06
N ASN C 196 -32.68 17.44 -31.18
CA ASN C 196 -32.41 17.21 -29.76
C ASN C 196 -33.11 15.93 -29.33
N ASP C 197 -32.35 14.98 -28.79
CA ASP C 197 -32.93 13.69 -28.42
C ASP C 197 -32.69 13.29 -26.97
N HIS C 198 -33.64 12.56 -26.42
CA HIS C 198 -33.34 11.72 -25.27
C HIS C 198 -32.61 10.48 -25.83
N GLU C 199 -31.41 10.18 -25.34
CA GLU C 199 -30.66 9.04 -25.87
C GLU C 199 -30.98 7.73 -25.13
N ASP C 200 -30.17 6.70 -25.36
CA ASP C 200 -30.58 5.34 -24.99
C ASP C 200 -30.53 5.04 -23.49
N ALA C 201 -29.73 5.78 -22.74
CA ALA C 201 -29.65 5.59 -21.29
C ALA C 201 -30.64 6.50 -20.57
N ASN C 202 -31.20 6.04 -19.44
CA ASN C 202 -32.04 6.94 -18.65
C ASN C 202 -31.21 8.19 -18.29
N GLY C 203 -31.79 9.38 -18.46
CA GLY C 203 -31.06 10.58 -18.11
C GLY C 203 -30.07 11.13 -19.13
N GLN C 204 -30.01 10.51 -20.30
CA GLN C 204 -29.02 10.84 -21.32
C GLN C 204 -29.63 11.57 -22.51
N PHE C 205 -28.94 12.60 -22.99
CA PHE C 205 -29.43 13.43 -24.10
C PHE C 205 -28.34 13.71 -25.14
N GLU C 206 -28.75 14.30 -26.27
CA GLU C 206 -27.80 14.67 -27.31
C GLU C 206 -28.43 15.77 -28.16
N MET C 207 -27.61 16.75 -28.53
CA MET C 207 -28.06 17.88 -29.33
C MET C 207 -27.09 18.05 -30.49
N ASN C 208 -27.56 17.83 -31.72
CA ASN C 208 -26.67 17.87 -32.88
C ASN C 208 -26.57 19.24 -33.52
N TRP C 209 -25.44 19.52 -34.17
CA TRP C 209 -25.31 20.75 -34.95
C TRP C 209 -24.47 20.47 -36.21
N ASP C 210 -24.48 21.41 -37.15
CA ASP C 210 -23.85 21.19 -38.47
C ASP C 210 -22.35 20.94 -38.40
N TYR C 211 -21.85 20.04 -39.24
CA TYR C 211 -20.43 19.82 -39.37
C TYR C 211 -19.74 21.06 -39.93
N ALA C 212 -18.41 21.08 -39.87
CA ALA C 212 -17.66 22.21 -40.37
C ALA C 212 -16.20 21.84 -40.53
N ASP C 213 -15.38 22.78 -40.98
CA ASP C 213 -13.94 22.57 -41.00
C ASP C 213 -13.49 22.08 -39.62
N ALA C 214 -12.61 21.08 -39.59
CA ALA C 214 -12.19 20.45 -38.36
C ALA C 214 -11.83 21.42 -37.22
N LEU C 215 -11.13 22.50 -37.52
CA LEU C 215 -10.74 23.43 -36.45
C LEU C 215 -11.97 24.19 -35.89
N VAL C 216 -12.89 24.57 -36.77
CA VAL C 216 -14.14 25.18 -36.32
C VAL C 216 -14.93 24.25 -35.39
N THR C 217 -15.08 22.99 -35.79
CA THR C 217 -15.84 22.01 -35.03
C THR C 217 -15.16 21.72 -33.70
N ALA C 218 -13.83 21.65 -33.72
CA ALA C 218 -13.06 21.42 -32.51
C ALA C 218 -13.27 22.54 -31.51
N ASP C 219 -13.15 23.79 -31.95
CA ASP C 219 -13.41 24.91 -31.06
C ASP C 219 -14.86 24.87 -30.55
N ARG C 220 -15.78 24.55 -31.45
CA ARG C 220 -17.19 24.50 -31.07
C ARG C 220 -17.42 23.39 -30.03
N HIS C 221 -16.72 22.28 -30.21
CA HIS C 221 -16.86 21.10 -29.36
C HIS C 221 -16.39 21.45 -27.94
N ALA C 222 -15.24 22.13 -27.86
CA ALA C 222 -14.70 22.58 -26.58
C ALA C 222 -15.66 23.56 -25.90
N PHE C 223 -16.25 24.48 -26.67
CA PHE C 223 -17.14 25.44 -26.05
C PHE C 223 -18.46 24.79 -25.62
N PHE C 224 -18.97 23.91 -26.49
CA PHE C 224 -20.24 23.24 -26.22
C PHE C 224 -20.27 22.54 -24.87
N LYS C 225 -19.19 21.81 -24.55
CA LYS C 225 -19.19 21.09 -23.29
C LYS C 225 -19.28 22.07 -22.12
N PHE C 226 -18.56 23.18 -22.23
CA PHE C 226 -18.56 24.22 -21.23
C PHE C 226 -19.94 24.87 -21.11
N MET C 227 -20.54 25.14 -22.26
CA MET C 227 -21.88 25.72 -22.30
C MET C 227 -22.95 24.79 -21.66
N VAL C 228 -22.93 23.50 -22.00
CA VAL C 228 -23.90 22.55 -21.43
C VAL C 228 -23.74 22.42 -19.92
N LYS C 229 -22.50 22.31 -19.46
CA LYS C 229 -22.25 22.24 -18.03
C LYS C 229 -22.72 23.50 -17.30
N SER C 230 -22.44 24.66 -17.89
CA SER C 230 -22.74 25.94 -17.26
C SER C 230 -24.25 26.17 -17.16
N VAL C 231 -24.94 25.97 -18.27
CA VAL C 231 -26.37 26.15 -18.29
C VAL C 231 -27.08 25.14 -17.39
N ALA C 232 -26.64 23.89 -17.43
CA ALA C 232 -27.21 22.90 -16.51
C ALA C 232 -27.09 23.36 -15.07
N GLU C 233 -25.92 23.88 -14.71
CA GLU C 233 -25.71 24.37 -13.34
C GLU C 233 -26.66 25.52 -13.02
N ARG C 234 -26.89 26.41 -13.99
CA ARG C 234 -27.84 27.51 -13.79
C ARG C 234 -29.28 27.01 -13.52
N HIS C 235 -29.58 25.80 -13.98
CA HIS C 235 -30.91 25.19 -13.75
C HIS C 235 -30.93 24.26 -12.54
N GLY C 236 -29.87 24.26 -11.74
CA GLY C 236 -29.80 23.37 -10.59
C GLY C 236 -29.54 21.92 -10.96
N LEU C 237 -28.96 21.71 -12.13
CA LEU C 237 -28.63 20.37 -12.60
C LEU C 237 -27.12 20.29 -12.81
N ARG C 238 -26.66 19.15 -13.30
CA ARG C 238 -25.24 18.96 -13.60
C ARG C 238 -25.20 18.09 -14.84
N ALA C 239 -24.28 18.39 -15.75
CA ALA C 239 -24.12 17.59 -16.96
C ALA C 239 -22.79 16.85 -16.90
N THR C 240 -22.77 15.62 -17.37
CA THR C 240 -21.52 14.87 -17.45
C THR C 240 -21.35 14.21 -18.81
N PHE C 241 -20.12 14.29 -19.32
CA PHE C 241 -19.71 13.65 -20.57
C PHE C 241 -18.91 12.38 -20.28
N MET C 242 -18.98 11.93 -19.03
CA MET C 242 -18.27 10.74 -18.59
C MET C 242 -18.64 9.56 -19.47
N PRO C 243 -17.64 8.76 -19.86
CA PRO C 243 -17.91 7.65 -20.81
C PRO C 243 -18.89 6.61 -20.26
N LYS C 244 -18.75 6.24 -18.99
CA LYS C 244 -19.65 5.23 -18.42
C LYS C 244 -20.01 5.61 -16.99
N PRO C 245 -20.95 6.55 -16.82
CA PRO C 245 -21.28 7.00 -15.47
C PRO C 245 -22.19 6.03 -14.71
N PHE C 246 -22.84 5.10 -15.42
CA PHE C 246 -23.73 4.13 -14.76
C PHE C 246 -23.48 2.71 -15.26
N ALA C 247 -23.24 1.79 -14.32
CA ALA C 247 -22.72 0.46 -14.64
C ALA C 247 -23.56 -0.34 -15.64
N HIS C 248 -24.87 -0.20 -15.57
CA HIS C 248 -25.76 -1.04 -16.39
C HIS C 248 -26.50 -0.26 -17.47
N LEU C 249 -26.13 1.02 -17.62
CA LEU C 249 -26.70 1.86 -18.67
C LEU C 249 -25.71 2.11 -19.80
N THR C 250 -26.27 2.38 -20.98
CA THR C 250 -25.48 2.82 -22.12
C THR C 250 -24.58 4.00 -21.72
N GLY C 251 -23.38 4.09 -22.31
CA GLY C 251 -22.48 5.17 -21.99
C GLY C 251 -22.54 6.35 -22.95
N ASN C 252 -21.70 7.35 -22.70
CA ASN C 252 -21.63 8.54 -23.52
C ASN C 252 -20.65 8.35 -24.67
N GLY C 253 -21.17 8.20 -25.88
CA GLY C 253 -20.34 8.22 -27.07
C GLY C 253 -20.04 9.66 -27.49
N CYS C 254 -19.04 9.81 -28.36
CA CYS C 254 -18.88 11.04 -29.12
C CYS C 254 -18.68 10.59 -30.56
N HIS C 255 -19.78 10.21 -31.20
CA HIS C 255 -19.69 9.69 -32.56
C HIS C 255 -19.25 10.80 -33.49
N THR C 256 -18.21 10.53 -34.28
CA THR C 256 -17.60 11.56 -35.10
C THR C 256 -17.80 11.30 -36.58
N HIS C 257 -18.43 12.25 -37.25
CA HIS C 257 -18.72 12.12 -38.67
C HIS C 257 -17.68 12.86 -39.49
N LEU C 258 -17.13 12.20 -40.51
CA LEU C 258 -15.87 12.61 -41.13
C LEU C 258 -15.95 12.58 -42.64
N SER C 259 -15.45 13.65 -43.27
CA SER C 259 -15.23 13.67 -44.71
C SER C 259 -14.02 14.55 -45.03
N MET C 260 -13.49 14.41 -46.24
CA MET C 260 -12.29 15.13 -46.66
C MET C 260 -12.61 15.90 -47.93
N TRP C 261 -12.22 17.17 -47.99
CA TRP C 261 -12.66 18.04 -49.08
C TRP C 261 -11.47 18.74 -49.74
N THR C 262 -11.61 18.99 -51.05
CA THR C 262 -10.64 19.82 -51.76
C THR C 262 -10.97 21.28 -51.48
N ALA C 263 -9.99 22.15 -51.61
CA ALA C 263 -10.20 23.57 -51.43
C ALA C 263 -11.29 24.09 -52.37
N ALA C 264 -11.39 23.47 -53.55
CA ALA C 264 -12.40 23.84 -54.54
C ALA C 264 -13.82 23.56 -54.06
N GLY C 265 -13.96 22.60 -53.16
CA GLY C 265 -15.26 22.33 -52.54
C GLY C 265 -15.88 21.00 -52.94
N ASP C 266 -15.04 20.03 -53.27
CA ASP C 266 -15.53 18.72 -53.67
C ASP C 266 -15.27 17.72 -52.56
N ASN C 267 -16.30 16.98 -52.14
CA ASN C 267 -16.13 15.96 -51.11
C ASN C 267 -15.43 14.73 -51.68
N LEU C 268 -14.18 14.53 -51.26
CA LEU C 268 -13.35 13.45 -51.81
C LEU C 268 -13.86 12.08 -51.45
N PHE C 269 -14.70 12.01 -50.41
CA PHE C 269 -15.23 10.72 -49.95
C PHE C 269 -16.40 10.26 -50.81
N GLU C 270 -17.01 11.17 -51.55
CA GLU C 270 -18.10 10.84 -52.46
C GLU C 270 -17.57 10.02 -53.63
N GLY C 271 -18.17 8.87 -53.93
CA GLY C 271 -17.68 8.05 -55.01
C GLY C 271 -18.66 7.04 -55.61
N ASP C 272 -18.11 6.10 -56.39
CA ASP C 272 -18.92 5.10 -57.08
C ASP C 272 -18.68 3.70 -56.50
N GLY C 273 -17.89 3.63 -55.45
CA GLY C 273 -17.66 2.37 -54.77
C GLY C 273 -18.90 1.97 -53.99
N GLU C 274 -18.79 0.89 -53.22
CA GLU C 274 -19.87 0.45 -52.35
C GLU C 274 -20.40 1.62 -51.52
N LEU C 275 -21.72 1.72 -51.41
CA LEU C 275 -22.37 2.66 -50.51
C LEU C 275 -22.12 4.14 -50.84
N GLY C 276 -21.67 4.41 -52.05
CA GLY C 276 -21.45 5.77 -52.49
C GLY C 276 -20.17 6.38 -51.96
N LEU C 277 -19.21 5.52 -51.61
CA LEU C 277 -17.91 5.97 -51.12
C LEU C 277 -16.85 5.82 -52.22
N SER C 278 -15.81 6.65 -52.16
CA SER C 278 -14.71 6.60 -53.11
C SER C 278 -13.55 5.75 -52.59
N PRO C 279 -12.60 5.41 -53.47
CA PRO C 279 -11.39 4.73 -53.02
C PRO C 279 -10.63 5.54 -51.97
N THR C 280 -10.69 6.87 -52.07
CA THR C 280 -10.09 7.72 -51.05
C THR C 280 -10.74 7.45 -49.69
N ALA C 281 -12.07 7.46 -49.67
CA ALA C 281 -12.82 7.16 -48.46
C ALA C 281 -12.38 5.80 -47.88
N TYR C 282 -12.30 4.77 -48.73
CA TYR C 282 -11.97 3.43 -48.24
C TYR C 282 -10.51 3.28 -47.78
N ALA C 283 -9.61 4.05 -48.39
CA ALA C 283 -8.22 4.06 -47.93
C ALA C 283 -8.09 4.78 -46.59
N PHE C 284 -8.79 5.90 -46.46
CA PHE C 284 -8.88 6.60 -45.17
C PHE C 284 -9.41 5.64 -44.12
N LEU C 285 -10.48 4.92 -44.45
CA LEU C 285 -11.06 3.95 -43.53
C LEU C 285 -10.02 2.87 -43.22
N GLY C 286 -9.24 2.48 -44.22
CA GLY C 286 -8.18 1.52 -44.01
C GLY C 286 -7.17 1.99 -42.97
N GLY C 287 -6.93 3.30 -42.93
CA GLY C 287 -6.04 3.86 -41.93
C GLY C 287 -6.62 3.75 -40.54
N LEU C 288 -7.91 4.06 -40.40
CA LEU C 288 -8.63 3.91 -39.13
C LEU C 288 -8.60 2.48 -38.60
N ILE C 289 -8.84 1.53 -39.49
CA ILE C 289 -8.81 0.12 -39.10
C ILE C 289 -7.39 -0.29 -38.73
N GLY C 290 -6.44 0.06 -39.59
CA GLY C 290 -5.05 -0.30 -39.36
C GLY C 290 -4.48 0.29 -38.08
N HIS C 291 -4.86 1.52 -37.77
CA HIS C 291 -4.30 2.21 -36.61
C HIS C 291 -5.25 2.23 -35.40
N ALA C 292 -6.28 1.39 -35.43
CA ALA C 292 -7.34 1.44 -34.43
C ALA C 292 -6.86 1.23 -32.99
N LYS C 293 -5.92 0.31 -32.76
CA LYS C 293 -5.49 0.03 -31.39
C LYS C 293 -4.85 1.26 -30.74
N GLY C 294 -3.95 1.93 -31.44
CA GLY C 294 -3.34 3.16 -30.95
C GLY C 294 -4.36 4.30 -30.88
N LEU C 295 -5.24 4.36 -31.87
CA LEU C 295 -6.27 5.39 -31.94
C LEU C 295 -7.16 5.34 -30.69
N THR C 296 -7.44 4.13 -30.23
CA THR C 296 -8.24 3.92 -29.02
C THR C 296 -7.70 4.67 -27.78
N ALA C 297 -6.39 4.69 -27.62
CA ALA C 297 -5.80 5.38 -26.47
C ALA C 297 -6.19 6.86 -26.44
N VAL C 298 -6.23 7.48 -27.62
CA VAL C 298 -6.54 8.90 -27.71
C VAL C 298 -8.04 9.19 -27.62
N VAL C 299 -8.86 8.45 -28.37
CA VAL C 299 -10.30 8.72 -28.41
C VAL C 299 -11.07 8.03 -27.28
N ASN C 300 -10.39 7.17 -26.54
CA ASN C 300 -10.91 6.59 -25.31
C ASN C 300 -9.88 6.78 -24.19
N PRO C 301 -9.72 8.03 -23.73
CA PRO C 301 -8.52 8.44 -22.99
C PRO C 301 -8.55 8.24 -21.48
N THR C 302 -9.57 7.56 -20.95
CA THR C 302 -9.66 7.40 -19.49
C THR C 302 -9.80 5.94 -19.11
N VAL C 303 -9.48 5.61 -17.86
CA VAL C 303 -9.75 4.25 -17.37
C VAL C 303 -11.22 3.87 -17.60
N ASN C 304 -12.11 4.78 -17.25
CA ASN C 304 -13.56 4.58 -17.36
C ASN C 304 -14.02 4.30 -18.80
N SER C 305 -13.28 4.82 -19.77
CA SER C 305 -13.59 4.62 -21.19
C SER C 305 -13.73 3.14 -21.52
N TYR C 306 -12.99 2.32 -20.79
CA TYR C 306 -12.89 0.90 -21.11
C TYR C 306 -13.99 0.10 -20.48
N LYS C 307 -14.86 0.79 -19.73
CA LYS C 307 -16.09 0.20 -19.24
C LYS C 307 -17.26 0.45 -20.21
N ARG C 308 -17.07 1.41 -21.11
CA ARG C 308 -18.03 1.64 -22.21
C ARG C 308 -17.75 0.70 -23.39
N LEU C 309 -16.48 0.57 -23.74
CA LEU C 309 -16.09 -0.35 -24.82
C LEU C 309 -16.18 -1.77 -24.27
N ASN C 310 -16.61 -2.71 -25.11
CA ASN C 310 -16.67 -4.09 -24.69
C ASN C 310 -17.43 -4.27 -23.40
N ALA C 311 -18.59 -3.62 -23.30
CA ALA C 311 -19.38 -3.64 -22.09
C ALA C 311 -20.41 -4.76 -22.13
N PRO C 312 -20.75 -5.31 -20.97
CA PRO C 312 -21.86 -6.28 -20.97
C PRO C 312 -23.16 -5.62 -21.40
N VAL C 313 -24.05 -6.38 -22.04
CA VAL C 313 -25.28 -5.81 -22.58
C VAL C 313 -26.04 -5.03 -21.51
N THR C 314 -26.68 -3.94 -21.93
CA THR C 314 -27.31 -3.03 -20.98
C THR C 314 -28.77 -3.38 -20.78
N VAL C 315 -29.43 -2.67 -19.86
CA VAL C 315 -30.85 -2.89 -19.60
C VAL C 315 -31.72 -2.62 -20.83
N SER C 316 -31.23 -1.79 -21.75
CA SER C 316 -31.96 -1.44 -22.95
C SER C 316 -31.71 -2.39 -24.12
N GLY C 317 -30.82 -3.36 -23.93
CA GLY C 317 -30.65 -4.40 -24.94
C GLY C 317 -29.44 -4.26 -25.85
N ALA C 318 -28.77 -3.12 -25.82
CA ALA C 318 -27.53 -2.96 -26.58
C ALA C 318 -26.66 -1.86 -25.98
N THR C 319 -25.34 -2.02 -26.12
CA THR C 319 -24.41 -1.01 -25.63
C THR C 319 -24.28 0.15 -26.62
N TRP C 320 -24.50 -0.12 -27.90
CA TRP C 320 -24.30 0.87 -28.97
C TRP C 320 -22.86 1.38 -29.06
N SER C 321 -21.94 0.70 -28.39
CA SER C 321 -20.52 1.05 -28.54
C SER C 321 -19.76 -0.11 -29.18
N PRO C 322 -18.60 0.18 -29.77
CA PRO C 322 -17.81 -0.85 -30.46
C PRO C 322 -17.14 -1.85 -29.51
N ASN C 323 -17.01 -3.09 -29.97
CA ASN C 323 -16.25 -4.12 -29.27
C ASN C 323 -15.04 -4.54 -30.08
N THR C 324 -15.12 -4.34 -31.39
CA THR C 324 -14.18 -4.94 -32.33
C THR C 324 -13.70 -3.91 -33.34
N ILE C 325 -12.57 -4.22 -33.98
CA ILE C 325 -12.04 -3.38 -35.04
C ILE C 325 -12.64 -3.83 -36.35
N THR C 326 -13.82 -3.29 -36.66
CA THR C 326 -14.58 -3.70 -37.82
C THR C 326 -15.42 -2.54 -38.30
N TYR C 327 -15.93 -2.64 -39.53
CA TYR C 327 -16.88 -1.66 -40.01
C TYR C 327 -18.06 -2.33 -40.67
N GLY C 328 -19.18 -1.61 -40.72
CA GLY C 328 -20.39 -2.08 -41.35
C GLY C 328 -20.93 -1.01 -42.28
N GLY C 329 -22.15 -1.21 -42.77
CA GLY C 329 -22.80 -0.20 -43.57
C GLY C 329 -23.49 0.78 -42.65
N ASN C 330 -24.79 0.96 -42.85
CA ASN C 330 -25.60 1.79 -41.97
C ASN C 330 -25.98 0.94 -40.76
N ASN C 331 -25.03 0.76 -39.86
CA ASN C 331 -25.04 -0.33 -38.89
C ASN C 331 -24.27 0.15 -37.66
N ARG C 332 -24.95 0.20 -36.52
CA ARG C 332 -24.35 0.82 -35.33
C ARG C 332 -23.69 -0.16 -34.36
N THR C 333 -23.31 -1.35 -34.84
CA THR C 333 -22.69 -2.33 -33.96
C THR C 333 -21.18 -2.45 -34.14
N HIS C 334 -20.62 -1.59 -34.99
CA HIS C 334 -19.20 -1.63 -35.32
C HIS C 334 -18.40 -0.43 -34.83
N MET C 335 -17.09 -0.48 -35.07
CA MET C 335 -16.21 0.65 -34.79
C MET C 335 -16.51 1.79 -35.75
N VAL C 336 -16.76 1.45 -37.00
CA VAL C 336 -17.11 2.45 -38.00
C VAL C 336 -18.43 2.09 -38.65
N ARG C 337 -19.25 3.11 -38.84
CA ARG C 337 -20.51 2.96 -39.54
C ARG C 337 -20.47 3.84 -40.78
N ILE C 338 -21.05 3.36 -41.87
CA ILE C 338 -21.23 4.22 -43.05
C ILE C 338 -22.69 4.64 -43.11
N PRO C 339 -22.97 5.87 -42.66
CA PRO C 339 -24.35 6.34 -42.51
C PRO C 339 -25.00 6.67 -43.85
N ASP C 340 -24.18 7.06 -44.83
CA ASP C 340 -24.69 7.52 -46.12
C ASP C 340 -23.49 7.77 -47.02
N ALA C 341 -23.73 8.10 -48.29
CA ALA C 341 -22.64 8.37 -49.20
C ALA C 341 -21.84 9.59 -48.77
N GLY C 342 -20.53 9.55 -48.97
CA GLY C 342 -19.69 10.72 -48.75
C GLY C 342 -19.18 10.98 -47.34
N ARG C 343 -19.36 10.03 -46.43
CA ARG C 343 -18.81 10.20 -45.08
C ARG C 343 -18.75 8.94 -44.23
N LEU C 344 -17.90 8.99 -43.20
CA LEU C 344 -17.71 7.89 -42.28
C LEU C 344 -18.12 8.33 -40.89
N GLU C 345 -18.78 7.46 -40.13
CA GLU C 345 -18.97 7.71 -38.71
C GLU C 345 -18.03 6.83 -37.88
N LEU C 346 -17.12 7.46 -37.16
CA LEU C 346 -16.29 6.73 -36.21
C LEU C 346 -17.01 6.68 -34.87
N ARG C 347 -17.41 5.48 -34.46
CA ARG C 347 -18.23 5.34 -33.27
C ARG C 347 -17.36 5.09 -32.03
N LEU C 348 -16.06 4.93 -32.26
CA LEU C 348 -15.10 4.65 -31.19
C LEU C 348 -15.04 5.69 -30.05
N PRO C 349 -14.91 6.99 -30.37
CA PRO C 349 -14.68 7.98 -29.30
C PRO C 349 -15.79 8.05 -28.27
N ASP C 350 -15.43 8.45 -27.06
CA ASP C 350 -16.41 8.64 -26.01
C ASP C 350 -16.44 10.11 -25.58
N GLY C 351 -17.24 10.43 -24.57
CA GLY C 351 -17.41 11.80 -24.13
C GLY C 351 -16.18 12.43 -23.50
N ALA C 352 -15.18 11.62 -23.12
CA ALA C 352 -13.91 12.19 -22.62
C ALA C 352 -12.90 12.58 -23.71
N ALA C 353 -13.16 12.19 -24.96
CA ALA C 353 -12.22 12.46 -26.05
C ALA C 353 -11.88 13.95 -26.16
N ASN C 354 -10.60 14.27 -26.20
CA ASN C 354 -10.15 15.63 -26.39
C ASN C 354 -10.68 16.21 -27.71
N PRO C 355 -11.37 17.36 -27.65
CA PRO C 355 -11.91 17.98 -28.87
C PRO C 355 -10.85 18.25 -29.95
N TYR C 356 -9.58 18.42 -29.55
CA TYR C 356 -8.52 18.67 -30.53
C TYR C 356 -7.72 17.42 -30.87
N LEU C 357 -7.27 16.71 -29.83
CA LEU C 357 -6.53 15.48 -30.06
C LEU C 357 -7.30 14.45 -30.86
N MET C 358 -8.61 14.37 -30.66
CA MET C 358 -9.39 13.33 -31.34
C MET C 358 -9.39 13.47 -32.87
N PRO C 359 -9.81 14.62 -33.40
CA PRO C 359 -9.72 14.83 -34.85
C PRO C 359 -8.27 14.75 -35.33
N ALA C 360 -7.31 15.21 -34.52
CA ALA C 360 -5.90 15.12 -34.90
C ALA C 360 -5.44 13.68 -35.13
N ALA C 361 -5.80 12.80 -34.19
CA ALA C 361 -5.39 11.40 -34.27
C ALA C 361 -6.13 10.67 -35.39
N ILE C 362 -7.42 10.97 -35.53
CA ILE C 362 -8.23 10.38 -36.57
C ILE C 362 -7.62 10.76 -37.94
N LEU C 363 -7.26 12.03 -38.08
CA LEU C 363 -6.70 12.53 -39.34
C LEU C 363 -5.33 11.93 -39.65
N ALA C 364 -4.49 11.83 -38.63
CA ALA C 364 -3.17 11.23 -38.83
C ALA C 364 -3.31 9.78 -39.34
N ALA C 365 -4.21 9.02 -38.71
CA ALA C 365 -4.48 7.65 -39.12
C ALA C 365 -5.06 7.60 -40.53
N GLY C 366 -6.00 8.49 -40.82
CA GLY C 366 -6.64 8.53 -42.12
C GLY C 366 -5.68 8.89 -43.24
N LEU C 367 -4.87 9.92 -43.01
CA LEU C 367 -3.87 10.33 -43.98
C LEU C 367 -2.93 9.17 -44.29
N ASP C 368 -2.48 8.46 -43.27
CA ASP C 368 -1.59 7.34 -43.50
C ASP C 368 -2.30 6.29 -44.36
N GLY C 369 -3.59 6.09 -44.07
CA GLY C 369 -4.38 5.13 -44.83
C GLY C 369 -4.40 5.50 -46.29
N ILE C 370 -4.62 6.78 -46.56
CA ILE C 370 -4.64 7.29 -47.92
C ILE C 370 -3.27 7.12 -48.57
N GLU C 371 -2.22 7.41 -47.80
CA GLU C 371 -0.86 7.34 -48.30
C GLU C 371 -0.47 5.92 -48.73
N THR C 372 -0.92 4.93 -47.98
CA THR C 372 -0.51 3.55 -48.20
C THR C 372 -1.57 2.73 -48.92
N GLN C 373 -2.63 3.40 -49.38
CA GLN C 373 -3.80 2.72 -49.91
C GLN C 373 -4.22 1.54 -49.03
N ALA C 374 -4.40 1.81 -47.74
CA ALA C 374 -4.77 0.74 -46.80
C ALA C 374 -6.08 0.06 -47.19
N ASP C 375 -6.12 -1.26 -46.99
CA ASP C 375 -7.34 -2.03 -47.20
C ASP C 375 -8.07 -2.17 -45.87
N PRO C 376 -9.29 -1.65 -45.81
CA PRO C 376 -10.12 -1.71 -44.60
C PRO C 376 -10.68 -3.11 -44.35
N GLY C 377 -10.56 -3.98 -45.34
CA GLY C 377 -11.07 -5.33 -45.21
C GLY C 377 -12.54 -5.41 -45.62
N GLN C 378 -13.21 -6.47 -45.20
CA GLN C 378 -14.59 -6.67 -45.63
C GLN C 378 -15.61 -6.01 -44.70
N ARG C 379 -16.54 -5.28 -45.30
CA ARG C 379 -17.69 -4.76 -44.57
C ARG C 379 -18.48 -5.91 -43.98
N LEU C 380 -18.85 -5.80 -42.70
CA LEU C 380 -19.67 -6.81 -42.04
C LEU C 380 -21.12 -6.38 -41.89
N ASP C 381 -22.02 -6.99 -42.66
CA ASP C 381 -23.44 -6.62 -42.63
C ASP C 381 -24.19 -7.49 -41.64
N ILE C 382 -23.76 -7.45 -40.39
CA ILE C 382 -24.32 -8.29 -39.34
C ILE C 382 -24.28 -7.50 -38.03
N ASP C 383 -25.01 -7.98 -37.03
CA ASP C 383 -25.00 -7.40 -35.69
C ASP C 383 -23.83 -8.01 -34.92
N MET C 384 -22.78 -7.22 -34.72
CA MET C 384 -21.61 -7.73 -34.03
C MET C 384 -21.87 -8.17 -32.58
N TYR C 385 -22.94 -7.66 -31.97
CA TYR C 385 -23.20 -8.00 -30.56
C TYR C 385 -23.63 -9.47 -30.42
N VAL C 386 -24.31 -9.98 -31.43
CA VAL C 386 -24.78 -11.36 -31.40
C VAL C 386 -23.92 -12.21 -32.33
N GLU C 387 -23.07 -11.57 -33.11
CA GLU C 387 -22.27 -12.23 -34.14
C GLU C 387 -20.77 -12.13 -33.91
N GLY C 388 -20.36 -11.77 -32.70
CA GLY C 388 -18.94 -11.61 -32.40
C GLY C 388 -18.17 -12.92 -32.59
N HIS C 389 -18.87 -14.03 -32.36
CA HIS C 389 -18.25 -15.35 -32.39
C HIS C 389 -18.22 -15.94 -33.80
N SER C 390 -19.27 -15.64 -34.56
CA SER C 390 -19.44 -16.20 -35.89
C SER C 390 -18.46 -15.63 -36.92
N VAL C 391 -17.51 -14.81 -36.45
CA VAL C 391 -16.52 -14.25 -37.37
C VAL C 391 -15.19 -13.97 -36.67
N GLU C 392 -14.11 -14.06 -37.44
CA GLU C 392 -12.79 -13.68 -36.97
C GLU C 392 -12.64 -12.17 -37.02
N ALA C 393 -12.69 -11.53 -35.86
CA ALA C 393 -12.53 -10.08 -35.77
C ALA C 393 -11.58 -9.74 -34.64
N GLU C 394 -10.76 -8.72 -34.85
CA GLU C 394 -9.83 -8.28 -33.82
C GLU C 394 -10.55 -7.45 -32.74
N GLN C 395 -10.33 -7.83 -31.48
CA GLN C 395 -10.91 -7.12 -30.34
C GLN C 395 -10.18 -5.80 -30.08
N LEU C 396 -10.89 -4.79 -29.60
CA LEU C 396 -10.22 -3.52 -29.26
C LEU C 396 -9.40 -3.70 -27.99
N PRO C 397 -8.40 -2.84 -27.76
CA PRO C 397 -7.68 -2.86 -26.47
C PRO C 397 -8.66 -2.90 -25.30
N LEU C 398 -8.43 -3.78 -24.34
CA LEU C 398 -9.41 -4.03 -23.28
C LEU C 398 -9.31 -3.09 -22.08
N ASN C 399 -8.21 -2.34 -22.00
CA ASN C 399 -8.02 -1.40 -20.91
C ASN C 399 -7.07 -0.30 -21.33
N LEU C 400 -7.00 0.75 -20.51
CA LEU C 400 -6.23 1.94 -20.84
C LEU C 400 -4.74 1.63 -21.02
N LEU C 401 -4.23 0.71 -20.22
CA LEU C 401 -2.80 0.35 -20.30
C LEU C 401 -2.46 -0.27 -21.65
N ASP C 402 -3.27 -1.23 -22.09
CA ASP C 402 -3.06 -1.83 -23.42
C ASP C 402 -3.24 -0.82 -24.55
N ALA C 403 -4.18 0.12 -24.40
CA ALA C 403 -4.38 1.13 -25.44
C ALA C 403 -3.14 2.01 -25.57
N VAL C 404 -2.63 2.46 -24.43
CA VAL C 404 -1.45 3.32 -24.42
C VAL C 404 -0.23 2.58 -24.97
N ARG C 405 -0.08 1.30 -24.60
CA ARG C 405 1.00 0.50 -25.14
C ARG C 405 0.95 0.45 -26.67
N ALA C 406 -0.26 0.31 -27.21
CA ALA C 406 -0.46 0.27 -28.66
C ALA C 406 -0.12 1.61 -29.30
N LEU C 407 -0.47 2.69 -28.59
CA LEU C 407 -0.20 4.05 -29.06
C LEU C 407 1.30 4.26 -29.21
N GLU C 408 2.05 3.79 -28.23
CA GLU C 408 3.50 3.99 -28.20
C GLU C 408 4.16 3.14 -29.28
N ALA C 409 3.54 2.01 -29.60
CA ALA C 409 4.04 1.11 -30.63
C ALA C 409 3.65 1.59 -32.02
N ASP C 410 2.76 2.56 -32.10
CA ASP C 410 2.28 3.01 -33.39
C ASP C 410 3.06 4.22 -33.88
N GLU C 411 4.02 3.97 -34.77
CA GLU C 411 4.94 4.99 -35.27
C GLU C 411 4.26 6.14 -35.99
N VAL C 412 3.32 5.82 -36.86
CA VAL C 412 2.59 6.82 -37.63
C VAL C 412 1.79 7.73 -36.74
N LEU C 413 1.07 7.12 -35.80
CA LEU C 413 0.21 7.86 -34.89
C LEU C 413 1.04 8.70 -33.94
N ALA C 414 1.92 8.05 -33.22
CA ALA C 414 2.83 8.75 -32.32
C ALA C 414 3.58 9.85 -33.07
N GLY C 415 4.12 9.51 -34.25
CA GLY C 415 4.82 10.49 -35.06
C GLY C 415 3.91 11.59 -35.59
N GLY C 416 2.71 11.23 -36.00
CA GLY C 416 1.73 12.19 -36.49
C GLY C 416 1.26 13.20 -35.44
N LEU C 417 1.11 12.75 -34.20
CA LEU C 417 0.71 13.64 -33.10
C LEU C 417 1.87 14.40 -32.47
N GLY C 418 3.09 14.04 -32.82
CA GLY C 418 4.25 14.72 -32.27
C GLY C 418 4.40 14.46 -30.79
N ALA C 419 5.05 15.41 -30.10
CA ALA C 419 5.34 15.28 -28.68
C ALA C 419 4.08 15.19 -27.81
N ALA C 420 2.92 15.50 -28.36
CA ALA C 420 1.69 15.37 -27.58
C ALA C 420 1.45 13.91 -27.26
N ALA C 421 1.79 13.02 -28.19
CA ALA C 421 1.57 11.59 -28.02
C ALA C 421 2.30 11.05 -26.79
N ALA C 422 3.59 11.40 -26.68
CA ALA C 422 4.43 10.90 -25.61
C ALA C 422 3.98 11.42 -24.25
N ALA C 423 3.63 12.70 -24.22
CA ALA C 423 3.17 13.34 -23.00
C ALA C 423 1.84 12.72 -22.55
N PHE C 424 0.93 12.56 -23.52
CA PHE C 424 -0.36 11.91 -23.28
C PHE C 424 -0.16 10.51 -22.71
N ALA C 425 0.73 9.74 -23.31
CA ALA C 425 0.96 8.36 -22.87
C ALA C 425 1.50 8.32 -21.45
N LYS C 426 2.44 9.19 -21.13
CA LYS C 426 2.97 9.27 -19.78
C LYS C 426 1.84 9.49 -18.77
N PHE C 427 0.99 10.47 -19.03
CA PHE C 427 -0.09 10.81 -18.11
C PHE C 427 -1.07 9.66 -17.95
N LYS C 428 -1.41 9.02 -19.07
CA LYS C 428 -2.42 7.97 -19.04
C LYS C 428 -1.90 6.70 -18.37
N ARG C 429 -0.60 6.43 -18.50
CA ARG C 429 0.01 5.37 -17.72
C ARG C 429 -0.10 5.61 -16.22
N ALA C 430 0.17 6.84 -15.80
CA ALA C 430 0.09 7.19 -14.39
C ALA C 430 -1.35 7.08 -13.86
N GLU C 431 -2.32 7.53 -14.66
CA GLU C 431 -3.72 7.39 -14.26
C GLU C 431 -4.09 5.91 -14.05
N TRP C 432 -3.66 5.06 -14.97
CA TRP C 432 -3.97 3.63 -14.84
C TRP C 432 -3.37 3.07 -13.56
N ALA C 433 -2.15 3.49 -13.24
CA ALA C 433 -1.46 3.01 -12.06
C ALA C 433 -2.18 3.49 -10.81
N ASP C 434 -2.66 4.73 -10.85
CA ASP C 434 -3.43 5.30 -9.76
C ASP C 434 -4.71 4.48 -9.55
N TYR C 435 -5.39 4.16 -10.65
CA TYR C 435 -6.57 3.30 -10.63
C TYR C 435 -6.26 1.94 -10.01
N LYS C 436 -5.17 1.32 -10.45
CA LYS C 436 -4.80 0.01 -9.93
C LYS C 436 -4.69 0.02 -8.41
N SER C 437 -4.24 1.14 -7.84
CA SER C 437 -3.96 1.18 -6.41
C SER C 437 -5.20 1.35 -5.56
N GLN C 438 -6.35 1.59 -6.20
CA GLN C 438 -7.62 1.78 -5.49
C GLN C 438 -8.26 0.44 -5.10
N LEU C 439 -8.45 0.20 -3.82
CA LEU C 439 -9.12 -1.01 -3.37
C LEU C 439 -10.62 -0.83 -3.58
N THR C 440 -11.23 -1.80 -4.23
CA THR C 440 -12.66 -1.73 -4.55
C THR C 440 -13.47 -2.66 -3.62
N GLU C 441 -14.74 -2.32 -3.40
CA GLU C 441 -15.59 -3.12 -2.55
C GLU C 441 -15.76 -4.52 -3.13
N TRP C 442 -15.74 -4.61 -4.46
CA TRP C 442 -15.90 -5.88 -5.16
C TRP C 442 -14.79 -6.82 -4.79
N GLU C 443 -13.56 -6.31 -4.76
CA GLU C 443 -12.43 -7.14 -4.41
C GLU C 443 -12.59 -7.65 -3.00
N ARG C 444 -12.99 -6.76 -2.11
CA ARG C 444 -13.11 -7.13 -0.70
C ARG C 444 -14.06 -8.29 -0.57
N ARG C 445 -15.23 -8.15 -1.18
CA ARG C 445 -16.27 -9.16 -1.11
C ARG C 445 -15.82 -10.51 -1.69
N THR C 446 -15.14 -10.45 -2.83
CA THR C 446 -14.77 -11.67 -3.54
C THR C 446 -13.43 -12.26 -3.12
N THR C 447 -12.67 -11.56 -2.27
CA THR C 447 -11.30 -11.99 -1.97
C THR C 447 -11.00 -12.17 -0.47
N LEU C 448 -11.84 -11.59 0.41
CA LEU C 448 -11.56 -11.66 1.84
C LEU C 448 -11.48 -13.09 2.35
N ASP C 449 -12.20 -13.99 1.69
CA ASP C 449 -12.25 -15.38 2.16
C ASP C 449 -11.36 -16.30 1.34
N CYS C 450 -10.47 -15.74 0.54
CA CYS C 450 -9.58 -16.56 -0.27
C CYS C 450 -8.75 -17.52 0.58
PG ACP D . 11.56 10.93 44.91
PG ACP D . 11.91 10.69 47.86
O1G ACP D . 10.56 10.34 43.87
O1G ACP D . 11.13 10.64 46.51
O2G ACP D . 11.06 10.47 46.33
O2G ACP D . 11.08 9.81 48.88
O3G ACP D . 11.58 12.41 44.83
O3G ACP D . 11.98 12.10 48.34
PB ACP D . 14.61 10.89 45.66
PB ACP D . 14.56 10.78 46.14
O1B ACP D . 14.00 10.66 47.10
O1B ACP D . 15.80 11.31 46.96
O2B ACP D . 15.21 12.29 45.30
O2B ACP D . 13.82 11.73 45.14
C3B ACP D . 13.21 10.18 44.65
C3B ACP D . 13.56 9.96 47.50
PA ACP D . 15.40 8.14 46.03
PA ACP D . 15.26 8.03 46.11
O1A ACP D . 16.07 7.91 47.36
O1A ACP D . 16.00 8.00 47.43
O2A ACP D . 13.93 7.78 46.07
O2A ACP D . 13.84 7.54 46.22
O3A ACP D . 15.66 9.65 45.61
O3A ACP D . 15.32 9.49 45.52
O5' ACP D . 16.18 7.29 44.95
O5' ACP D . 16.10 7.14 45.09
C5' ACP D . 15.82 7.35 43.58
C5' ACP D . 15.99 7.39 43.71
C4' ACP D . 16.43 6.38 42.74
C4' ACP D . 16.50 6.39 42.83
O4' ACP D . 17.89 6.57 42.83
O4' ACP D . 17.95 6.51 42.79
C3' ACP D . 16.13 5.03 43.27
C3' ACP D . 16.19 5.06 43.38
O3' ACP D . 15.96 4.12 42.24
O3' ACP D . 15.89 4.18 42.37
C2' ACP D . 17.32 4.68 44.07
C2' ACP D . 17.41 4.64 44.08
O2' ACP D . 17.54 3.33 44.13
O2' ACP D . 17.57 3.28 44.03
C1' ACP D . 18.40 5.35 43.31
C1' ACP D . 18.48 5.30 43.27
N9 ACP D . 19.69 5.47 43.97
N9 ACP D . 19.77 5.43 43.93
C8 ACP D . 19.92 5.57 45.30
C8 ACP D . 19.99 5.53 45.25
N7 ACP D . 21.25 5.63 45.48
N7 ACP D . 21.32 5.62 45.44
C5 ACP D . 21.87 5.59 44.27
C5 ACP D . 21.94 5.58 44.23
C6 ACP D . 23.20 5.62 43.85
C6 ACP D . 23.28 5.64 43.82
N6 ACP D . 24.29 5.73 44.82
N6 ACP D . 24.35 5.77 44.80
N1 ACP D . 23.48 5.55 42.54
N1 ACP D . 23.54 5.58 42.50
C2 ACP D . 22.49 5.45 41.63
C2 ACP D . 22.57 5.46 41.60
N3 ACP D . 21.20 5.41 42.00
N3 ACP D . 21.27 5.40 41.96
C4 ACP D . 20.86 5.48 43.30
C4 ACP D . 20.94 5.46 43.26
PG ACP E . 13.56 -15.82 10.05
PG ACP E . 11.18 -15.29 8.18
O1G ACP E . 12.08 -15.57 9.65
O1G ACP E . 9.65 -15.22 8.44
O2G ACP E . 13.60 -16.01 11.62
O2G ACP E . 11.83 -15.33 9.61
O3G ACP E . 14.39 -14.64 9.64
O3G ACP E . 11.64 -14.13 7.39
PB ACP E . 13.93 -17.25 7.26
PB ACP E . 13.36 -17.15 6.89
O1B ACP E . 15.43 -17.59 6.89
O1B ACP E . 14.03 -16.89 8.29
O2B ACP E . 13.24 -16.00 6.62
O2B ACP E . 13.93 -16.42 5.63
C3B ACP E . 14.03 -17.35 9.12
C3B ACP E . 11.58 -16.91 7.39
PA ACP E . 13.10 -19.92 7.92
PA ACP E . 13.04 -19.83 7.92
O1A ACP E . 14.48 -20.40 8.36
O1A ACP E . 14.35 -20.41 8.44
O2A ACP E . 12.24 -19.54 9.11
O2A ACP E . 12.20 -19.27 9.04
O3A ACP E . 13.30 -18.71 6.93
O3A ACP E . 13.44 -18.78 6.80
O5' ACP E . 12.43 -21.11 7.10
O5' ACP E . 12.31 -21.00 7.15
C5' ACP E . 11.33 -20.86 6.25
C5' ACP E . 11.12 -20.75 6.43
C4' ACP E . 10.55 -21.98 5.81
C4' ACP E . 10.43 -21.89 5.91
O4' ACP E . 11.32 -22.75 4.84
O4' ACP E . 11.33 -22.57 4.98
C3' ACP E . 10.28 -22.89 6.95
C3' ACP E . 10.14 -22.83 7.00
O3' ACP E . 9.05 -23.47 6.79
O3' ACP E . 8.96 -23.50 6.75
C2' ACP E . 11.33 -23.91 6.85
C2' ACP E . 11.28 -23.77 6.96
O2' ACP E . 10.90 -25.11 7.36
O2' ACP E . 10.95 -25.00 7.45
C1' ACP E . 11.51 -24.04 5.39
C1' ACP E . 11.52 -23.86 5.50
N9 ACP E . 12.74 -24.69 4.96
N9 ACP E . 12.74 -24.54 5.08
C8 ACP E . 13.89 -24.80 5.66
C8 ACP E . 13.90 -24.64 5.79
N7 ACP E . 14.77 -25.47 4.92
N7 ACP E . 14.77 -25.36 5.05
C5 ACP E . 14.19 -25.79 3.73
C5 ACP E . 14.16 -25.70 3.88
C6 ACP E . 14.62 -26.47 2.59
C6 ACP E . 14.57 -26.42 2.76
N6 ACP E . 15.98 -27.02 2.51
N6 ACP E . 15.91 -26.99 2.68
N1 ACP E . 13.77 -26.61 1.57
N1 ACP E . 13.70 -26.58 1.74
C2 ACP E . 12.52 -26.11 1.61
C2 ACP E . 12.46 -26.08 1.80
N3 ACP E . 12.08 -25.46 2.70
N3 ACP E . 12.05 -25.38 2.86
C4 ACP E . 12.89 -25.28 3.76
C4 ACP E . 12.87 -25.17 3.90
PG ACP F . -30.14 10.73 -37.32
PG ACP F . -28.23 10.40 -35.21
O1G ACP F . -31.31 11.73 -37.36
O1G ACP F . -27.97 11.01 -33.80
O2G ACP F . -30.74 9.28 -37.63
O2G ACP F . -29.67 10.84 -35.65
O3G ACP F . -29.50 10.71 -35.97
O3G ACP F . -28.13 8.92 -35.12
PB ACP F . -27.20 10.38 -38.54
PB ACP F . -27.04 10.36 -38.10
O1B ACP F . -27.05 9.94 -40.06
O1B ACP F . -28.55 10.59 -38.49
O2B ACP F . -26.88 9.35 -37.40
O2B ACP F . -26.40 8.93 -38.28
C3B ACP F . -28.88 11.21 -38.57
C3B ACP F . -27.06 11.16 -36.41
PA ACP F . -26.65 13.12 -39.11
PA ACP F . -26.63 13.07 -39.03
O1A ACP F . -27.18 13.08 -40.54
O1A ACP F . -27.22 13.37 -40.40
O2A ACP F . -27.65 13.73 -38.13
O2A ACP F . -27.53 13.57 -37.91
O3A ACP F . -26.23 11.67 -38.68
O3A ACP F . -26.34 11.53 -39.00
O5' ACP F . -25.30 13.94 -39.11
O5' ACP F . -25.21 13.78 -38.99
C5' ACP F . -24.40 13.77 -38.05
C5' ACP F . -24.44 13.82 -37.81
C4' ACP F . -23.31 14.68 -37.97
C4' ACP F . -23.34 14.72 -37.80
O4' ACP F . -22.47 14.48 -39.14
O4' ACP F . -22.55 14.47 -39.01
C3' ACP F . -23.83 16.06 -38.05
C3' ACP F . -23.81 16.11 -37.89
O3' ACP F . -23.03 16.90 -37.30
O3' ACP F . -22.96 16.94 -37.20
C2' ACP F . -23.71 16.40 -39.47
C2' ACP F . -23.76 16.41 -39.33
O2' ACP F . -23.53 17.76 -39.66
O2' ACP F . -23.60 17.75 -39.60
C1' ACP F . -22.46 15.69 -39.85
C1' ACP F . -22.52 15.69 -39.71
N9 ACP F . -22.20 15.54 -41.27
N9 ACP F . -22.24 15.56 -41.13
C8 ACP F . -23.10 15.53 -42.26
C8 ACP F . -23.15 15.55 -42.12
N7 ACP F . -22.42 15.38 -43.42
N7 ACP F . -22.46 15.42 -43.29
C5 ACP F . -21.09 15.32 -43.15
C5 ACP F . -21.14 15.38 -43.02
C6 ACP F . -19.94 15.17 -43.93
C6 ACP F . -19.99 15.26 -43.81
N6 ACP F . -20.03 15.06 -45.39
N6 ACP F . -20.09 15.16 -45.27
N1 ACP F . -18.74 15.15 -43.31
N1 ACP F . -18.79 15.24 -43.20
C2 ACP F . -18.64 15.25 -41.99
C2 ACP F . -18.68 15.32 -41.87
N3 ACP F . -19.72 15.38 -41.21
N3 ACP F . -19.76 15.44 -41.10
C4 ACP F . -20.95 15.42 -41.77
C4 ACP F . -20.99 15.46 -41.63
#